data_6F5V
#
_entry.id   6F5V
#
_cell.length_a   58.470
_cell.length_b   73.240
_cell.length_c   103.320
_cell.angle_alpha   92.49
_cell.angle_beta   87.22
_cell.angle_gamma   111.05
#
_symmetry.space_group_name_H-M   'P 1'
#
loop_
_entity.id
_entity.type
_entity.pdbx_description
1 polymer 'Bifunctional aspartate aminotransferase and glutamate/aspartate-prephenate aminotransferase'
2 non-polymer "PYRIDOXAL-5'-PHOSPHATE"
3 non-polymer 'SODIUM ION'
4 non-polymer 'CITRIC ACID'
5 water water
#
_entity_poly.entity_id   1
_entity_poly.type   'polypeptide(L)'
_entity_poly.pdbx_seq_one_letter_code
;MASQSSVAVISSAAARGESFPDSKKPIGSVRFQQPLRLSFSYCKSGNMSSRICAMAKPNDAETLSSSVDMSLSPRVQSLK
PSKTMVITDLAATLVQSGVPVIRLAAGEPDFDTPKVVAEAGINAIREGFTRYTLNAGITELREAICRKLKEENGLSYAPD
QILVSNGAKQSLLQAVLAVCSPGDEVIIPAPYWVSYTEQARLADATPVVIPTKISNNFLLDPKDLESKLTEKSRLLILCS
PSNPTGSVYPKSLLEEIARIIAKHPRLLVLSDEIYEHIIYAPATHTSFASLPDMYERTLTVNGFSKAFAMTGWRLGYLAG
PKHIVAACSKLQGQVSSGASSIAQKAGVAALGLGKAGGETVAEMVKAYRERRDFLVKSLGDIKGVKISEPQGAFYLFIDF
SAYYGSEAEGFGLINDSSSLALYFLDKFQVAMVPGDAFGDDSCIRISYATSLDVLQAAVEKIRKALEPLRATVSV
;
_entity_poly.pdbx_strand_id   A,B,C,D
#
# COMPACT_ATOMS: atom_id res chain seq x y z
N SER A 71 1.20 46.55 -20.98
CA SER A 71 2.52 45.99 -20.72
C SER A 71 2.39 44.55 -20.21
N LEU A 72 1.36 44.27 -19.43
CA LEU A 72 1.20 42.93 -18.87
C LEU A 72 -0.05 42.25 -19.41
N SER A 73 -0.04 40.92 -19.44
CA SER A 73 -1.19 40.17 -19.94
C SER A 73 -2.44 40.50 -19.14
N PRO A 74 -3.61 40.55 -19.80
CA PRO A 74 -4.86 40.79 -19.11
C PRO A 74 -5.12 39.79 -18.00
N ARG A 75 -4.71 38.53 -18.20
CA ARG A 75 -4.97 37.51 -17.19
C ARG A 75 -4.21 37.76 -15.90
N VAL A 76 -2.92 38.08 -15.98
CA VAL A 76 -2.16 38.35 -14.78
CA VAL A 76 -2.15 38.35 -14.79
C VAL A 76 -2.69 39.63 -14.14
N GLN A 77 -3.10 40.58 -14.98
CA GLN A 77 -3.70 41.82 -14.50
CA GLN A 77 -3.71 41.83 -14.51
C GLN A 77 -4.97 41.56 -13.71
N SER A 78 -5.75 40.58 -14.16
CA SER A 78 -7.01 40.31 -13.50
C SER A 78 -6.83 39.78 -12.08
N LEU A 79 -5.63 39.30 -11.73
CA LEU A 79 -5.40 38.73 -10.40
C LEU A 79 -5.42 39.77 -9.29
N LYS A 80 -6.17 39.49 -8.23
CA LYS A 80 -6.19 40.37 -7.06
C LYS A 80 -4.97 40.10 -6.20
N PRO A 81 -4.34 41.16 -5.69
CA PRO A 81 -3.25 40.97 -4.73
C PRO A 81 -3.84 40.55 -3.39
N SER A 82 -3.00 40.09 -2.48
CA SER A 82 -3.46 39.75 -1.14
C SER A 82 -4.00 40.99 -0.43
N LYS A 83 -4.67 40.78 0.69
CA LYS A 83 -5.05 41.88 1.56
C LYS A 83 -4.39 41.65 2.92
N THR A 84 -3.76 40.49 3.06
CA THR A 84 -3.26 40.01 4.36
C THR A 84 -1.85 40.51 4.72
N MET A 85 -1.07 40.92 3.73
CA MET A 85 0.32 41.33 3.97
C MET A 85 0.49 42.53 4.95
N VAL A 86 -0.47 43.45 4.95
CA VAL A 86 -0.46 44.61 5.86
C VAL A 86 -0.39 44.21 7.34
N ILE A 87 -1.33 43.37 7.76
CA ILE A 87 -1.36 42.88 9.12
C ILE A 87 -0.09 42.11 9.47
N THR A 88 0.27 41.15 8.62
CA THR A 88 1.42 40.29 8.89
C THR A 88 2.77 41.04 8.87
N ASP A 89 2.88 42.07 8.01
CA ASP A 89 4.09 42.89 7.98
C ASP A 89 4.18 43.79 9.22
N LEU A 90 3.06 44.38 9.61
CA LEU A 90 3.03 45.21 10.81
C LEU A 90 3.37 44.37 12.02
N ALA A 91 2.82 43.17 12.07
CA ALA A 91 3.11 42.23 13.15
C ALA A 91 4.62 41.97 13.26
N ALA A 92 5.23 41.61 12.13
CA ALA A 92 6.67 41.32 12.10
C ALA A 92 7.49 42.52 12.55
N THR A 93 7.11 43.69 12.04
CA THR A 93 7.76 44.95 12.40
C THR A 93 7.76 45.19 13.91
N LEU A 94 6.57 45.12 14.51
CA LEU A 94 6.42 45.28 15.94
C LEU A 94 7.29 44.31 16.74
N VAL A 95 7.33 43.05 16.28
CA VAL A 95 8.16 42.04 16.93
C VAL A 95 9.64 42.38 16.87
N GLN A 96 10.10 42.78 15.68
CA GLN A 96 11.50 43.14 15.49
C GLN A 96 11.82 44.49 16.14
N SER A 97 10.81 45.09 16.77
CA SER A 97 10.93 46.41 17.37
C SER A 97 10.98 46.33 18.90
N GLY A 98 10.87 45.13 19.43
CA GLY A 98 10.85 44.94 20.87
C GLY A 98 9.44 45.01 21.45
N VAL A 99 8.43 44.88 20.60
CA VAL A 99 7.05 44.83 21.04
C VAL A 99 6.48 43.45 20.75
N PRO A 100 6.34 42.63 21.79
CA PRO A 100 5.86 41.25 21.66
C PRO A 100 4.44 41.20 21.10
N VAL A 101 4.28 40.50 19.99
CA VAL A 101 2.96 40.35 19.39
C VAL A 101 2.55 38.89 19.45
N ILE A 102 1.34 38.62 19.93
CA ILE A 102 0.80 37.26 19.84
C ILE A 102 0.26 37.07 18.44
N ARG A 103 0.88 36.19 17.68
CA ARG A 103 0.56 36.04 16.27
C ARG A 103 -0.35 34.85 15.98
N LEU A 104 -1.60 35.15 15.64
CA LEU A 104 -2.60 34.13 15.33
C LEU A 104 -3.07 34.22 13.88
N ALA A 105 -2.14 34.50 12.96
CA ALA A 105 -2.51 34.74 11.58
C ALA A 105 -2.01 33.66 10.62
N ALA A 106 -1.16 32.79 11.14
CA ALA A 106 -0.48 31.80 10.30
C ALA A 106 -1.42 30.73 9.80
N GLY A 107 -1.17 30.24 8.60
CA GLY A 107 -1.92 29.13 8.07
C GLY A 107 -1.07 27.88 7.99
N GLU A 108 -0.30 27.63 9.06
CA GLU A 108 0.55 26.45 9.12
C GLU A 108 0.69 26.01 10.58
N PRO A 109 0.92 24.71 10.80
CA PRO A 109 1.07 24.15 12.14
C PRO A 109 2.23 24.77 12.89
N ASP A 110 2.13 24.82 14.21
CA ASP A 110 3.25 25.22 15.04
C ASP A 110 4.25 24.08 15.20
N PHE A 111 3.79 22.84 14.98
CA PHE A 111 4.63 21.68 15.23
C PHE A 111 5.72 21.56 14.19
N ASP A 112 6.86 20.99 14.59
CA ASP A 112 7.92 20.69 13.63
C ASP A 112 7.48 19.52 12.76
N THR A 113 8.09 19.37 11.60
CA THR A 113 7.93 18.14 10.84
C THR A 113 8.28 16.97 11.75
N PRO A 114 7.44 15.92 11.77
CA PRO A 114 7.75 14.75 12.62
C PRO A 114 9.14 14.19 12.37
N LYS A 115 9.80 13.73 13.43
CA LYS A 115 11.20 13.33 13.34
C LYS A 115 11.46 12.23 12.31
N VAL A 116 10.61 11.23 12.26
CA VAL A 116 10.78 10.15 11.28
C VAL A 116 10.71 10.66 9.83
N VAL A 117 9.88 11.67 9.62
CA VAL A 117 9.72 12.23 8.27
C VAL A 117 10.92 13.08 7.91
N ALA A 118 11.37 13.90 8.85
CA ALA A 118 12.55 14.75 8.65
C ALA A 118 13.79 13.88 8.38
N GLU A 119 13.92 12.79 9.13
CA GLU A 119 15.05 11.87 8.95
C GLU A 119 15.04 11.25 7.56
N ALA A 120 13.84 11.05 7.00
CA ALA A 120 13.73 10.48 5.66
C ALA A 120 14.22 11.45 4.60
N GLY A 121 13.96 12.74 4.79
CA GLY A 121 14.43 13.75 3.85
C GLY A 121 15.93 13.87 3.97
N ILE A 122 16.42 13.80 5.20
CA ILE A 122 17.85 13.87 5.44
C ILE A 122 18.54 12.68 4.77
N ASN A 123 17.97 11.50 4.94
CA ASN A 123 18.53 10.29 4.32
C ASN A 123 18.51 10.37 2.81
N ALA A 124 17.45 10.95 2.25
CA ALA A 124 17.35 11.15 0.81
C ALA A 124 18.52 11.99 0.31
N ILE A 125 18.82 13.06 1.02
CA ILE A 125 19.95 13.90 0.68
C ILE A 125 21.30 13.15 0.77
N ARG A 126 21.53 12.45 1.88
CA ARG A 126 22.80 11.73 2.06
C ARG A 126 22.97 10.61 1.03
N GLU A 127 21.86 10.02 0.59
CA GLU A 127 21.89 8.88 -0.31
C GLU A 127 21.88 9.28 -1.78
N GLY A 128 21.89 10.59 -2.04
CA GLY A 128 21.96 11.07 -3.42
C GLY A 128 20.66 11.09 -4.22
N PHE A 129 19.53 11.05 -3.53
CA PHE A 129 18.24 11.14 -4.19
CA PHE A 129 18.23 11.15 -4.17
C PHE A 129 17.92 12.61 -4.44
N THR A 130 18.69 13.20 -5.35
CA THR A 130 18.71 14.62 -5.58
C THR A 130 18.55 14.91 -7.07
N ARG A 131 18.20 13.88 -7.84
CA ARG A 131 17.97 14.03 -9.28
C ARG A 131 16.48 14.16 -9.59
N TYR A 132 16.17 14.65 -10.78
CA TYR A 132 14.79 14.73 -11.25
C TYR A 132 14.04 13.43 -11.06
N THR A 133 12.79 13.53 -10.59
CA THR A 133 11.88 12.39 -10.56
C THR A 133 11.02 12.35 -11.83
N LEU A 134 10.30 11.25 -12.04
CA LEU A 134 9.20 11.25 -13.02
C LEU A 134 8.37 12.50 -12.81
N ASN A 135 7.93 13.10 -13.90
CA ASN A 135 7.09 14.28 -13.84
C ASN A 135 5.90 14.08 -12.89
N ALA A 136 5.26 12.91 -12.97
CA ALA A 136 4.06 12.66 -12.17
C ALA A 136 4.34 12.37 -10.70
N GLY A 137 5.61 12.09 -10.39
CA GLY A 137 6.01 11.72 -9.05
C GLY A 137 6.66 10.35 -9.03
N ILE A 138 7.56 10.11 -8.09
CA ILE A 138 8.14 8.78 -7.98
C ILE A 138 7.07 7.70 -7.81
N THR A 139 7.30 6.56 -8.44
CA THR A 139 6.34 5.47 -8.43
C THR A 139 6.01 5.04 -7.01
N GLU A 140 7.04 4.94 -6.18
CA GLU A 140 6.88 4.56 -4.78
C GLU A 140 5.85 5.43 -4.05
N LEU A 141 5.87 6.72 -4.33
CA LEU A 141 4.98 7.65 -3.65
C LEU A 141 3.58 7.58 -4.25
N ARG A 142 3.48 7.51 -5.57
CA ARG A 142 2.16 7.42 -6.17
C ARG A 142 1.46 6.12 -5.71
N GLU A 143 2.22 5.04 -5.61
CA GLU A 143 1.70 3.80 -5.06
C GLU A 143 1.25 3.98 -3.60
N ALA A 144 2.07 4.62 -2.78
CA ALA A 144 1.72 4.82 -1.38
C ALA A 144 0.47 5.71 -1.27
N ILE A 145 0.34 6.67 -2.17
CA ILE A 145 -0.83 7.55 -2.18
C ILE A 145 -2.06 6.74 -2.53
N CYS A 146 -1.96 5.85 -3.52
CA CYS A 146 -3.07 4.96 -3.85
C CYS A 146 -3.49 4.12 -2.65
N ARG A 147 -2.52 3.60 -1.90
CA ARG A 147 -2.87 2.81 -0.71
C ARG A 147 -3.60 3.64 0.35
N LYS A 148 -3.15 4.87 0.55
CA LYS A 148 -3.77 5.77 1.52
C LYS A 148 -5.23 6.07 1.15
N LEU A 149 -5.45 6.32 -0.13
CA LEU A 149 -6.78 6.68 -0.60
C LEU A 149 -7.75 5.50 -0.42
N LYS A 150 -7.25 4.30 -0.61
CA LYS A 150 -8.04 3.11 -0.36
C LYS A 150 -8.28 2.86 1.15
N GLU A 151 -7.20 2.80 1.91
CA GLU A 151 -7.29 2.48 3.34
CA GLU A 151 -7.30 2.47 3.33
C GLU A 151 -8.00 3.53 4.17
N GLU A 152 -7.78 4.81 3.84
CA GLU A 152 -8.35 5.91 4.61
C GLU A 152 -9.66 6.45 4.05
N ASN A 153 -9.80 6.47 2.72
CA ASN A 153 -10.96 7.12 2.10
C ASN A 153 -11.90 6.20 1.33
N GLY A 154 -11.54 4.92 1.24
CA GLY A 154 -12.35 3.95 0.53
C GLY A 154 -12.38 4.12 -0.98
N LEU A 155 -11.37 4.78 -1.53
CA LEU A 155 -11.32 5.12 -2.95
C LEU A 155 -10.27 4.28 -3.65
N SER A 156 -10.58 3.84 -4.88
CA SER A 156 -9.64 3.05 -5.67
CA SER A 156 -9.63 3.06 -5.67
C SER A 156 -9.11 3.85 -6.86
N TYR A 157 -7.82 4.17 -6.83
CA TYR A 157 -7.14 4.86 -7.92
C TYR A 157 -5.92 4.06 -8.31
N ALA A 158 -5.56 4.14 -9.59
CA ALA A 158 -4.33 3.55 -10.10
C ALA A 158 -3.22 4.60 -10.02
N PRO A 159 -1.94 4.17 -10.06
CA PRO A 159 -0.84 5.12 -9.98
C PRO A 159 -0.86 6.17 -11.10
N ASP A 160 -1.39 5.85 -12.27
CA ASP A 160 -1.49 6.86 -13.34
C ASP A 160 -2.67 7.81 -13.18
N GLN A 161 -3.37 7.70 -12.06
CA GLN A 161 -4.43 8.63 -11.70
C GLN A 161 -3.98 9.57 -10.59
N ILE A 162 -2.70 9.49 -10.24
CA ILE A 162 -2.10 10.38 -9.24
C ILE A 162 -1.07 11.32 -9.86
N LEU A 163 -1.13 12.59 -9.51
CA LEU A 163 -0.13 13.58 -9.93
C LEU A 163 0.39 14.28 -8.68
N VAL A 164 1.70 14.16 -8.43
CA VAL A 164 2.33 14.80 -7.29
C VAL A 164 2.89 16.14 -7.71
N SER A 165 2.61 17.19 -6.93
CA SER A 165 3.02 18.54 -7.28
C SER A 165 3.73 19.25 -6.13
N ASN A 166 4.17 20.49 -6.40
CA ASN A 166 4.89 21.27 -5.41
C ASN A 166 3.91 21.94 -4.45
N GLY A 167 3.27 21.10 -3.66
CA GLY A 167 2.21 21.53 -2.75
C GLY A 167 0.85 21.36 -3.40
N ALA A 168 -0.19 21.30 -2.58
CA ALA A 168 -1.55 21.14 -3.08
C ALA A 168 -2.08 22.37 -3.79
N LYS A 169 -1.57 23.55 -3.48
CA LYS A 169 -1.98 24.73 -4.25
C LYS A 169 -1.77 24.54 -5.77
N GLN A 170 -0.62 23.99 -6.15
CA GLN A 170 -0.34 23.71 -7.56
C GLN A 170 -1.30 22.64 -8.11
N SER A 171 -1.59 21.63 -7.29
CA SER A 171 -2.56 20.57 -7.64
C SER A 171 -3.89 21.18 -8.02
N LEU A 172 -4.38 22.07 -7.16
CA LEU A 172 -5.63 22.79 -7.41
C LEU A 172 -5.59 23.66 -8.65
N LEU A 173 -4.55 24.47 -8.81
CA LEU A 173 -4.47 25.33 -9.98
C LEU A 173 -4.51 24.51 -11.27
N GLN A 174 -3.71 23.45 -11.31
CA GLN A 174 -3.67 22.63 -12.53
C GLN A 174 -5.00 21.96 -12.86
N ALA A 175 -5.72 21.52 -11.83
CA ALA A 175 -7.05 20.94 -12.03
C ALA A 175 -7.96 21.97 -12.66
N VAL A 176 -7.92 23.19 -12.13
CA VAL A 176 -8.79 24.25 -12.66
C VAL A 176 -8.46 24.59 -14.11
N LEU A 177 -7.17 24.71 -14.38
CA LEU A 177 -6.70 25.03 -15.73
C LEU A 177 -7.04 23.94 -16.72
N ALA A 178 -7.00 22.69 -16.28
CA ALA A 178 -7.23 21.57 -17.18
C ALA A 178 -8.68 21.41 -17.61
N VAL A 179 -9.62 21.65 -16.71
CA VAL A 179 -11.02 21.31 -16.98
C VAL A 179 -11.88 22.50 -17.36
N CYS A 180 -11.44 23.71 -17.03
CA CYS A 180 -12.24 24.89 -17.34
C CYS A 180 -11.87 25.55 -18.65
N SER A 181 -12.90 25.71 -19.50
CA SER A 181 -12.76 26.47 -20.74
C SER A 181 -13.19 27.91 -20.50
N PRO A 182 -12.75 28.85 -21.35
CA PRO A 182 -13.09 30.25 -21.16
C PRO A 182 -14.59 30.43 -21.05
N GLY A 183 -15.00 31.20 -20.05
CA GLY A 183 -16.42 31.44 -19.84
C GLY A 183 -17.12 30.45 -18.93
N ASP A 184 -16.48 29.32 -18.64
CA ASP A 184 -17.02 28.39 -17.65
C ASP A 184 -17.09 29.08 -16.31
N GLU A 185 -18.00 28.60 -15.46
CA GLU A 185 -18.16 29.13 -14.11
C GLU A 185 -17.59 28.18 -13.07
N VAL A 186 -16.87 28.74 -12.11
CA VAL A 186 -16.33 27.96 -11.00
C VAL A 186 -17.08 28.41 -9.76
N ILE A 187 -17.75 27.47 -9.12
CA ILE A 187 -18.61 27.80 -7.98
CA ILE A 187 -18.61 27.76 -7.98
C ILE A 187 -17.82 27.65 -6.70
N ILE A 188 -17.70 28.75 -5.97
CA ILE A 188 -16.86 28.82 -4.79
C ILE A 188 -17.65 29.30 -3.59
N PRO A 189 -17.94 28.40 -2.66
CA PRO A 189 -18.64 28.84 -1.44
C PRO A 189 -17.77 29.76 -0.61
N ALA A 190 -18.35 30.85 -0.14
CA ALA A 190 -17.69 31.74 0.82
C ALA A 190 -18.15 31.36 2.24
N PRO A 191 -17.28 31.56 3.24
CA PRO A 191 -15.90 32.06 3.16
C PRO A 191 -14.99 31.06 2.47
N TYR A 192 -14.10 31.53 1.60
CA TYR A 192 -13.29 30.64 0.76
C TYR A 192 -11.82 30.84 1.04
N TRP A 193 -11.03 29.84 0.70
CA TRP A 193 -9.60 30.02 0.70
C TRP A 193 -9.23 31.00 -0.44
N VAL A 194 -8.29 31.89 -0.16
CA VAL A 194 -8.06 33.05 -0.98
C VAL A 194 -7.75 32.72 -2.45
N SER A 195 -6.95 31.70 -2.67
CA SER A 195 -6.51 31.39 -4.03
C SER A 195 -7.59 30.86 -4.99
N TYR A 196 -8.67 30.28 -4.47
CA TYR A 196 -9.65 29.64 -5.36
C TYR A 196 -10.19 30.59 -6.44
N THR A 197 -10.53 31.81 -6.07
CA THR A 197 -11.09 32.75 -7.05
C THR A 197 -10.03 33.16 -8.06
N GLU A 198 -8.79 33.27 -7.61
CA GLU A 198 -7.71 33.70 -8.50
C GLU A 198 -7.34 32.59 -9.49
N GLN A 199 -7.36 31.34 -9.04
CA GLN A 199 -7.06 30.23 -9.92
C GLN A 199 -8.11 30.13 -11.02
N ALA A 200 -9.39 30.31 -10.66
CA ALA A 200 -10.46 30.41 -11.66
C ALA A 200 -10.17 31.47 -12.74
N ARG A 201 -9.74 32.66 -12.32
N ARG A 201 -9.77 32.67 -12.33
CA ARG A 201 -9.41 33.72 -13.27
CA ARG A 201 -9.41 33.72 -13.28
C ARG A 201 -8.27 33.37 -14.22
C ARG A 201 -8.28 33.33 -14.23
N LEU A 202 -7.31 32.57 -13.74
CA LEU A 202 -6.20 32.12 -14.58
C LEU A 202 -6.63 31.17 -15.69
N ALA A 203 -7.76 30.50 -15.50
CA ALA A 203 -8.34 29.66 -16.54
C ALA A 203 -9.30 30.41 -17.46
N ASP A 204 -9.36 31.73 -17.32
CA ASP A 204 -10.35 32.58 -18.02
C ASP A 204 -11.77 32.17 -17.65
N ALA A 205 -11.94 31.62 -16.45
CA ALA A 205 -13.24 31.21 -15.93
C ALA A 205 -13.77 32.27 -14.99
N THR A 206 -15.07 32.22 -14.74
CA THR A 206 -15.77 33.21 -13.92
C THR A 206 -16.02 32.64 -12.53
N PRO A 207 -15.42 33.25 -11.48
CA PRO A 207 -15.76 32.78 -10.13
C PRO A 207 -17.20 33.15 -9.81
N VAL A 208 -17.96 32.18 -9.31
CA VAL A 208 -19.31 32.41 -8.84
C VAL A 208 -19.35 32.11 -7.35
N VAL A 209 -19.33 33.16 -6.55
CA VAL A 209 -19.22 33.01 -5.10
C VAL A 209 -20.59 32.87 -4.48
N ILE A 210 -20.77 31.82 -3.67
CA ILE A 210 -22.02 31.64 -2.93
C ILE A 210 -21.79 31.86 -1.44
N PRO A 211 -22.37 32.93 -0.90
CA PRO A 211 -22.17 33.20 0.53
C PRO A 211 -22.85 32.12 1.37
N THR A 212 -22.19 31.69 2.44
CA THR A 212 -22.85 30.85 3.43
C THR A 212 -23.01 31.65 4.71
N LYS A 213 -23.89 31.19 5.59
CA LYS A 213 -24.23 31.90 6.81
C LYS A 213 -23.65 31.21 8.04
N ILE A 214 -23.26 32.00 9.03
CA ILE A 214 -22.72 31.44 10.26
C ILE A 214 -23.79 30.60 10.97
N SER A 215 -25.05 30.95 10.78
CA SER A 215 -26.16 30.20 11.40
C SER A 215 -26.37 28.83 10.74
N ASN A 216 -25.69 28.62 9.61
CA ASN A 216 -25.63 27.31 8.94
C ASN A 216 -24.25 26.69 9.07
N ASN A 217 -23.47 27.14 10.06
CA ASN A 217 -22.10 26.66 10.23
C ASN A 217 -21.24 26.85 8.99
N PHE A 218 -21.53 27.90 8.23
CA PHE A 218 -20.79 28.25 7.01
C PHE A 218 -20.76 27.10 6.01
N LEU A 219 -21.88 26.38 5.95
CA LEU A 219 -22.03 25.29 5.00
C LEU A 219 -23.03 25.69 3.92
N LEU A 220 -22.72 25.27 2.70
CA LEU A 220 -23.59 25.48 1.56
C LEU A 220 -25.03 25.03 1.81
N ASP A 221 -25.99 25.94 1.64
CA ASP A 221 -27.41 25.60 1.59
C ASP A 221 -27.70 25.04 0.20
N PRO A 222 -28.15 23.79 0.11
CA PRO A 222 -28.38 23.13 -1.18
C PRO A 222 -29.27 23.97 -2.10
N LYS A 223 -30.26 24.68 -1.54
CA LYS A 223 -31.11 25.55 -2.34
C LYS A 223 -30.32 26.70 -2.97
N ASP A 224 -29.33 27.22 -2.25
CA ASP A 224 -28.48 28.29 -2.78
C ASP A 224 -27.61 27.76 -3.92
N LEU A 225 -27.11 26.54 -3.76
CA LEU A 225 -26.31 25.91 -4.82
C LEU A 225 -27.16 25.78 -6.08
N GLU A 226 -28.35 25.18 -5.93
CA GLU A 226 -29.28 24.96 -7.05
C GLU A 226 -29.62 26.24 -7.81
N SER A 227 -29.82 27.32 -7.07
CA SER A 227 -30.21 28.60 -7.67
CA SER A 227 -30.21 28.60 -7.67
C SER A 227 -29.10 29.23 -8.52
N LYS A 228 -27.86 28.82 -8.28
CA LYS A 228 -26.74 29.41 -8.99
C LYS A 228 -26.17 28.51 -10.10
N LEU A 229 -26.67 27.29 -10.18
CA LEU A 229 -26.17 26.36 -11.21
C LEU A 229 -26.65 26.72 -12.61
N THR A 230 -25.72 26.69 -13.56
CA THR A 230 -26.07 26.87 -14.97
C THR A 230 -25.36 25.77 -15.76
N GLU A 231 -25.59 25.74 -17.07
CA GLU A 231 -24.85 24.82 -17.92
C GLU A 231 -23.39 25.23 -18.04
N LYS A 232 -23.07 26.48 -17.69
CA LYS A 232 -21.69 26.92 -17.66
CA LYS A 232 -21.68 26.93 -17.66
C LYS A 232 -20.93 26.45 -16.42
N SER A 233 -21.67 25.99 -15.41
CA SER A 233 -21.06 25.51 -14.16
C SER A 233 -20.18 24.30 -14.38
N ARG A 234 -18.87 24.48 -14.24
CA ARG A 234 -17.93 23.44 -14.65
C ARG A 234 -17.27 22.82 -13.43
N LEU A 235 -17.11 23.62 -12.39
CA LEU A 235 -16.39 23.14 -11.21
C LEU A 235 -17.03 23.69 -9.93
N LEU A 236 -17.27 22.80 -8.97
CA LEU A 236 -17.68 23.22 -7.63
C LEU A 236 -16.53 22.89 -6.69
N ILE A 237 -16.04 23.90 -5.97
CA ILE A 237 -14.94 23.68 -5.03
C ILE A 237 -15.46 23.43 -3.60
N LEU A 238 -15.17 22.24 -3.05
CA LEU A 238 -15.60 21.91 -1.70
C LEU A 238 -14.39 21.69 -0.80
N CYS A 239 -14.11 22.65 0.08
CA CYS A 239 -12.98 22.53 1.01
C CYS A 239 -13.51 22.04 2.36
N SER A 240 -13.13 20.82 2.75
CA SER A 240 -13.56 20.23 4.01
C SER A 240 -12.51 19.27 4.56
N PRO A 241 -12.09 19.47 5.84
CA PRO A 241 -12.39 20.61 6.73
C PRO A 241 -11.99 21.93 6.10
N SER A 242 -12.70 23.00 6.41
CA SER A 242 -12.48 24.28 5.73
C SER A 242 -11.42 25.17 6.35
N ASN A 243 -10.64 25.81 5.48
CA ASN A 243 -9.93 27.05 5.79
C ASN A 243 -10.77 28.10 5.07
N PRO A 244 -11.32 29.09 5.79
CA PRO A 244 -10.98 29.56 7.13
C PRO A 244 -11.96 29.19 8.26
N THR A 245 -12.99 28.39 8.01
CA THR A 245 -14.04 28.28 9.05
C THR A 245 -13.91 27.10 9.99
N GLY A 246 -13.17 26.07 9.56
CA GLY A 246 -13.09 24.86 10.36
C GLY A 246 -14.31 23.96 10.21
N SER A 247 -15.24 24.33 9.33
CA SER A 247 -16.44 23.52 9.19
C SER A 247 -16.15 22.24 8.46
N VAL A 248 -16.86 21.19 8.84
CA VAL A 248 -16.73 19.89 8.19
C VAL A 248 -18.08 19.54 7.57
N TYR A 249 -18.10 19.24 6.27
CA TYR A 249 -19.33 18.83 5.61
C TYR A 249 -19.78 17.46 6.11
N PRO A 250 -20.97 17.40 6.70
CA PRO A 250 -21.49 16.10 7.10
C PRO A 250 -21.85 15.29 5.87
N LYS A 251 -21.79 13.97 6.00
CA LYS A 251 -22.06 13.09 4.88
C LYS A 251 -23.46 13.29 4.28
N SER A 252 -24.47 13.49 5.13
CA SER A 252 -25.82 13.68 4.64
C SER A 252 -25.97 14.92 3.76
N LEU A 253 -25.21 15.97 4.06
CA LEU A 253 -25.23 17.17 3.23
C LEU A 253 -24.50 16.93 1.91
N LEU A 254 -23.36 16.25 1.98
CA LEU A 254 -22.61 15.95 0.78
C LEU A 254 -23.48 15.11 -0.16
N GLU A 255 -24.30 14.24 0.43
CA GLU A 255 -25.18 13.40 -0.36
C GLU A 255 -26.22 14.24 -1.09
N GLU A 256 -26.77 15.25 -0.42
CA GLU A 256 -27.74 16.14 -1.03
CA GLU A 256 -27.73 16.17 -1.02
C GLU A 256 -27.09 16.90 -2.19
N ILE A 257 -25.90 17.41 -1.95
CA ILE A 257 -25.14 18.12 -2.98
C ILE A 257 -24.87 17.23 -4.18
N ALA A 258 -24.46 16.00 -3.93
CA ALA A 258 -24.23 15.02 -5.00
C ALA A 258 -25.48 14.76 -5.86
N ARG A 259 -26.64 14.64 -5.21
CA ARG A 259 -27.90 14.48 -5.93
C ARG A 259 -28.18 15.65 -6.87
N ILE A 260 -27.80 16.85 -6.44
CA ILE A 260 -27.98 18.05 -7.26
C ILE A 260 -26.97 18.07 -8.43
N ILE A 261 -25.73 17.70 -8.13
CA ILE A 261 -24.67 17.67 -9.13
CA ILE A 261 -24.65 17.64 -9.11
C ILE A 261 -24.99 16.68 -10.25
N ALA A 262 -25.63 15.57 -9.90
CA ALA A 262 -25.92 14.49 -10.84
C ALA A 262 -26.81 14.93 -12.01
N LYS A 263 -27.50 16.06 -11.84
CA LYS A 263 -28.40 16.56 -12.87
CA LYS A 263 -28.41 16.57 -12.86
C LYS A 263 -27.64 17.39 -13.89
N HIS A 264 -26.39 17.73 -13.57
CA HIS A 264 -25.57 18.57 -14.43
C HIS A 264 -24.30 17.88 -14.93
N PRO A 265 -24.36 17.31 -16.14
CA PRO A 265 -23.26 16.54 -16.69
C PRO A 265 -21.94 17.31 -16.84
N ARG A 266 -21.99 18.65 -16.88
CA ARG A 266 -20.77 19.42 -17.03
C ARG A 266 -20.09 19.71 -15.70
N LEU A 267 -20.82 19.51 -14.60
CA LEU A 267 -20.34 19.95 -13.29
C LEU A 267 -19.43 18.94 -12.61
N LEU A 268 -18.15 19.29 -12.51
CA LEU A 268 -17.15 18.50 -11.79
C LEU A 268 -16.98 19.07 -10.37
N VAL A 269 -16.40 18.26 -9.49
CA VAL A 269 -16.15 18.72 -8.13
C VAL A 269 -14.67 18.64 -7.80
N LEU A 270 -14.15 19.74 -7.25
CA LEU A 270 -12.75 19.79 -6.80
C LEU A 270 -12.82 19.74 -5.28
N SER A 271 -12.39 18.62 -4.71
CA SER A 271 -12.55 18.35 -3.30
C SER A 271 -11.21 18.58 -2.60
N ASP A 272 -11.10 19.67 -1.85
CA ASP A 272 -9.85 20.03 -1.21
C ASP A 272 -9.85 19.41 0.19
N GLU A 273 -9.07 18.33 0.35
CA GLU A 273 -9.18 17.49 1.53
C GLU A 273 -7.92 17.59 2.39
N ILE A 274 -7.18 18.69 2.21
CA ILE A 274 -5.87 18.84 2.85
C ILE A 274 -5.93 18.80 4.39
N TYR A 275 -7.04 19.25 4.97
CA TYR A 275 -7.19 19.20 6.44
C TYR A 275 -7.82 17.92 6.98
N GLU A 276 -7.95 16.92 6.11
CA GLU A 276 -8.55 15.63 6.43
C GLU A 276 -8.28 15.12 7.83
N HIS A 277 -7.01 14.99 8.19
CA HIS A 277 -6.68 14.35 9.47
C HIS A 277 -6.75 15.28 10.67
N ILE A 278 -6.83 16.58 10.42
CA ILE A 278 -7.03 17.55 11.48
C ILE A 278 -8.53 17.72 11.67
N ILE A 279 -9.11 16.81 12.45
CA ILE A 279 -10.55 16.67 12.60
C ILE A 279 -10.84 16.16 14.00
N TYR A 280 -11.98 16.58 14.56
CA TYR A 280 -12.28 16.30 15.96
C TYR A 280 -13.47 15.37 16.07
N ALA A 281 -13.19 14.14 16.52
CA ALA A 281 -14.25 13.17 16.75
C ALA A 281 -15.31 13.83 17.61
N PRO A 282 -16.59 13.56 17.33
CA PRO A 282 -17.13 12.52 16.45
C PRO A 282 -17.32 12.95 15.00
N ALA A 283 -16.80 14.11 14.62
CA ALA A 283 -16.85 14.54 13.23
C ALA A 283 -16.00 13.57 12.42
N THR A 284 -16.45 13.29 11.19
CA THR A 284 -15.70 12.41 10.31
C THR A 284 -15.58 13.03 8.95
N HIS A 285 -14.55 12.59 8.23
CA HIS A 285 -14.27 13.08 6.90
C HIS A 285 -14.81 12.13 5.84
N THR A 286 -15.67 12.65 4.96
CA THR A 286 -16.18 11.87 3.82
C THR A 286 -15.60 12.43 2.53
N SER A 287 -14.83 11.63 1.81
CA SER A 287 -14.29 12.08 0.54
C SER A 287 -15.41 12.17 -0.46
N PHE A 288 -15.46 13.28 -1.22
CA PHE A 288 -16.58 13.46 -2.12
C PHE A 288 -16.64 12.35 -3.18
N ALA A 289 -15.47 11.89 -3.61
CA ALA A 289 -15.37 10.86 -4.64
C ALA A 289 -15.91 9.51 -4.20
N SER A 290 -16.25 9.36 -2.92
CA SER A 290 -16.80 8.11 -2.41
C SER A 290 -18.32 8.03 -2.55
N LEU A 291 -18.96 9.16 -2.80
CA LEU A 291 -20.43 9.20 -2.88
C LEU A 291 -20.92 8.57 -4.19
N PRO A 292 -22.17 8.08 -4.18
CA PRO A 292 -22.73 7.38 -5.35
C PRO A 292 -22.58 8.21 -6.62
N ASP A 293 -21.94 7.60 -7.62
CA ASP A 293 -21.78 8.22 -8.95
C ASP A 293 -20.89 9.46 -9.00
N MET A 294 -20.14 9.75 -7.93
CA MET A 294 -19.33 10.96 -7.93
C MET A 294 -17.87 10.70 -8.30
N TYR A 295 -17.43 9.44 -8.26
CA TYR A 295 -16.01 9.13 -8.51
C TYR A 295 -15.53 9.67 -9.85
N GLU A 296 -16.34 9.47 -10.90
CA GLU A 296 -15.95 9.84 -12.26
CA GLU A 296 -15.94 9.84 -12.25
C GLU A 296 -15.93 11.35 -12.49
N ARG A 297 -16.44 12.12 -11.53
CA ARG A 297 -16.49 13.56 -11.71
C ARG A 297 -15.81 14.36 -10.62
N THR A 298 -15.02 13.68 -9.79
CA THR A 298 -14.35 14.32 -8.68
C THR A 298 -12.83 14.34 -8.83
N LEU A 299 -12.27 15.53 -8.58
CA LEU A 299 -10.84 15.71 -8.50
C LEU A 299 -10.50 15.85 -7.03
N THR A 300 -9.84 14.82 -6.50
CA THR A 300 -9.50 14.74 -5.07
C THR A 300 -8.12 15.33 -4.84
N VAL A 301 -8.03 16.38 -4.02
CA VAL A 301 -6.74 17.02 -3.72
C VAL A 301 -6.41 16.83 -2.25
N ASN A 302 -5.16 16.47 -1.97
CA ASN A 302 -4.75 16.26 -0.60
C ASN A 302 -3.26 16.50 -0.56
N GLY A 303 -2.62 16.24 0.58
CA GLY A 303 -1.22 16.54 0.61
C GLY A 303 -0.66 16.44 2.00
N PHE A 304 0.51 17.01 2.19
CA PHE A 304 1.32 16.78 3.37
C PHE A 304 1.49 18.01 4.26
N SER A 305 1.19 19.19 3.74
CA SER A 305 1.50 20.43 4.45
C SER A 305 0.91 20.51 5.84
N LYS A 306 -0.37 20.20 5.95
CA LYS A 306 -1.11 20.49 7.18
C LYS A 306 -1.03 19.37 8.22
N ALA A 307 -1.39 18.15 7.83
CA ALA A 307 -1.35 17.03 8.75
C ALA A 307 0.05 16.72 9.26
N PHE A 308 1.04 16.86 8.38
CA PHE A 308 2.39 16.46 8.73
C PHE A 308 3.35 17.62 8.94
N ALA A 309 2.82 18.83 9.08
CA ALA A 309 3.65 20.02 9.31
C ALA A 309 4.81 20.07 8.29
N MET A 310 4.45 20.00 7.02
CA MET A 310 5.44 19.96 5.93
C MET A 310 5.29 21.12 4.97
N THR A 311 4.82 22.25 5.46
CA THR A 311 4.51 23.38 4.55
C THR A 311 5.71 23.82 3.71
N GLY A 312 6.88 23.94 4.33
CA GLY A 312 8.04 24.41 3.58
C GLY A 312 8.63 23.38 2.65
N TRP A 313 8.19 22.12 2.77
CA TRP A 313 8.73 21.03 1.95
C TRP A 313 8.16 21.05 0.52
N ARG A 314 6.93 21.55 0.39
CA ARG A 314 6.19 21.69 -0.88
C ARG A 314 5.80 20.34 -1.51
N LEU A 315 4.82 19.67 -0.93
CA LEU A 315 4.40 18.38 -1.47
C LEU A 315 2.89 18.17 -1.35
N GLY A 316 2.22 18.05 -2.49
CA GLY A 316 0.78 17.80 -2.51
C GLY A 316 0.44 16.90 -3.68
N TYR A 317 -0.84 16.55 -3.82
CA TYR A 317 -1.23 15.68 -4.91
C TYR A 317 -2.69 15.77 -5.29
N LEU A 318 -2.96 15.31 -6.52
CA LEU A 318 -4.27 15.19 -7.10
C LEU A 318 -4.52 13.71 -7.45
N ALA A 319 -5.73 13.24 -7.17
CA ALA A 319 -6.22 11.95 -7.64
C ALA A 319 -7.52 12.19 -8.39
N GLY A 320 -7.64 11.60 -9.56
CA GLY A 320 -8.86 11.80 -10.34
C GLY A 320 -8.95 10.91 -11.56
N PRO A 321 -9.94 11.18 -12.41
CA PRO A 321 -10.10 10.38 -13.62
C PRO A 321 -8.84 10.48 -14.48
N LYS A 322 -8.42 9.36 -15.02
CA LYS A 322 -7.16 9.28 -15.77
C LYS A 322 -7.02 10.35 -16.85
N HIS A 323 -8.08 10.59 -17.61
CA HIS A 323 -8.03 11.57 -18.69
C HIS A 323 -7.69 12.98 -18.21
N ILE A 324 -8.23 13.34 -17.07
CA ILE A 324 -8.00 14.66 -16.53
C ILE A 324 -6.61 14.71 -15.90
N VAL A 325 -6.26 13.68 -15.13
CA VAL A 325 -4.94 13.65 -14.48
C VAL A 325 -3.84 13.69 -15.54
N ALA A 326 -4.04 12.97 -16.63
CA ALA A 326 -3.07 13.02 -17.73
C ALA A 326 -2.86 14.43 -18.26
N ALA A 327 -3.96 15.18 -18.39
CA ALA A 327 -3.90 16.58 -18.83
C ALA A 327 -3.19 17.46 -17.83
N CYS A 328 -3.53 17.33 -16.55
CA CYS A 328 -2.81 18.02 -15.48
C CYS A 328 -1.33 17.73 -15.50
N SER A 329 -0.97 16.48 -15.78
CA SER A 329 0.43 16.07 -15.85
C SER A 329 1.12 16.76 -17.02
N LYS A 330 0.44 16.87 -18.16
CA LYS A 330 1.02 17.56 -19.30
C LYS A 330 1.26 19.02 -18.97
N LEU A 331 0.30 19.66 -18.30
CA LEU A 331 0.43 21.05 -17.87
CA LEU A 331 0.44 21.04 -17.86
C LEU A 331 1.63 21.19 -16.94
N GLN A 332 1.72 20.28 -15.96
CA GLN A 332 2.81 20.32 -14.98
C GLN A 332 4.16 20.19 -15.66
N GLY A 333 4.22 19.44 -16.75
CA GLY A 333 5.45 19.34 -17.52
C GLY A 333 5.94 20.67 -18.07
N GLN A 334 5.05 21.67 -18.12
CA GLN A 334 5.43 22.99 -18.62
C GLN A 334 5.49 24.02 -17.50
N VAL A 335 4.96 23.66 -16.34
CA VAL A 335 4.89 24.55 -15.21
C VAL A 335 6.11 24.40 -14.32
N SER A 336 6.49 23.15 -14.02
CA SER A 336 7.50 22.91 -12.99
C SER A 336 8.26 21.60 -13.07
N SER A 337 7.80 20.67 -13.92
CA SER A 337 8.30 19.29 -13.88
C SER A 337 7.99 18.63 -12.52
N GLY A 338 8.68 17.54 -12.21
CA GLY A 338 8.36 16.77 -11.01
C GLY A 338 8.65 17.54 -9.74
N ALA A 339 7.97 17.17 -8.67
CA ALA A 339 8.22 17.75 -7.35
C ALA A 339 9.58 17.33 -6.84
N SER A 340 9.98 17.95 -5.73
CA SER A 340 11.29 17.68 -5.13
C SER A 340 11.49 16.19 -4.86
N SER A 341 12.65 15.68 -5.24
CA SER A 341 12.99 14.29 -4.96
C SER A 341 13.11 14.07 -3.44
N ILE A 342 13.65 15.06 -2.75
CA ILE A 342 13.83 14.99 -1.31
C ILE A 342 12.47 15.01 -0.61
N ALA A 343 11.60 15.95 -0.99
CA ALA A 343 10.28 16.04 -0.38
C ALA A 343 9.47 14.78 -0.63
N GLN A 344 9.58 14.22 -1.84
CA GLN A 344 8.84 12.98 -2.14
C GLN A 344 9.25 11.79 -1.27
N LYS A 345 10.55 11.67 -1.00
CA LYS A 345 11.03 10.67 -0.05
C LYS A 345 10.47 10.91 1.35
N ALA A 346 10.38 12.17 1.76
CA ALA A 346 9.79 12.47 3.07
C ALA A 346 8.30 12.12 3.08
N GLY A 347 7.65 12.32 1.94
CA GLY A 347 6.23 12.03 1.81
C GLY A 347 5.97 10.55 1.98
N VAL A 348 6.86 9.73 1.41
CA VAL A 348 6.75 8.29 1.55
C VAL A 348 6.80 7.92 3.03
N ALA A 349 7.71 8.57 3.76
CA ALA A 349 7.84 8.29 5.19
C ALA A 349 6.61 8.75 5.97
N ALA A 350 6.02 9.88 5.58
CA ALA A 350 4.83 10.37 6.24
C ALA A 350 3.68 9.37 6.08
N LEU A 351 3.49 8.88 4.87
CA LEU A 351 2.46 7.87 4.64
C LEU A 351 2.81 6.58 5.39
N GLY A 352 4.10 6.35 5.60
CA GLY A 352 4.57 5.20 6.36
C GLY A 352 4.28 5.24 7.85
N LEU A 353 3.77 6.38 8.35
CA LEU A 353 3.42 6.49 9.76
C LEU A 353 2.13 5.75 10.08
N GLY A 354 1.46 5.25 9.04
CA GLY A 354 0.27 4.44 9.24
C GLY A 354 -1.03 5.19 9.05
N LYS A 355 -2.14 4.51 9.30
CA LYS A 355 -3.47 5.08 9.07
C LYS A 355 -3.66 6.40 9.84
N ALA A 356 -4.06 7.43 9.10
CA ALA A 356 -4.30 8.77 9.64
C ALA A 356 -3.09 9.38 10.35
N GLY A 357 -1.89 8.93 10.00
CA GLY A 357 -0.69 9.48 10.59
C GLY A 357 -0.33 8.85 11.93
N GLY A 358 -1.05 7.81 12.32
CA GLY A 358 -0.75 7.08 13.56
C GLY A 358 -0.77 7.96 14.80
N GLU A 359 0.04 7.59 15.80
CA GLU A 359 0.10 8.34 17.04
C GLU A 359 0.75 9.70 16.85
N THR A 360 1.59 9.80 15.83
CA THR A 360 2.29 11.05 15.53
C THR A 360 1.30 12.16 15.27
N VAL A 361 0.35 11.89 14.39
CA VAL A 361 -0.66 12.89 14.06
C VAL A 361 -1.67 12.99 15.18
N ALA A 362 -2.01 11.87 15.80
CA ALA A 362 -2.95 11.83 16.93
C ALA A 362 -2.58 12.79 18.05
N GLU A 363 -1.28 12.84 18.36
CA GLU A 363 -0.78 13.75 19.39
C GLU A 363 -1.04 15.21 19.00
N MET A 364 -0.85 15.52 17.73
CA MET A 364 -1.09 16.88 17.25
C MET A 364 -2.58 17.19 17.35
N VAL A 365 -3.42 16.25 16.95
CA VAL A 365 -4.86 16.48 16.96
C VAL A 365 -5.35 16.70 18.39
N LYS A 366 -4.76 15.97 19.32
CA LYS A 366 -5.13 16.10 20.73
C LYS A 366 -4.84 17.51 21.23
N ALA A 367 -3.67 18.03 20.86
CA ALA A 367 -3.29 19.39 21.21
C ALA A 367 -4.24 20.38 20.55
N TYR A 368 -4.47 20.22 19.25
CA TYR A 368 -5.38 21.09 18.52
C TYR A 368 -6.77 21.14 19.15
N ARG A 369 -7.31 19.97 19.51
CA ARG A 369 -8.64 19.92 20.12
C ARG A 369 -8.72 20.71 21.42
N GLU A 370 -7.67 20.60 22.24
CA GLU A 370 -7.65 21.31 23.52
C GLU A 370 -7.70 22.81 23.29
N ARG A 371 -6.98 23.24 22.26
CA ARG A 371 -6.90 24.64 21.91
C ARG A 371 -8.25 25.15 21.37
N ARG A 372 -8.88 24.35 20.51
CA ARG A 372 -10.18 24.70 19.94
C ARG A 372 -11.20 24.87 21.05
N ASP A 373 -11.30 23.84 21.88
CA ASP A 373 -12.27 23.82 22.98
C ASP A 373 -12.11 25.05 23.90
N PHE A 374 -10.87 25.38 24.24
CA PHE A 374 -10.60 26.55 25.04
C PHE A 374 -11.04 27.86 24.40
N LEU A 375 -10.64 28.06 23.14
CA LEU A 375 -10.98 29.28 22.40
C LEU A 375 -12.47 29.45 22.20
N VAL A 376 -13.14 28.38 21.79
CA VAL A 376 -14.58 28.44 21.58
C VAL A 376 -15.33 28.81 22.86
N LYS A 377 -14.91 28.23 23.97
CA LYS A 377 -15.56 28.50 25.25
C LYS A 377 -15.31 29.93 25.71
N SER A 378 -14.04 30.36 25.60
CA SER A 378 -13.62 31.69 26.03
CA SER A 378 -13.65 31.68 26.05
C SER A 378 -14.23 32.81 25.19
N LEU A 379 -14.00 32.76 23.88
CA LEU A 379 -14.48 33.80 22.98
C LEU A 379 -16.00 33.82 22.89
N GLY A 380 -16.62 32.65 22.93
CA GLY A 380 -18.07 32.54 22.95
C GLY A 380 -18.74 33.20 24.14
N ASP A 381 -18.00 33.35 25.24
CA ASP A 381 -18.52 33.98 26.45
C ASP A 381 -18.66 35.49 26.30
N ILE A 382 -17.93 36.06 25.36
CA ILE A 382 -17.87 37.51 25.21
C ILE A 382 -19.12 38.04 24.53
N LYS A 383 -19.72 39.07 25.12
CA LYS A 383 -20.88 39.74 24.55
C LYS A 383 -20.56 40.22 23.14
N GLY A 384 -21.48 39.96 22.21
CA GLY A 384 -21.34 40.43 20.85
C GLY A 384 -20.45 39.60 19.93
N VAL A 385 -20.02 38.44 20.41
CA VAL A 385 -19.19 37.55 19.61
C VAL A 385 -20.01 36.34 19.21
N LYS A 386 -19.99 36.01 17.91
CA LYS A 386 -20.69 34.83 17.43
C LYS A 386 -19.69 33.83 16.86
N ILE A 387 -19.89 32.56 17.18
CA ILE A 387 -18.98 31.52 16.76
C ILE A 387 -19.76 30.40 16.10
N SER A 388 -19.18 29.79 15.06
CA SER A 388 -19.81 28.64 14.42
C SER A 388 -19.43 27.33 15.15
N GLU A 389 -19.57 26.20 14.46
CA GLU A 389 -19.31 24.89 15.06
C GLU A 389 -18.14 24.19 14.36
N PRO A 390 -16.91 24.68 14.56
CA PRO A 390 -15.74 24.13 13.86
C PRO A 390 -15.44 22.71 14.31
N GLN A 391 -15.13 21.84 13.36
CA GLN A 391 -14.92 20.44 13.67
C GLN A 391 -13.65 19.93 13.04
N GLY A 392 -12.89 20.84 12.43
CA GLY A 392 -11.63 20.47 11.80
C GLY A 392 -10.76 21.66 11.46
N ALA A 393 -9.60 21.39 10.89
CA ALA A 393 -8.57 22.40 10.68
C ALA A 393 -8.21 23.07 12.01
N PHE A 394 -7.46 24.17 11.93
CA PHE A 394 -7.04 24.86 13.14
C PHE A 394 -7.36 26.35 13.08
N TYR A 395 -8.53 26.66 12.57
CA TYR A 395 -8.99 28.05 12.48
C TYR A 395 -10.34 28.23 13.16
N LEU A 396 -10.54 29.42 13.72
CA LEU A 396 -11.86 29.88 14.13
C LEU A 396 -12.15 31.10 13.28
N PHE A 397 -13.33 31.12 12.67
CA PHE A 397 -13.74 32.26 11.87
C PHE A 397 -14.82 32.94 12.67
N ILE A 398 -14.43 34.00 13.37
CA ILE A 398 -15.23 34.59 14.44
C ILE A 398 -15.96 35.85 13.98
N ASP A 399 -17.25 35.91 14.26
CA ASP A 399 -18.07 37.07 13.91
C ASP A 399 -18.04 38.10 15.05
N PHE A 400 -17.24 39.15 14.86
CA PHE A 400 -17.19 40.29 15.79
C PHE A 400 -17.99 41.48 15.23
N SER A 401 -18.81 41.24 14.21
CA SER A 401 -19.43 42.33 13.45
C SER A 401 -20.35 43.22 14.28
N ALA A 402 -20.81 42.72 15.42
CA ALA A 402 -21.64 43.53 16.33
C ALA A 402 -20.88 44.75 16.83
N TYR A 403 -19.55 44.69 16.75
CA TYR A 403 -18.69 45.78 17.19
C TYR A 403 -18.44 46.85 16.14
N TYR A 404 -18.87 46.61 14.90
CA TYR A 404 -18.63 47.58 13.83
C TYR A 404 -19.43 48.85 14.08
N GLY A 405 -18.80 50.00 13.90
CA GLY A 405 -19.42 51.27 14.23
C GLY A 405 -18.91 51.83 15.55
N SER A 406 -18.18 51.00 16.30
CA SER A 406 -17.63 51.46 17.56
C SER A 406 -16.44 52.40 17.36
N GLU A 407 -16.07 53.11 18.40
CA GLU A 407 -14.92 54.00 18.33
CA GLU A 407 -14.96 54.06 18.36
C GLU A 407 -13.91 53.69 19.41
N ALA A 408 -12.66 53.54 18.99
CA ALA A 408 -11.59 53.23 19.92
C ALA A 408 -10.65 54.41 20.11
N GLU A 409 -10.26 54.66 21.36
CA GLU A 409 -9.36 55.76 21.65
C GLU A 409 -8.03 55.58 20.94
N GLY A 410 -7.51 56.67 20.40
CA GLY A 410 -6.22 56.66 19.73
C GLY A 410 -6.20 55.81 18.47
N PHE A 411 -7.39 55.43 17.97
CA PHE A 411 -7.47 54.64 16.76
C PHE A 411 -8.56 55.15 15.83
N GLY A 412 -9.73 55.41 16.39
CA GLY A 412 -10.84 55.93 15.62
C GLY A 412 -11.92 54.88 15.36
N LEU A 413 -12.64 55.06 14.27
CA LEU A 413 -13.76 54.20 13.92
C LEU A 413 -13.32 52.79 13.54
N ILE A 414 -14.03 51.80 14.08
CA ILE A 414 -13.88 50.41 13.67
C ILE A 414 -15.17 50.00 12.99
N ASN A 415 -15.11 49.73 11.69
CA ASN A 415 -16.33 49.47 10.93
C ASN A 415 -16.27 48.32 9.94
N ASP A 416 -15.13 47.63 9.88
CA ASP A 416 -15.03 46.43 9.05
C ASP A 416 -13.95 45.49 9.58
N SER A 417 -13.78 44.32 8.95
CA SER A 417 -12.85 43.34 9.47
C SER A 417 -11.39 43.82 9.39
N SER A 418 -11.09 44.61 8.36
CA SER A 418 -9.75 45.18 8.21
CA SER A 418 -9.74 45.15 8.22
C SER A 418 -9.40 46.12 9.35
N SER A 419 -10.31 47.04 9.65
CA SER A 419 -10.08 48.02 10.70
C SER A 419 -10.03 47.36 12.09
N LEU A 420 -10.89 46.36 12.30
CA LEU A 420 -10.89 45.67 13.57
C LEU A 420 -9.59 44.88 13.77
N ALA A 421 -9.14 44.19 12.74
CA ALA A 421 -7.87 43.46 12.81
C ALA A 421 -6.72 44.42 13.14
N LEU A 422 -6.72 45.56 12.47
CA LEU A 422 -5.69 46.58 12.67
C LEU A 422 -5.75 47.12 14.10
N TYR A 423 -6.96 47.31 14.62
CA TYR A 423 -7.15 47.72 16.00
C TYR A 423 -6.59 46.68 16.96
N PHE A 424 -6.97 45.41 16.76
CA PHE A 424 -6.47 44.32 17.60
C PHE A 424 -4.94 44.30 17.62
N LEU A 425 -4.34 44.49 16.45
CA LEU A 425 -2.89 44.44 16.35
C LEU A 425 -2.21 45.70 16.90
N ASP A 426 -2.58 46.86 16.38
CA ASP A 426 -1.91 48.10 16.79
C ASP A 426 -2.09 48.42 18.27
N LYS A 427 -3.29 48.19 18.79
CA LYS A 427 -3.60 48.60 20.14
C LYS A 427 -3.42 47.49 21.19
N PHE A 428 -3.56 46.25 20.77
CA PHE A 428 -3.55 45.14 21.73
C PHE A 428 -2.62 43.98 21.39
N GLN A 429 -1.79 44.19 20.37
CA GLN A 429 -0.70 43.27 20.08
C GLN A 429 -1.10 41.83 19.81
N VAL A 430 -2.27 41.63 19.20
CA VAL A 430 -2.68 40.32 18.71
C VAL A 430 -2.97 40.40 17.22
N ALA A 431 -2.33 39.55 16.44
CA ALA A 431 -2.43 39.59 14.98
C ALA A 431 -3.33 38.50 14.44
N MET A 432 -4.33 38.90 13.66
CA MET A 432 -5.33 37.98 13.11
C MET A 432 -5.66 38.40 11.69
N VAL A 433 -6.38 37.56 10.94
CA VAL A 433 -6.59 37.86 9.52
C VAL A 433 -8.01 38.36 9.28
N PRO A 434 -8.16 39.54 8.64
CA PRO A 434 -9.50 40.07 8.33
C PRO A 434 -10.29 39.13 7.42
N GLY A 435 -11.57 38.94 7.74
CA GLY A 435 -12.41 38.00 7.00
C GLY A 435 -12.66 38.42 5.57
N ASP A 436 -12.52 39.71 5.27
CA ASP A 436 -12.69 40.20 3.92
CA ASP A 436 -12.71 40.18 3.91
C ASP A 436 -11.78 39.47 2.92
N ALA A 437 -10.62 39.03 3.41
CA ALA A 437 -9.67 38.27 2.58
C ALA A 437 -10.28 36.97 2.07
N PHE A 438 -11.25 36.45 2.80
CA PHE A 438 -11.85 35.16 2.49
C PHE A 438 -13.26 35.34 1.94
N GLY A 439 -13.62 36.57 1.61
CA GLY A 439 -14.92 36.85 1.03
C GLY A 439 -16.07 37.04 2.02
N ASP A 440 -15.73 37.28 3.29
CA ASP A 440 -16.75 37.55 4.30
C ASP A 440 -16.25 38.55 5.35
N ASP A 441 -16.64 39.80 5.17
CA ASP A 441 -16.16 40.90 6.00
C ASP A 441 -16.75 40.90 7.42
N SER A 442 -17.65 39.97 7.69
CA SER A 442 -18.31 39.93 9.00
C SER A 442 -17.46 39.25 10.08
N CYS A 443 -16.36 38.62 9.66
CA CYS A 443 -15.57 37.79 10.58
C CYS A 443 -14.09 38.08 10.55
N ILE A 444 -13.38 37.49 11.50
CA ILE A 444 -11.92 37.51 11.57
C ILE A 444 -11.42 36.08 11.78
N ARG A 445 -10.39 35.66 11.02
CA ARG A 445 -9.89 34.30 11.18
C ARG A 445 -8.81 34.29 12.26
N ILE A 446 -8.98 33.41 13.24
CA ILE A 446 -7.97 33.22 14.28
C ILE A 446 -7.38 31.83 14.12
N SER A 447 -6.06 31.74 14.02
CA SER A 447 -5.40 30.44 13.95
CA SER A 447 -5.41 30.43 13.96
C SER A 447 -5.04 29.95 15.36
N TYR A 448 -5.29 28.68 15.64
CA TYR A 448 -4.89 28.14 16.91
C TYR A 448 -3.80 27.10 16.74
N ALA A 449 -2.94 27.35 15.75
CA ALA A 449 -1.69 26.62 15.64
C ALA A 449 -0.64 27.28 16.54
N THR A 450 -0.99 27.44 17.82
CA THR A 450 -0.05 27.91 18.82
CA THR A 450 -0.10 27.98 18.84
C THR A 450 -0.44 27.32 20.17
N SER A 451 0.48 27.41 21.13
CA SER A 451 0.30 26.76 22.42
C SER A 451 -0.90 27.28 23.22
N LEU A 452 -1.45 26.42 24.06
CA LEU A 452 -2.60 26.78 24.90
C LEU A 452 -2.33 27.97 25.80
N ASP A 453 -1.12 28.05 26.36
CA ASP A 453 -0.78 29.17 27.24
C ASP A 453 -0.76 30.50 26.49
N VAL A 454 -0.28 30.47 25.25
CA VAL A 454 -0.29 31.67 24.41
C VAL A 454 -1.72 32.09 24.07
N LEU A 455 -2.58 31.10 23.83
CA LEU A 455 -3.98 31.37 23.53
C LEU A 455 -4.69 32.01 24.72
N GLN A 456 -4.37 31.53 25.92
CA GLN A 456 -4.95 32.07 27.15
C GLN A 456 -4.57 33.54 27.28
N ALA A 457 -3.34 33.87 26.89
CA ALA A 457 -2.91 35.26 26.90
C ALA A 457 -3.61 36.07 25.81
N ALA A 458 -3.85 35.44 24.66
CA ALA A 458 -4.51 36.12 23.55
C ALA A 458 -5.98 36.43 23.86
N VAL A 459 -6.65 35.48 24.51
CA VAL A 459 -8.05 35.68 24.88
C VAL A 459 -8.18 36.85 25.84
N GLU A 460 -7.23 36.97 26.76
CA GLU A 460 -7.23 38.08 27.72
C GLU A 460 -7.11 39.43 27.03
N LYS A 461 -6.19 39.51 26.08
CA LYS A 461 -6.00 40.73 25.29
C LYS A 461 -7.25 41.06 24.47
N ILE A 462 -7.85 40.05 23.86
CA ILE A 462 -9.06 40.25 23.06
C ILE A 462 -10.21 40.75 23.93
N ARG A 463 -10.35 40.18 25.13
CA ARG A 463 -11.33 40.65 26.10
C ARG A 463 -11.11 42.14 26.38
N LYS A 464 -9.88 42.50 26.73
CA LYS A 464 -9.56 43.87 27.07
C LYS A 464 -9.71 44.82 25.88
N ALA A 465 -9.50 44.29 24.68
CA ALA A 465 -9.66 45.08 23.46
C ALA A 465 -11.12 45.41 23.17
N LEU A 466 -12.01 44.50 23.51
CA LEU A 466 -13.43 44.66 23.19
C LEU A 466 -14.23 45.38 24.28
N GLU A 467 -13.70 45.37 25.50
CA GLU A 467 -14.41 45.96 26.65
CA GLU A 467 -14.41 45.96 26.65
C GLU A 467 -14.84 47.42 26.46
N PRO A 468 -13.90 48.30 26.05
CA PRO A 468 -14.36 49.69 25.97
C PRO A 468 -15.16 50.00 24.71
N LEU A 469 -15.30 49.03 23.82
CA LEU A 469 -16.05 49.24 22.59
C LEU A 469 -17.55 49.04 22.83
N ARG A 470 -17.89 48.29 23.87
CA ARG A 470 -19.27 48.00 24.21
C ARG A 470 -19.94 49.20 24.86
N ALA A 471 -19.14 50.09 25.43
CA ALA A 471 -19.66 51.28 26.08
C ALA A 471 -20.11 52.31 25.04
N VAL B 68 -21.02 12.32 -17.95
CA VAL B 68 -20.15 13.41 -17.51
C VAL B 68 -19.30 13.99 -18.65
N ASP B 69 -19.30 15.32 -18.75
CA ASP B 69 -18.54 16.02 -19.77
C ASP B 69 -17.07 16.01 -19.39
N MET B 70 -16.25 15.34 -20.19
CA MET B 70 -14.83 15.20 -19.90
C MET B 70 -13.98 16.11 -20.78
N SER B 71 -14.61 17.09 -21.42
CA SER B 71 -13.87 18.03 -22.28
CA SER B 71 -13.85 18.00 -22.28
C SER B 71 -12.83 18.78 -21.48
N LEU B 72 -11.68 19.03 -22.09
CA LEU B 72 -10.62 19.75 -21.41
C LEU B 72 -10.53 21.14 -22.02
N SER B 73 -9.85 22.04 -21.33
CA SER B 73 -9.71 23.41 -21.83
C SER B 73 -8.91 23.39 -23.12
N PRO B 74 -9.17 24.34 -24.01
CA PRO B 74 -8.41 24.37 -25.26
C PRO B 74 -6.90 24.48 -25.05
N ARG B 75 -6.48 25.21 -24.03
CA ARG B 75 -5.05 25.43 -23.83
C ARG B 75 -4.32 24.15 -23.48
N VAL B 76 -4.89 23.33 -22.60
CA VAL B 76 -4.23 22.08 -22.25
CA VAL B 76 -4.24 22.07 -22.26
C VAL B 76 -4.33 21.11 -23.44
N GLN B 77 -5.36 21.29 -24.28
CA GLN B 77 -5.47 20.52 -25.51
C GLN B 77 -4.49 20.97 -26.59
N SER B 78 -4.03 22.22 -26.53
CA SER B 78 -3.11 22.71 -27.55
C SER B 78 -1.69 22.18 -27.31
N LEU B 79 -1.47 21.55 -26.16
CA LEU B 79 -0.14 21.05 -25.81
C LEU B 79 0.22 19.85 -26.67
N LYS B 80 1.32 19.98 -27.41
CA LYS B 80 1.75 18.97 -28.37
C LYS B 80 2.09 17.65 -27.69
N PRO B 81 1.98 16.54 -28.45
CA PRO B 81 2.35 15.23 -27.89
C PRO B 81 3.86 15.11 -27.69
N SER B 82 4.26 14.29 -26.72
CA SER B 82 5.67 14.08 -26.44
C SER B 82 6.38 13.44 -27.62
N LYS B 83 7.56 13.97 -27.94
CA LYS B 83 8.39 13.39 -28.98
C LYS B 83 9.50 12.54 -28.36
N THR B 84 9.53 12.50 -27.03
CA THR B 84 10.55 11.74 -26.32
C THR B 84 10.01 10.45 -25.69
N MET B 85 8.68 10.40 -25.53
CA MET B 85 7.99 9.32 -24.84
C MET B 85 8.37 7.93 -25.37
N VAL B 86 8.40 7.80 -26.69
CA VAL B 86 8.65 6.51 -27.33
C VAL B 86 10.02 5.93 -26.99
N ILE B 87 11.02 6.80 -26.87
CA ILE B 87 12.36 6.39 -26.47
C ILE B 87 12.32 5.91 -25.03
N THR B 88 11.74 6.74 -24.16
CA THR B 88 11.66 6.42 -22.74
C THR B 88 10.93 5.09 -22.50
N ASP B 89 9.82 4.89 -23.19
CA ASP B 89 9.04 3.66 -23.06
C ASP B 89 9.78 2.43 -23.59
N LEU B 90 10.38 2.55 -24.77
CA LEU B 90 11.10 1.43 -25.36
C LEU B 90 12.29 1.00 -24.49
N ALA B 91 12.95 1.98 -23.87
CA ALA B 91 14.09 1.70 -22.99
C ALA B 91 13.68 0.82 -21.80
N ALA B 92 12.55 1.16 -21.20
CA ALA B 92 11.98 0.33 -20.13
C ALA B 92 11.64 -1.07 -20.64
N THR B 93 10.90 -1.14 -21.74
CA THR B 93 10.56 -2.40 -22.41
C THR B 93 11.78 -3.30 -22.65
N LEU B 94 12.85 -2.71 -23.18
CA LEU B 94 14.10 -3.44 -23.40
C LEU B 94 14.74 -3.95 -22.10
N VAL B 95 14.77 -3.10 -21.08
CA VAL B 95 15.34 -3.46 -19.78
C VAL B 95 14.49 -4.54 -19.10
N GLN B 96 13.18 -4.36 -19.15
CA GLN B 96 12.23 -5.31 -18.57
C GLN B 96 12.39 -6.72 -19.13
N SER B 97 12.78 -6.83 -20.40
CA SER B 97 13.28 -8.10 -20.94
C SER B 97 14.68 -8.37 -20.37
N GLY B 98 15.60 -8.86 -21.20
CA GLY B 98 16.94 -9.17 -20.71
C GLY B 98 17.99 -8.14 -21.07
N VAL B 99 17.55 -6.98 -21.57
CA VAL B 99 18.47 -6.08 -22.26
C VAL B 99 18.79 -4.77 -21.54
N PRO B 100 20.06 -4.60 -21.11
CA PRO B 100 20.53 -3.34 -20.53
C PRO B 100 20.66 -2.25 -21.61
N VAL B 101 20.50 -0.99 -21.21
CA VAL B 101 20.51 0.14 -22.14
CA VAL B 101 20.56 0.12 -22.15
C VAL B 101 21.49 1.24 -21.70
N ILE B 102 22.27 1.77 -22.64
CA ILE B 102 23.09 2.94 -22.37
C ILE B 102 22.26 4.22 -22.52
N ARG B 103 22.12 4.96 -21.43
CA ARG B 103 21.23 6.12 -21.38
C ARG B 103 21.96 7.43 -21.63
N LEU B 104 21.69 8.05 -22.78
CA LEU B 104 22.31 9.33 -23.12
C LEU B 104 21.25 10.39 -23.37
N ALA B 105 20.07 10.19 -22.81
CA ALA B 105 18.93 11.04 -23.12
C ALA B 105 18.60 12.04 -22.02
N ALA B 106 19.19 11.88 -20.84
CA ALA B 106 18.82 12.72 -19.70
C ALA B 106 19.34 14.15 -19.81
N GLY B 107 18.53 15.10 -19.38
CA GLY B 107 18.92 16.50 -19.43
C GLY B 107 19.28 16.96 -18.03
N GLU B 108 20.23 16.29 -17.40
CA GLU B 108 20.62 16.64 -16.04
C GLU B 108 22.02 16.15 -15.74
N PRO B 109 22.72 16.85 -14.85
CA PRO B 109 24.07 16.44 -14.44
C PRO B 109 24.06 15.02 -13.85
N ASP B 110 25.15 14.29 -13.99
CA ASP B 110 25.26 12.98 -13.36
C ASP B 110 25.90 13.04 -11.98
N PHE B 111 26.35 14.23 -11.58
CA PHE B 111 27.08 14.36 -10.33
C PHE B 111 26.16 14.50 -9.13
N ASP B 112 26.70 14.18 -7.95
CA ASP B 112 26.00 14.45 -6.70
C ASP B 112 25.97 15.95 -6.45
N THR B 113 24.98 16.40 -5.69
CA THR B 113 24.97 17.75 -5.16
C THR B 113 26.26 17.93 -4.34
N PRO B 114 26.90 19.10 -4.45
CA PRO B 114 28.11 19.36 -3.64
C PRO B 114 27.87 19.18 -2.16
N LYS B 115 28.87 18.63 -1.49
CA LYS B 115 28.76 18.33 -0.08
C LYS B 115 28.32 19.52 0.76
N VAL B 116 28.88 20.69 0.53
CA VAL B 116 28.54 21.86 1.35
C VAL B 116 27.08 22.26 1.17
N VAL B 117 26.60 22.08 -0.07
CA VAL B 117 25.20 22.36 -0.38
C VAL B 117 24.27 21.37 0.31
N ALA B 118 24.55 20.07 0.18
CA ALA B 118 23.79 19.05 0.89
C ALA B 118 23.78 19.29 2.40
N GLU B 119 24.92 19.72 2.95
CA GLU B 119 25.00 20.06 4.37
C GLU B 119 23.98 21.12 4.76
N ALA B 120 23.86 22.16 3.94
CA ALA B 120 22.93 23.24 4.24
C ALA B 120 21.49 22.75 4.22
N GLY B 121 21.18 21.86 3.29
CA GLY B 121 19.86 21.27 3.20
C GLY B 121 19.56 20.43 4.43
N ILE B 122 20.51 19.59 4.83
CA ILE B 122 20.30 18.79 6.04
C ILE B 122 20.14 19.69 7.27
N ASN B 123 20.96 20.72 7.33
CA ASN B 123 20.89 21.67 8.44
C ASN B 123 19.54 22.37 8.51
N ALA B 124 19.03 22.79 7.36
CA ALA B 124 17.71 23.41 7.32
C ALA B 124 16.67 22.49 7.93
N ILE B 125 16.74 21.21 7.58
CA ILE B 125 15.77 20.26 8.12
C ILE B 125 15.91 20.11 9.62
N ARG B 126 17.13 19.90 10.08
CA ARG B 126 17.34 19.72 11.51
C ARG B 126 16.96 20.96 12.32
N GLU B 127 17.22 22.15 11.77
CA GLU B 127 16.96 23.40 12.50
CA GLU B 127 16.95 23.39 12.52
C GLU B 127 15.50 23.83 12.40
N GLY B 128 14.69 23.00 11.76
CA GLY B 128 13.27 23.27 11.65
C GLY B 128 12.92 24.36 10.66
N PHE B 129 13.80 24.60 9.70
CA PHE B 129 13.51 25.56 8.64
C PHE B 129 12.65 24.87 7.58
N THR B 130 11.42 24.57 7.98
CA THR B 130 10.52 23.70 7.25
C THR B 130 9.13 24.33 7.08
N ARG B 131 9.06 25.63 7.31
CA ARG B 131 7.81 26.39 7.20
C ARG B 131 7.78 27.22 5.93
N TYR B 132 6.60 27.76 5.60
CA TYR B 132 6.43 28.62 4.42
C TYR B 132 7.41 29.77 4.44
N THR B 133 8.05 30.03 3.30
CA THR B 133 8.84 31.26 3.16
C THR B 133 8.01 32.36 2.51
N LEU B 134 8.56 33.58 2.50
CA LEU B 134 8.00 34.63 1.66
C LEU B 134 7.81 34.09 0.25
N ASN B 135 6.73 34.49 -0.39
CA ASN B 135 6.43 34.07 -1.75
C ASN B 135 7.61 34.29 -2.71
N ALA B 136 8.18 35.48 -2.67
CA ALA B 136 9.27 35.84 -3.58
C ALA B 136 10.57 35.09 -3.31
N GLY B 137 10.68 34.52 -2.10
CA GLY B 137 11.88 33.84 -1.66
C GLY B 137 12.48 34.49 -0.42
N ILE B 138 13.22 33.71 0.37
CA ILE B 138 13.83 34.26 1.58
C ILE B 138 14.79 35.40 1.26
N THR B 139 14.79 36.41 2.12
CA THR B 139 15.60 37.61 1.89
C THR B 139 17.07 37.28 1.65
N GLU B 140 17.60 36.39 2.46
CA GLU B 140 19.01 36.02 2.42
C GLU B 140 19.38 35.42 1.07
N LEU B 141 18.43 34.70 0.46
CA LEU B 141 18.67 34.08 -0.84
C LEU B 141 18.58 35.11 -1.97
N ARG B 142 17.58 35.99 -1.89
CA ARG B 142 17.43 37.02 -2.91
C ARG B 142 18.62 37.99 -2.89
N GLU B 143 19.07 38.34 -1.69
CA GLU B 143 20.29 39.15 -1.55
C GLU B 143 21.52 38.46 -2.13
N ALA B 144 21.69 37.18 -1.83
CA ALA B 144 22.79 36.41 -2.43
C ALA B 144 22.73 36.34 -3.96
N ILE B 145 21.52 36.23 -4.50
CA ILE B 145 21.33 36.22 -5.94
C ILE B 145 21.75 37.57 -6.54
N CYS B 146 21.35 38.67 -5.92
CA CYS B 146 21.77 39.99 -6.40
C CYS B 146 23.30 40.13 -6.42
N ARG B 147 23.96 39.63 -5.39
CA ARG B 147 25.42 39.68 -5.35
C ARG B 147 26.03 38.86 -6.48
N LYS B 148 25.42 37.70 -6.75
CA LYS B 148 25.89 36.85 -7.82
C LYS B 148 25.72 37.55 -9.16
N LEU B 149 24.55 38.14 -9.41
CA LEU B 149 24.31 38.79 -10.68
C LEU B 149 25.25 39.96 -10.91
N LYS B 150 25.59 40.65 -9.82
CA LYS B 150 26.53 41.77 -9.89
C LYS B 150 27.96 41.29 -10.14
N GLU B 151 28.39 40.32 -9.36
CA GLU B 151 29.77 39.85 -9.43
C GLU B 151 30.07 39.09 -10.71
N GLU B 152 29.13 38.24 -11.14
CA GLU B 152 29.37 37.34 -12.25
C GLU B 152 28.92 37.90 -13.60
N ASN B 153 27.86 38.69 -13.59
CA ASN B 153 27.21 39.10 -14.83
C ASN B 153 27.19 40.62 -15.03
N GLY B 154 27.70 41.35 -14.04
CA GLY B 154 27.78 42.80 -14.10
C GLY B 154 26.44 43.51 -14.07
N LEU B 155 25.43 42.82 -13.52
CA LEU B 155 24.07 43.32 -13.54
C LEU B 155 23.68 43.82 -12.14
N SER B 156 22.99 44.94 -12.10
CA SER B 156 22.52 45.50 -10.83
C SER B 156 21.03 45.28 -10.63
N TYR B 157 20.68 44.40 -9.72
CA TYR B 157 19.28 44.21 -9.32
C TYR B 157 19.13 44.40 -7.82
N ALA B 158 17.96 44.87 -7.40
CA ALA B 158 17.61 44.92 -5.99
C ALA B 158 16.88 43.63 -5.62
N PRO B 159 16.86 43.28 -4.33
CA PRO B 159 16.15 42.08 -3.90
C PRO B 159 14.67 42.02 -4.31
N ASP B 160 14.01 43.17 -4.44
CA ASP B 160 12.62 43.13 -4.90
C ASP B 160 12.48 42.94 -6.41
N GLN B 161 13.61 42.78 -7.09
CA GLN B 161 13.60 42.45 -8.51
C GLN B 161 13.89 40.97 -8.75
N ILE B 162 13.94 40.19 -7.67
CA ILE B 162 14.20 38.74 -7.76
C ILE B 162 12.97 37.94 -7.35
N LEU B 163 12.65 36.91 -8.14
CA LEU B 163 11.62 35.95 -7.79
C LEU B 163 12.18 34.53 -7.85
N VAL B 164 12.17 33.86 -6.70
CA VAL B 164 12.66 32.49 -6.57
C VAL B 164 11.50 31.50 -6.75
N SER B 165 11.69 30.50 -7.60
CA SER B 165 10.63 29.54 -7.93
C SER B 165 11.12 28.08 -7.77
N ASN B 166 10.19 27.13 -7.97
CA ASN B 166 10.51 25.71 -7.92
C ASN B 166 11.15 25.23 -9.20
N GLY B 167 12.38 25.66 -9.41
CA GLY B 167 13.10 25.44 -10.66
C GLY B 167 12.96 26.60 -11.61
N ALA B 168 13.88 26.67 -12.57
CA ALA B 168 13.84 27.72 -13.59
C ALA B 168 12.75 27.51 -14.62
N LYS B 169 12.29 26.27 -14.82
CA LYS B 169 11.18 26.06 -15.76
C LYS B 169 9.96 26.90 -15.33
N GLN B 170 9.67 26.90 -14.04
CA GLN B 170 8.60 27.73 -13.51
C GLN B 170 8.89 29.23 -13.69
N SER B 171 10.13 29.65 -13.48
CA SER B 171 10.50 31.05 -13.69
C SER B 171 10.18 31.47 -15.13
N LEU B 172 10.52 30.60 -16.07
CA LEU B 172 10.29 30.84 -17.50
C LEU B 172 8.80 30.90 -17.83
N LEU B 173 8.01 29.93 -17.38
CA LEU B 173 6.58 29.93 -17.64
C LEU B 173 5.95 31.23 -17.14
N GLN B 174 6.31 31.60 -15.92
CA GLN B 174 5.66 32.76 -15.30
C GLN B 174 6.00 34.04 -16.05
N ALA B 175 7.25 34.15 -16.50
CA ALA B 175 7.66 35.29 -17.32
C ALA B 175 6.77 35.37 -18.56
N VAL B 176 6.63 34.24 -19.25
CA VAL B 176 5.86 34.22 -20.49
C VAL B 176 4.41 34.61 -20.25
N LEU B 177 3.79 34.04 -19.23
CA LEU B 177 2.38 34.31 -18.92
C LEU B 177 2.17 35.75 -18.49
N ALA B 178 3.16 36.33 -17.82
CA ALA B 178 3.02 37.69 -17.32
C ALA B 178 3.09 38.73 -18.44
N VAL B 179 3.96 38.52 -19.42
CA VAL B 179 4.21 39.55 -20.43
C VAL B 179 3.48 39.38 -21.77
N CYS B 180 3.08 38.15 -22.08
CA CYS B 180 2.40 37.87 -23.35
C CYS B 180 0.88 37.91 -23.26
N SER B 181 0.29 38.73 -24.13
CA SER B 181 -1.16 38.80 -24.29
C SER B 181 -1.57 37.88 -25.44
N PRO B 182 -2.86 37.50 -25.49
CA PRO B 182 -3.27 36.58 -26.57
C PRO B 182 -2.99 37.17 -27.95
N GLY B 183 -2.42 36.35 -28.82
CA GLY B 183 -2.10 36.80 -30.16
C GLY B 183 -0.69 37.35 -30.28
N ASP B 184 -0.03 37.63 -29.16
CA ASP B 184 1.35 38.08 -29.22
C ASP B 184 2.19 36.97 -29.83
N GLU B 185 3.30 37.35 -30.46
CA GLU B 185 4.21 36.36 -31.02
C GLU B 185 5.47 36.20 -30.17
N VAL B 186 5.87 34.95 -29.97
CA VAL B 186 7.05 34.64 -29.18
C VAL B 186 8.07 34.04 -30.13
N ILE B 187 9.18 34.75 -30.31
CA ILE B 187 10.21 34.33 -31.26
CA ILE B 187 10.23 34.35 -31.25
C ILE B 187 11.17 33.35 -30.62
N ILE B 188 11.22 32.15 -31.17
CA ILE B 188 12.01 31.09 -30.56
C ILE B 188 12.95 30.49 -31.60
N PRO B 189 14.25 30.75 -31.47
CA PRO B 189 15.20 30.11 -32.38
C PRO B 189 15.23 28.60 -32.20
N ALA B 190 15.25 27.85 -33.30
CA ALA B 190 15.43 26.41 -33.22
C ALA B 190 16.90 26.13 -33.52
N PRO B 191 17.46 25.02 -32.99
CA PRO B 191 16.78 24.03 -32.12
C PRO B 191 16.47 24.64 -30.77
N TYR B 192 15.29 24.32 -30.23
CA TYR B 192 14.83 24.94 -28.99
C TYR B 192 14.60 23.91 -27.90
N TRP B 193 14.65 24.37 -26.66
CA TRP B 193 14.20 23.59 -25.53
C TRP B 193 12.69 23.43 -25.68
N VAL B 194 12.24 22.19 -25.54
CA VAL B 194 10.87 21.79 -25.79
C VAL B 194 9.82 22.71 -25.19
N SER B 195 10.03 23.09 -23.94
CA SER B 195 9.04 23.87 -23.21
C SER B 195 8.79 25.30 -23.68
N TYR B 196 9.72 25.91 -24.42
CA TYR B 196 9.53 27.30 -24.83
C TYR B 196 8.27 27.46 -25.68
N THR B 197 8.06 26.56 -26.63
CA THR B 197 6.89 26.68 -27.51
C THR B 197 5.62 26.40 -26.72
N GLU B 198 5.66 25.46 -25.79
CA GLU B 198 4.47 25.12 -25.01
C GLU B 198 4.10 26.21 -24.02
N GLN B 199 5.09 26.83 -23.40
CA GLN B 199 4.79 27.92 -22.49
C GLN B 199 4.14 29.10 -23.27
N ALA B 200 4.64 29.37 -24.47
CA ALA B 200 4.03 30.40 -25.32
C ALA B 200 2.55 30.07 -25.56
N ARG B 201 2.29 28.79 -25.82
CA ARG B 201 0.92 28.37 -26.10
C ARG B 201 0.02 28.54 -24.89
N LEU B 202 0.57 28.31 -23.70
CA LEU B 202 -0.21 28.48 -22.48
C LEU B 202 -0.55 29.94 -22.24
N ALA B 203 0.15 30.85 -22.89
CA ALA B 203 -0.19 32.27 -22.81
C ALA B 203 -1.17 32.68 -23.89
N ASP B 204 -1.64 31.70 -24.66
CA ASP B 204 -2.43 32.01 -25.88
C ASP B 204 -1.61 32.85 -26.85
N ALA B 205 -0.30 32.71 -26.82
CA ALA B 205 0.57 33.41 -27.74
C ALA B 205 0.99 32.46 -28.86
N THR B 206 1.58 33.03 -29.92
CA THR B 206 1.96 32.26 -31.09
C THR B 206 3.48 32.11 -31.20
N PRO B 207 3.98 30.86 -31.13
CA PRO B 207 5.42 30.68 -31.32
C PRO B 207 5.78 31.00 -32.76
N VAL B 208 6.84 31.78 -32.93
CA VAL B 208 7.41 31.99 -34.26
C VAL B 208 8.81 31.40 -34.22
N VAL B 209 8.97 30.24 -34.84
CA VAL B 209 10.23 29.50 -34.77
C VAL B 209 11.16 29.91 -35.90
N ILE B 210 12.42 30.19 -35.56
CA ILE B 210 13.41 30.56 -36.56
C ILE B 210 14.51 29.52 -36.60
N PRO B 211 14.55 28.73 -37.68
CA PRO B 211 15.58 27.68 -37.78
C PRO B 211 16.98 28.25 -37.95
N THR B 212 17.97 27.55 -37.41
CA THR B 212 19.37 27.97 -37.54
C THR B 212 20.13 26.84 -38.22
N LYS B 213 21.38 27.10 -38.59
CA LYS B 213 22.15 26.15 -39.38
C LYS B 213 23.34 25.61 -38.59
N ILE B 214 23.65 24.33 -38.77
CA ILE B 214 24.79 23.73 -38.08
C ILE B 214 26.13 24.39 -38.48
N SER B 215 26.21 24.89 -39.70
CA SER B 215 27.45 25.51 -40.18
C SER B 215 27.64 26.90 -39.55
N ASN B 216 26.61 27.40 -38.89
CA ASN B 216 26.67 28.66 -38.16
C ASN B 216 26.60 28.38 -36.66
N ASN B 217 26.92 27.14 -36.27
CA ASN B 217 26.86 26.73 -34.88
C ASN B 217 25.49 26.96 -34.25
N PHE B 218 24.46 26.82 -35.07
CA PHE B 218 23.09 26.90 -34.61
C PHE B 218 22.79 28.22 -33.92
N LEU B 219 23.38 29.30 -34.42
CA LEU B 219 23.14 30.64 -33.88
C LEU B 219 22.18 31.42 -34.75
N LEU B 220 21.31 32.18 -34.10
CA LEU B 220 20.36 33.04 -34.79
C LEU B 220 21.03 34.03 -35.76
N ASP B 221 20.53 34.09 -36.98
CA ASP B 221 20.96 35.07 -37.96
C ASP B 221 20.12 36.33 -37.75
N PRO B 222 20.77 37.45 -37.41
CA PRO B 222 20.03 38.69 -37.14
C PRO B 222 19.14 39.12 -38.29
N LYS B 223 19.57 38.82 -39.52
CA LYS B 223 18.74 39.09 -40.69
C LYS B 223 17.46 38.27 -40.64
N ASP B 224 17.56 37.03 -40.15
CA ASP B 224 16.39 36.18 -40.02
C ASP B 224 15.46 36.73 -38.94
N LEU B 225 16.03 37.22 -37.85
CA LEU B 225 15.26 37.87 -36.79
C LEU B 225 14.46 39.05 -37.33
N GLU B 226 15.14 39.97 -38.00
CA GLU B 226 14.50 41.14 -38.62
C GLU B 226 13.35 40.75 -39.53
N SER B 227 13.58 39.74 -40.36
CA SER B 227 12.57 39.24 -41.30
C SER B 227 11.28 38.77 -40.62
N LYS B 228 11.40 38.23 -39.42
CA LYS B 228 10.26 37.61 -38.75
C LYS B 228 9.53 38.52 -37.76
N LEU B 229 10.06 39.73 -37.54
CA LEU B 229 9.43 40.67 -36.63
C LEU B 229 8.14 41.22 -37.22
N THR B 230 7.13 41.38 -36.37
CA THR B 230 5.86 41.98 -36.76
C THR B 230 5.39 42.92 -35.65
N GLU B 231 4.23 43.54 -35.84
CA GLU B 231 3.60 44.35 -34.81
C GLU B 231 3.27 43.49 -33.58
N LYS B 232 3.11 42.19 -33.80
CA LYS B 232 2.70 41.29 -32.73
C LYS B 232 3.87 40.71 -31.93
N SER B 233 5.10 40.92 -32.42
CA SER B 233 6.28 40.36 -31.71
C SER B 233 6.45 40.93 -30.32
N ARG B 234 6.50 40.05 -29.32
CA ARG B 234 6.50 40.49 -27.94
C ARG B 234 7.72 40.00 -27.16
N LEU B 235 8.15 38.78 -27.45
CA LEU B 235 9.18 38.15 -26.64
C LEU B 235 10.11 37.34 -27.52
N LEU B 236 11.41 37.54 -27.34
CA LEU B 236 12.43 36.69 -27.96
C LEU B 236 13.06 35.86 -26.86
N ILE B 237 13.06 34.54 -27.03
CA ILE B 237 13.67 33.67 -26.03
C ILE B 237 15.06 33.23 -26.50
N LEU B 238 16.07 33.55 -25.70
CA LEU B 238 17.45 33.21 -26.03
C LEU B 238 18.04 32.31 -24.96
N CYS B 239 18.43 31.09 -25.34
CA CYS B 239 19.06 30.16 -24.42
C CYS B 239 20.56 30.07 -24.71
N SER B 240 21.41 30.48 -23.76
CA SER B 240 22.85 30.38 -23.95
C SER B 240 23.53 30.24 -22.60
N PRO B 241 24.42 29.23 -22.46
CA PRO B 241 24.69 28.16 -23.43
C PRO B 241 23.43 27.33 -23.67
N SER B 242 23.33 26.75 -24.85
CA SER B 242 22.07 26.16 -25.32
C SER B 242 21.88 24.70 -24.98
N ASN B 243 20.65 24.39 -24.57
CA ASN B 243 20.10 23.05 -24.68
C ASN B 243 19.20 23.17 -25.89
N PRO B 244 19.43 22.36 -26.95
CA PRO B 244 20.21 21.14 -27.02
C PRO B 244 21.57 21.22 -27.72
N THR B 245 22.05 22.39 -28.11
CA THR B 245 23.18 22.46 -29.05
C THR B 245 24.53 22.65 -28.37
N GLY B 246 24.50 23.20 -27.16
CA GLY B 246 25.72 23.55 -26.47
C GLY B 246 26.40 24.79 -27.03
N SER B 247 25.74 25.47 -27.96
CA SER B 247 26.29 26.72 -28.51
C SER B 247 26.26 27.85 -27.50
N VAL B 248 27.26 28.73 -27.58
CA VAL B 248 27.33 29.91 -26.73
C VAL B 248 27.30 31.13 -27.63
N TYR B 249 26.38 32.05 -27.36
CA TYR B 249 26.28 33.27 -28.15
C TYR B 249 27.44 34.21 -27.83
N PRO B 250 28.22 34.59 -28.85
CA PRO B 250 29.31 35.52 -28.59
C PRO B 250 28.77 36.94 -28.39
N LYS B 251 29.48 37.78 -27.64
CA LYS B 251 29.00 39.13 -27.36
C LYS B 251 28.69 39.95 -28.61
N SER B 252 29.54 39.85 -29.64
CA SER B 252 29.33 40.64 -30.85
C SER B 252 28.01 40.35 -31.55
N LEU B 253 27.60 39.08 -31.55
CA LEU B 253 26.31 38.69 -32.15
C LEU B 253 25.15 39.19 -31.29
N LEU B 254 25.31 39.09 -29.98
CA LEU B 254 24.28 39.57 -29.06
C LEU B 254 24.10 41.08 -29.20
N GLU B 255 25.20 41.77 -29.48
CA GLU B 255 25.13 43.21 -29.67
C GLU B 255 24.36 43.56 -30.95
N GLU B 256 24.49 42.74 -31.98
CA GLU B 256 23.72 42.93 -33.21
C GLU B 256 22.25 42.65 -32.96
N ILE B 257 21.96 41.57 -32.24
CA ILE B 257 20.59 41.23 -31.89
C ILE B 257 19.98 42.35 -31.05
N ALA B 258 20.74 42.81 -30.06
CA ALA B 258 20.26 43.89 -29.20
C ALA B 258 19.91 45.17 -29.96
N ARG B 259 20.71 45.51 -30.97
CA ARG B 259 20.43 46.71 -31.74
C ARG B 259 19.09 46.60 -32.48
N ILE B 260 18.75 45.38 -32.88
CA ILE B 260 17.46 45.13 -33.52
C ILE B 260 16.30 45.26 -32.52
N ILE B 261 16.48 44.71 -31.33
CA ILE B 261 15.45 44.76 -30.29
C ILE B 261 15.17 46.19 -29.85
N ALA B 262 16.21 47.01 -29.79
CA ALA B 262 16.09 48.38 -29.30
C ALA B 262 15.18 49.25 -30.16
N LYS B 263 15.00 48.85 -31.42
CA LYS B 263 14.16 49.61 -32.34
C LYS B 263 12.67 49.29 -32.22
N HIS B 264 12.35 48.29 -31.39
CA HIS B 264 10.96 47.86 -31.24
C HIS B 264 10.54 47.88 -29.77
N PRO B 265 9.77 48.90 -29.38
CA PRO B 265 9.39 49.18 -27.97
C PRO B 265 8.70 48.02 -27.27
N ARG B 266 7.90 47.25 -28.00
CA ARG B 266 7.13 46.17 -27.39
C ARG B 266 7.94 44.91 -27.14
N LEU B 267 9.12 44.83 -27.75
CA LEU B 267 9.88 43.58 -27.75
C LEU B 267 10.73 43.38 -26.49
N LEU B 268 10.47 42.30 -25.77
CA LEU B 268 11.24 41.93 -24.58
C LEU B 268 12.07 40.70 -24.90
N VAL B 269 13.05 40.43 -24.05
CA VAL B 269 13.89 39.25 -24.23
C VAL B 269 13.92 38.41 -22.97
N LEU B 270 13.67 37.11 -23.12
CA LEU B 270 13.77 36.16 -22.01
C LEU B 270 15.07 35.40 -22.16
N SER B 271 16.01 35.69 -21.26
CA SER B 271 17.36 35.15 -21.37
C SER B 271 17.53 33.95 -20.45
N ASP B 272 17.56 32.74 -21.02
CA ASP B 272 17.70 31.53 -20.22
C ASP B 272 19.19 31.23 -20.07
N GLU B 273 19.72 31.49 -18.87
CA GLU B 273 21.16 31.42 -18.63
C GLU B 273 21.54 30.28 -17.68
N ILE B 274 20.69 29.27 -17.60
CA ILE B 274 20.83 28.21 -16.60
C ILE B 274 22.15 27.43 -16.73
N TYR B 275 22.71 27.37 -17.95
CA TYR B 275 23.96 26.64 -18.16
C TYR B 275 25.20 27.50 -18.05
N GLU B 276 25.02 28.75 -17.61
CA GLU B 276 26.07 29.75 -17.53
C GLU B 276 27.47 29.23 -17.15
N HIS B 277 27.53 28.44 -16.08
CA HIS B 277 28.84 28.02 -15.58
C HIS B 277 29.34 26.73 -16.19
N ILE B 278 28.48 26.03 -16.92
CA ILE B 278 28.94 24.87 -17.68
C ILE B 278 29.39 25.41 -19.04
N ILE B 279 30.62 25.92 -19.04
CA ILE B 279 31.17 26.60 -20.20
C ILE B 279 32.66 26.28 -20.30
N TYR B 280 33.16 26.20 -21.53
CA TYR B 280 34.52 25.75 -21.76
C TYR B 280 35.39 26.91 -22.22
N ALA B 281 36.28 27.38 -21.34
CA ALA B 281 37.23 28.42 -21.70
C ALA B 281 37.95 28.03 -22.98
N PRO B 282 38.23 29.01 -23.87
CA PRO B 282 38.08 30.45 -23.65
C PRO B 282 36.69 31.05 -23.91
N ALA B 283 35.68 30.24 -24.23
CA ALA B 283 34.32 30.76 -24.38
C ALA B 283 33.89 31.47 -23.11
N THR B 284 33.11 32.54 -23.26
CA THR B 284 32.60 33.27 -22.11
C THR B 284 31.10 33.57 -22.25
N HIS B 285 30.46 33.79 -21.12
CA HIS B 285 29.03 34.02 -21.05
C HIS B 285 28.73 35.51 -20.95
N THR B 286 27.89 36.03 -21.83
CA THR B 286 27.45 37.41 -21.73
C THR B 286 25.97 37.44 -21.39
N SER B 287 25.60 38.05 -20.26
CA SER B 287 24.19 38.17 -19.92
C SER B 287 23.54 39.16 -20.86
N PHE B 288 22.37 38.83 -21.39
CA PHE B 288 21.71 39.72 -22.33
C PHE B 288 21.39 41.09 -21.71
N ALA B 289 21.02 41.10 -20.44
CA ALA B 289 20.67 42.35 -19.74
C ALA B 289 21.82 43.35 -19.63
N SER B 290 23.04 42.91 -19.95
CA SER B 290 24.20 43.77 -19.84
C SER B 290 24.48 44.53 -21.14
N LEU B 291 23.73 44.21 -22.18
CA LEU B 291 23.91 44.84 -23.49
C LEU B 291 23.29 46.23 -23.50
N PRO B 292 23.76 47.12 -24.39
CA PRO B 292 23.25 48.49 -24.44
C PRO B 292 21.72 48.58 -24.54
N ASP B 293 21.11 49.29 -23.60
CA ASP B 293 19.68 49.54 -23.58
C ASP B 293 18.81 48.30 -23.35
N MET B 294 19.42 47.20 -22.93
CA MET B 294 18.67 45.95 -22.82
C MET B 294 18.20 45.65 -21.39
N TYR B 295 18.72 46.38 -20.41
CA TYR B 295 18.38 46.08 -19.02
C TYR B 295 16.87 46.10 -18.77
N GLU B 296 16.21 47.17 -19.20
CA GLU B 296 14.79 47.31 -18.93
C GLU B 296 13.89 46.42 -19.78
N ARG B 297 14.47 45.72 -20.77
CA ARG B 297 13.63 44.82 -21.56
C ARG B 297 14.01 43.34 -21.45
N THR B 298 14.89 43.03 -20.50
CA THR B 298 15.35 41.66 -20.34
C THR B 298 14.86 41.00 -19.05
N LEU B 299 14.36 39.78 -19.21
CA LEU B 299 14.03 38.92 -18.08
C LEU B 299 15.13 37.88 -17.97
N THR B 300 15.94 38.00 -16.93
CA THR B 300 17.07 37.12 -16.71
C THR B 300 16.66 35.90 -15.91
N VAL B 301 16.80 34.72 -16.49
CA VAL B 301 16.49 33.48 -15.76
C VAL B 301 17.75 32.64 -15.54
N ASN B 302 17.91 32.17 -14.32
CA ASN B 302 19.06 31.36 -13.96
C ASN B 302 18.63 30.45 -12.82
N GLY B 303 19.55 29.69 -12.25
CA GLY B 303 19.14 28.80 -11.17
C GLY B 303 20.24 27.85 -10.80
N PHE B 304 19.87 26.75 -10.16
CA PHE B 304 20.84 25.90 -9.46
C PHE B 304 20.92 24.50 -10.02
N SER B 305 19.95 24.11 -10.84
CA SER B 305 19.85 22.73 -11.27
C SER B 305 21.09 22.20 -11.97
N LYS B 306 21.62 23.00 -12.87
CA LYS B 306 22.64 22.48 -13.79
C LYS B 306 24.06 22.69 -13.26
N ALA B 307 24.37 23.91 -12.86
CA ALA B 307 25.68 24.23 -12.33
C ALA B 307 26.01 23.44 -11.07
N PHE B 308 25.00 23.22 -10.23
CA PHE B 308 25.27 22.65 -8.91
C PHE B 308 24.71 21.26 -8.69
N ALA B 309 24.32 20.59 -9.77
CA ALA B 309 23.69 19.27 -9.70
C ALA B 309 22.56 19.23 -8.66
N MET B 310 21.62 20.15 -8.79
CA MET B 310 20.54 20.28 -7.82
C MET B 310 19.16 20.11 -8.47
N THR B 311 19.10 19.33 -9.53
CA THR B 311 17.85 19.18 -10.28
C THR B 311 16.67 18.74 -9.41
N GLY B 312 16.90 17.77 -8.51
CA GLY B 312 15.85 17.25 -7.65
C GLY B 312 15.41 18.19 -6.54
N TRP B 313 16.19 19.23 -6.29
CA TRP B 313 15.91 20.17 -5.20
C TRP B 313 14.83 21.19 -5.57
N ARG B 314 14.78 21.53 -6.87
CA ARG B 314 13.77 22.45 -7.45
C ARG B 314 13.98 23.91 -7.01
N LEU B 315 15.01 24.54 -7.54
CA LEU B 315 15.29 25.92 -7.17
C LEU B 315 15.80 26.73 -8.35
N GLY B 316 15.05 27.76 -8.73
CA GLY B 316 15.43 28.60 -9.87
C GLY B 316 14.99 30.02 -9.58
N TYR B 317 15.32 30.96 -10.45
CA TYR B 317 14.91 32.35 -10.21
C TYR B 317 14.87 33.21 -11.47
N LEU B 318 14.18 34.34 -11.34
CA LEU B 318 14.08 35.34 -12.38
C LEU B 318 14.50 36.68 -11.80
N ALA B 319 15.30 37.42 -12.54
CA ALA B 319 15.65 38.79 -12.20
C ALA B 319 15.19 39.69 -13.34
N GLY B 320 14.54 40.80 -13.02
CA GLY B 320 13.97 41.62 -14.09
C GLY B 320 13.46 42.96 -13.63
N PRO B 321 12.84 43.72 -14.55
CA PRO B 321 12.21 44.99 -14.20
C PRO B 321 11.14 44.76 -13.14
N LYS B 322 11.09 45.67 -12.17
CA LYS B 322 10.23 45.49 -11.01
C LYS B 322 8.76 45.26 -11.38
N HIS B 323 8.27 46.01 -12.35
CA HIS B 323 6.86 45.91 -12.72
CA HIS B 323 6.87 45.93 -12.78
C HIS B 323 6.53 44.50 -13.21
N ILE B 324 7.47 43.88 -13.91
CA ILE B 324 7.28 42.54 -14.44
C ILE B 324 7.44 41.48 -13.34
N VAL B 325 8.47 41.64 -12.52
CA VAL B 325 8.71 40.70 -11.44
C VAL B 325 7.55 40.67 -10.46
N ALA B 326 6.96 41.84 -10.18
CA ALA B 326 5.77 41.89 -9.32
C ALA B 326 4.62 41.07 -9.91
N ALA B 327 4.46 41.14 -11.21
CA ALA B 327 3.40 40.39 -11.89
C ALA B 327 3.67 38.89 -11.81
N CYS B 328 4.93 38.49 -12.00
CA CYS B 328 5.28 37.08 -11.91
C CYS B 328 5.07 36.58 -10.50
N SER B 329 5.36 37.44 -9.54
CA SER B 329 5.20 37.09 -8.14
C SER B 329 3.73 36.88 -7.80
N LYS B 330 2.87 37.72 -8.34
CA LYS B 330 1.44 37.56 -8.14
C LYS B 330 0.95 36.23 -8.74
N LEU B 331 1.40 35.92 -9.96
CA LEU B 331 1.12 34.64 -10.60
CA LEU B 331 1.09 34.65 -10.58
C LEU B 331 1.56 33.48 -9.72
N GLN B 332 2.79 33.55 -9.25
CA GLN B 332 3.35 32.48 -8.42
C GLN B 332 2.53 32.24 -7.16
N GLY B 333 1.95 33.32 -6.63
CA GLY B 333 1.07 33.21 -5.47
C GLY B 333 -0.15 32.35 -5.70
N GLN B 334 -0.52 32.13 -6.95
CA GLN B 334 -1.63 31.23 -7.27
C GLN B 334 -1.15 29.87 -7.75
N VAL B 335 0.12 29.78 -8.11
CA VAL B 335 0.66 28.56 -8.70
C VAL B 335 1.24 27.66 -7.62
N SER B 336 2.07 28.21 -6.74
CA SER B 336 2.78 27.33 -5.81
C SER B 336 3.17 27.99 -4.50
N SER B 337 2.98 29.30 -4.38
CA SER B 337 3.61 30.07 -3.31
C SER B 337 5.15 29.94 -3.30
N GLY B 338 5.76 30.18 -2.15
CA GLY B 338 7.21 30.16 -2.06
C GLY B 338 7.84 28.82 -2.40
N ALA B 339 9.05 28.85 -2.94
CA ALA B 339 9.79 27.62 -3.15
C ALA B 339 10.14 26.96 -1.82
N SER B 340 10.64 25.73 -1.89
CA SER B 340 11.00 24.98 -0.68
C SER B 340 11.93 25.76 0.27
N SER B 341 11.56 25.83 1.54
CA SER B 341 12.42 26.46 2.56
C SER B 341 13.80 25.77 2.65
N ILE B 342 13.80 24.45 2.48
CA ILE B 342 15.00 23.64 2.58
C ILE B 342 15.89 23.88 1.38
N ALA B 343 15.30 23.82 0.19
CA ALA B 343 16.05 24.05 -1.04
C ALA B 343 16.63 25.45 -1.05
N GLN B 344 15.88 26.41 -0.52
CA GLN B 344 16.36 27.78 -0.53
C GLN B 344 17.62 27.95 0.33
N LYS B 345 17.66 27.27 1.46
CA LYS B 345 18.86 27.30 2.30
C LYS B 345 20.06 26.67 1.58
N ALA B 346 19.79 25.61 0.82
CA ALA B 346 20.83 24.98 0.02
C ALA B 346 21.32 25.92 -1.07
N GLY B 347 20.41 26.68 -1.67
CA GLY B 347 20.80 27.64 -2.69
C GLY B 347 21.72 28.72 -2.14
N VAL B 348 21.43 29.15 -0.92
CA VAL B 348 22.30 30.11 -0.23
C VAL B 348 23.73 29.54 -0.11
N ALA B 349 23.84 28.27 0.25
CA ALA B 349 25.15 27.65 0.38
C ALA B 349 25.85 27.50 -0.98
N ALA B 350 25.08 27.08 -2.00
CA ALA B 350 25.65 26.97 -3.35
C ALA B 350 26.27 28.31 -3.78
N LEU B 351 25.56 29.40 -3.54
CA LEU B 351 26.09 30.70 -3.93
C LEU B 351 27.29 31.08 -3.07
N GLY B 352 27.31 30.58 -1.84
CA GLY B 352 28.41 30.83 -0.93
C GLY B 352 29.70 30.14 -1.34
N LEU B 353 29.63 29.29 -2.35
CA LEU B 353 30.83 28.66 -2.91
C LEU B 353 31.71 29.66 -3.65
N GLY B 354 31.23 30.90 -3.78
CA GLY B 354 32.01 31.93 -4.45
C GLY B 354 31.79 31.98 -5.95
N LYS B 355 32.60 32.78 -6.63
CA LYS B 355 32.39 33.07 -8.05
C LYS B 355 32.42 31.79 -8.87
N ALA B 356 31.38 31.59 -9.69
CA ALA B 356 31.26 30.43 -10.58
C ALA B 356 31.26 29.07 -9.89
N GLY B 357 30.89 29.06 -8.60
CA GLY B 357 30.84 27.83 -7.83
C GLY B 357 32.21 27.33 -7.38
N GLY B 358 33.24 28.14 -7.61
CA GLY B 358 34.58 27.82 -7.14
C GLY B 358 35.15 26.54 -7.70
N GLU B 359 36.02 25.89 -6.93
CA GLU B 359 36.65 24.66 -7.37
C GLU B 359 35.69 23.48 -7.48
N THR B 360 34.63 23.51 -6.68
CA THR B 360 33.64 22.45 -6.72
C THR B 360 32.99 22.34 -8.10
N VAL B 361 32.62 23.49 -8.66
CA VAL B 361 32.00 23.49 -9.97
C VAL B 361 33.08 23.29 -11.04
N ALA B 362 34.24 23.88 -10.81
CA ALA B 362 35.35 23.76 -11.76
C ALA B 362 35.69 22.30 -12.05
N GLU B 363 35.58 21.44 -11.04
CA GLU B 363 35.88 20.02 -11.23
CA GLU B 363 35.89 20.03 -11.23
C GLU B 363 34.86 19.34 -12.11
N MET B 364 33.59 19.71 -11.95
CA MET B 364 32.56 19.13 -12.78
C MET B 364 32.78 19.57 -14.22
N VAL B 365 33.08 20.85 -14.40
CA VAL B 365 33.36 21.41 -15.73
C VAL B 365 34.55 20.76 -16.42
N LYS B 366 35.62 20.50 -15.66
CA LYS B 366 36.80 19.79 -16.19
C LYS B 366 36.40 18.40 -16.71
N ALA B 367 35.55 17.71 -15.96
CA ALA B 367 35.06 16.39 -16.34
C ALA B 367 34.17 16.46 -17.59
N TYR B 368 33.26 17.43 -17.61
CA TYR B 368 32.39 17.64 -18.78
C TYR B 368 33.26 17.90 -20.02
N ARG B 369 34.34 18.68 -19.85
CA ARG B 369 35.18 19.04 -20.99
C ARG B 369 35.89 17.82 -21.55
N GLU B 370 36.41 16.97 -20.67
CA GLU B 370 37.05 15.71 -21.08
C GLU B 370 36.08 14.90 -21.89
N ARG B 371 34.85 14.81 -21.40
CA ARG B 371 33.79 14.06 -22.05
C ARG B 371 33.45 14.64 -23.43
N ARG B 372 33.27 15.96 -23.47
CA ARG B 372 32.97 16.64 -24.73
C ARG B 372 34.07 16.35 -25.74
N ASP B 373 35.30 16.56 -25.31
CA ASP B 373 36.44 16.39 -26.21
C ASP B 373 36.54 14.98 -26.75
N PHE B 374 36.29 14.01 -25.90
CA PHE B 374 36.33 12.61 -26.31
C PHE B 374 35.25 12.31 -27.34
N LEU B 375 34.02 12.70 -27.01
CA LEU B 375 32.86 12.45 -27.87
C LEU B 375 33.06 13.04 -29.26
N VAL B 376 33.50 14.30 -29.30
CA VAL B 376 33.65 15.01 -30.56
C VAL B 376 34.69 14.35 -31.46
N LYS B 377 35.86 14.05 -30.88
CA LYS B 377 36.93 13.37 -31.61
C LYS B 377 36.45 12.00 -32.10
N SER B 378 35.67 11.32 -31.27
CA SER B 378 35.23 9.95 -31.57
C SER B 378 34.15 9.89 -32.65
N LEU B 379 33.13 10.72 -32.52
CA LEU B 379 32.01 10.71 -33.47
C LEU B 379 32.36 11.52 -34.71
N GLY B 380 33.23 12.50 -34.54
CA GLY B 380 33.63 13.37 -35.63
C GLY B 380 34.30 12.64 -36.78
N ASP B 381 34.91 11.49 -36.50
CA ASP B 381 35.60 10.74 -37.56
CA ASP B 381 35.61 10.74 -37.54
C ASP B 381 34.77 9.57 -38.08
N ILE B 382 33.47 9.70 -37.99
CA ILE B 382 32.56 8.73 -38.59
C ILE B 382 32.03 9.36 -39.87
N LYS B 383 32.05 8.60 -40.96
CA LYS B 383 31.56 9.12 -42.23
C LYS B 383 30.10 9.55 -42.09
N GLY B 384 29.75 10.68 -42.71
CA GLY B 384 28.37 11.13 -42.72
C GLY B 384 27.86 11.77 -41.44
N VAL B 385 28.78 12.14 -40.56
CA VAL B 385 28.39 12.79 -39.31
C VAL B 385 28.85 14.24 -39.33
N LYS B 386 27.94 15.17 -39.03
CA LYS B 386 28.32 16.56 -38.87
C LYS B 386 28.19 16.98 -37.42
N ILE B 387 29.17 17.72 -36.93
CA ILE B 387 29.15 18.18 -35.54
C ILE B 387 29.35 19.68 -35.48
N SER B 388 28.64 20.33 -34.56
CA SER B 388 28.96 21.71 -34.23
C SER B 388 29.57 21.62 -32.86
N GLU B 389 30.80 22.10 -32.72
CA GLU B 389 31.48 22.04 -31.42
C GLU B 389 30.78 22.88 -30.35
N PRO B 390 30.27 22.21 -29.32
CA PRO B 390 29.62 23.01 -28.29
C PRO B 390 30.66 23.71 -27.43
N GLN B 391 30.30 24.88 -26.91
CA GLN B 391 31.19 25.64 -26.03
CA GLN B 391 31.19 25.63 -26.03
C GLN B 391 30.64 25.65 -24.61
N GLY B 392 29.49 25.02 -24.42
CA GLY B 392 28.86 24.99 -23.11
C GLY B 392 27.78 23.91 -22.98
N ALA B 393 27.18 23.85 -21.79
CA ALA B 393 26.26 22.78 -21.44
C ALA B 393 26.91 21.40 -21.62
N PHE B 394 26.10 20.36 -21.69
CA PHE B 394 26.62 18.99 -21.80
C PHE B 394 25.88 18.14 -22.83
N TYR B 395 25.60 18.76 -23.96
CA TYR B 395 24.87 18.13 -25.05
C TYR B 395 25.68 18.27 -26.34
N LEU B 396 25.68 17.22 -27.15
CA LEU B 396 26.13 17.34 -28.54
C LEU B 396 24.88 17.19 -29.39
N PHE B 397 24.64 18.12 -30.31
CA PHE B 397 23.49 18.01 -31.21
C PHE B 397 24.04 17.61 -32.56
N ILE B 398 23.98 16.33 -32.86
CA ILE B 398 24.74 15.74 -33.95
C ILE B 398 23.89 15.44 -35.18
N ASP B 399 24.40 15.84 -36.35
CA ASP B 399 23.72 15.62 -37.63
C ASP B 399 24.13 14.26 -38.22
N PHE B 400 23.22 13.31 -38.14
CA PHE B 400 23.37 12.00 -38.76
C PHE B 400 22.47 11.91 -39.99
N SER B 401 21.96 13.04 -40.46
CA SER B 401 20.93 13.04 -41.54
C SER B 401 21.41 12.42 -42.87
N ALA B 402 22.72 12.33 -43.07
CA ALA B 402 23.24 11.67 -44.26
C ALA B 402 22.79 10.21 -44.32
N TYR B 403 22.42 9.65 -43.17
CA TYR B 403 22.00 8.24 -43.09
C TYR B 403 20.51 8.06 -43.38
N TYR B 404 19.76 9.16 -43.42
CA TYR B 404 18.34 9.05 -43.73
C TYR B 404 18.15 8.43 -45.12
N GLY B 405 17.19 7.53 -45.22
CA GLY B 405 16.96 6.76 -46.44
C GLY B 405 17.44 5.32 -46.32
N SER B 406 18.25 5.04 -45.30
CA SER B 406 18.79 3.69 -45.12
CA SER B 406 18.80 3.70 -45.07
C SER B 406 17.75 2.70 -44.57
N GLU B 407 17.94 1.43 -44.92
CA GLU B 407 17.09 0.37 -44.43
C GLU B 407 17.91 -0.49 -43.47
N ALA B 408 17.37 -0.72 -42.28
CA ALA B 408 18.08 -1.53 -41.31
C ALA B 408 17.38 -2.85 -41.12
N GLU B 409 18.14 -3.94 -41.16
CA GLU B 409 17.51 -5.24 -41.02
C GLU B 409 16.90 -5.40 -39.64
N GLY B 410 15.75 -6.06 -39.58
CA GLY B 410 15.03 -6.24 -38.34
C GLY B 410 14.49 -4.95 -37.75
N PHE B 411 14.43 -3.90 -38.56
CA PHE B 411 13.91 -2.61 -38.08
C PHE B 411 13.09 -1.87 -39.11
N GLY B 412 13.64 -1.71 -40.32
CA GLY B 412 12.94 -1.04 -41.39
C GLY B 412 13.60 0.27 -41.73
N LEU B 413 12.81 1.20 -42.22
CA LEU B 413 13.30 2.47 -42.79
C LEU B 413 13.71 3.46 -41.72
N ILE B 414 14.92 4.02 -41.89
CA ILE B 414 15.37 5.16 -41.10
C ILE B 414 15.36 6.37 -42.00
N ASN B 415 14.48 7.33 -41.72
CA ASN B 415 14.36 8.48 -42.61
C ASN B 415 14.12 9.80 -41.89
N ASP B 416 14.26 9.80 -40.57
CA ASP B 416 14.13 11.03 -39.79
C ASP B 416 14.78 10.82 -38.43
N SER B 417 14.77 11.85 -37.57
CA SER B 417 15.49 11.75 -36.30
C SER B 417 14.83 10.71 -35.39
N SER B 418 13.51 10.66 -35.43
CA SER B 418 12.77 9.77 -34.56
CA SER B 418 12.77 9.76 -34.56
C SER B 418 13.07 8.30 -34.88
N SER B 419 13.03 7.94 -36.16
CA SER B 419 13.30 6.55 -36.54
C SER B 419 14.75 6.18 -36.30
N LEU B 420 15.67 7.12 -36.55
CA LEU B 420 17.08 6.87 -36.28
C LEU B 420 17.32 6.64 -34.79
N ALA B 421 16.79 7.52 -33.95
CA ALA B 421 16.91 7.34 -32.49
C ALA B 421 16.32 6.00 -32.04
N LEU B 422 15.18 5.63 -32.61
CA LEU B 422 14.52 4.40 -32.20
CA LEU B 422 14.53 4.39 -32.20
C LEU B 422 15.34 3.20 -32.67
N TYR B 423 16.00 3.33 -33.82
CA TYR B 423 16.91 2.29 -34.32
C TYR B 423 18.12 2.11 -33.40
N PHE B 424 18.72 3.23 -33.00
CA PHE B 424 19.85 3.20 -32.08
C PHE B 424 19.49 2.46 -30.79
N LEU B 425 18.27 2.69 -30.30
CA LEU B 425 17.83 2.09 -29.05
C LEU B 425 17.34 0.65 -29.25
N ASP B 426 16.43 0.46 -30.20
CA ASP B 426 15.83 -0.86 -30.43
C ASP B 426 16.87 -1.88 -30.83
N LYS B 427 17.81 -1.49 -31.68
CA LYS B 427 18.76 -2.46 -32.23
C LYS B 427 20.14 -2.43 -31.57
N PHE B 428 20.54 -1.29 -31.02
CA PHE B 428 21.90 -1.15 -30.49
C PHE B 428 22.00 -0.64 -29.04
N GLN B 429 20.85 -0.53 -28.39
CA GLN B 429 20.76 -0.31 -26.94
C GLN B 429 21.31 1.03 -26.46
N VAL B 430 21.22 2.06 -27.29
CA VAL B 430 21.64 3.40 -26.85
C VAL B 430 20.48 4.39 -26.98
N ALA B 431 20.09 5.01 -25.86
CA ALA B 431 18.96 5.92 -25.83
C ALA B 431 19.42 7.36 -25.96
N MET B 432 18.90 8.04 -26.98
CA MET B 432 19.22 9.42 -27.29
C MET B 432 17.91 10.13 -27.64
N VAL B 433 17.93 11.45 -27.76
CA VAL B 433 16.69 12.19 -28.00
C VAL B 433 16.65 12.72 -29.44
N PRO B 434 15.59 12.38 -30.18
CA PRO B 434 15.56 12.85 -31.57
C PRO B 434 15.44 14.37 -31.69
N GLY B 435 16.11 14.93 -32.69
CA GLY B 435 16.15 16.38 -32.85
C GLY B 435 14.79 16.98 -33.13
N ASP B 436 13.86 16.18 -33.63
CA ASP B 436 12.52 16.71 -33.89
CA ASP B 436 12.52 16.73 -33.89
C ASP B 436 11.85 17.17 -32.58
N ALA B 437 12.31 16.63 -31.46
CA ALA B 437 11.82 17.07 -30.15
C ALA B 437 12.19 18.54 -29.89
N PHE B 438 13.24 19.00 -30.57
CA PHE B 438 13.75 20.36 -30.39
C PHE B 438 13.52 21.21 -31.64
N GLY B 439 12.64 20.75 -32.52
CA GLY B 439 12.32 21.50 -33.72
C GLY B 439 13.35 21.42 -34.84
N ASP B 440 14.26 20.45 -34.79
CA ASP B 440 15.24 20.28 -35.89
C ASP B 440 15.51 18.80 -36.16
N ASP B 441 14.80 18.27 -37.15
CA ASP B 441 14.82 16.84 -37.44
C ASP B 441 16.15 16.35 -38.06
N SER B 442 17.09 17.25 -38.28
CA SER B 442 18.35 16.87 -38.94
C SER B 442 19.33 16.22 -37.94
N CYS B 443 19.02 16.31 -36.65
CA CYS B 443 19.98 15.93 -35.62
C CYS B 443 19.40 15.03 -34.54
N ILE B 444 20.29 14.53 -33.70
CA ILE B 444 19.93 13.82 -32.48
C ILE B 444 20.74 14.42 -31.32
N ARG B 445 20.11 14.60 -30.16
CA ARG B 445 20.82 15.12 -29.00
C ARG B 445 21.40 13.99 -28.17
N ILE B 446 22.69 14.11 -27.88
CA ILE B 446 23.39 13.17 -27.01
C ILE B 446 23.81 13.94 -25.76
N SER B 447 23.48 13.41 -24.59
CA SER B 447 23.91 14.03 -23.35
CA SER B 447 23.92 14.04 -23.36
C SER B 447 25.20 13.37 -22.93
N TYR B 448 26.19 14.19 -22.56
CA TYR B 448 27.41 13.61 -22.05
C TYR B 448 27.56 13.86 -20.56
N ALA B 449 26.41 14.01 -19.90
CA ALA B 449 26.38 13.95 -18.44
C ALA B 449 26.34 12.49 -17.99
N THR B 450 27.42 11.77 -18.31
CA THR B 450 27.62 10.40 -17.88
C THR B 450 29.14 10.19 -17.98
N SER B 451 29.66 9.15 -17.34
CA SER B 451 31.12 8.99 -17.26
C SER B 451 31.75 8.66 -18.62
N LEU B 452 33.02 8.98 -18.73
CA LEU B 452 33.83 8.59 -19.90
C LEU B 452 33.69 7.12 -20.22
N ASP B 453 33.43 6.30 -19.21
CA ASP B 453 33.32 4.85 -19.42
C ASP B 453 32.05 4.52 -20.20
N VAL B 454 30.95 5.17 -19.81
CA VAL B 454 29.69 4.97 -20.53
C VAL B 454 29.80 5.52 -21.95
N LEU B 455 30.49 6.65 -22.08
CA LEU B 455 30.66 7.29 -23.38
C LEU B 455 31.50 6.47 -24.36
N GLN B 456 32.52 5.78 -23.85
CA GLN B 456 33.34 4.97 -24.74
C GLN B 456 32.53 3.79 -25.22
N ALA B 457 31.71 3.25 -24.32
CA ALA B 457 30.83 2.14 -24.68
C ALA B 457 29.77 2.56 -25.70
N ALA B 458 29.23 3.77 -25.54
CA ALA B 458 28.18 4.26 -26.44
C ALA B 458 28.76 4.53 -27.83
N VAL B 459 29.97 5.08 -27.86
CA VAL B 459 30.63 5.38 -29.13
C VAL B 459 30.83 4.12 -29.96
N GLU B 460 31.25 3.04 -29.32
CA GLU B 460 31.41 1.77 -30.04
C GLU B 460 30.08 1.25 -30.59
N LYS B 461 29.01 1.33 -29.81
CA LYS B 461 27.68 0.92 -30.26
C LYS B 461 27.20 1.76 -31.44
N ILE B 462 27.38 3.06 -31.35
CA ILE B 462 26.98 3.96 -32.42
C ILE B 462 27.72 3.63 -33.73
N ARG B 463 29.02 3.39 -33.62
CA ARG B 463 29.82 3.01 -34.78
C ARG B 463 29.29 1.75 -35.43
N LYS B 464 28.99 0.75 -34.61
CA LYS B 464 28.49 -0.53 -35.11
C LYS B 464 27.09 -0.37 -35.69
N ALA B 465 26.34 0.57 -35.15
CA ALA B 465 24.97 0.79 -35.63
C ALA B 465 24.96 1.42 -37.02
N LEU B 466 25.93 2.30 -37.29
CA LEU B 466 25.96 3.03 -38.55
C LEU B 466 26.67 2.25 -39.65
N GLU B 467 27.60 1.38 -39.24
CA GLU B 467 28.37 0.53 -40.15
C GLU B 467 27.54 -0.15 -41.26
N PRO B 468 26.46 -0.87 -40.91
CA PRO B 468 25.75 -1.53 -42.02
C PRO B 468 24.80 -0.62 -42.80
N LEU B 469 24.60 0.62 -42.37
CA LEU B 469 23.76 1.56 -43.12
C LEU B 469 24.58 2.22 -44.21
N ARG B 470 25.80 1.71 -44.36
CA ARG B 470 26.95 2.33 -45.06
C ARG B 470 27.69 3.29 -44.14
N SER C 71 -18.02 -45.53 12.62
CA SER C 71 -19.11 -44.87 11.90
C SER C 71 -18.83 -43.38 11.70
N LEU C 72 -18.55 -43.00 10.46
CA LEU C 72 -18.11 -41.65 10.17
C LEU C 72 -19.20 -40.80 9.53
N SER C 73 -19.03 -39.48 9.57
CA SER C 73 -19.96 -38.57 8.94
C SER C 73 -19.92 -38.74 7.43
N PRO C 74 -21.08 -38.60 6.77
CA PRO C 74 -21.16 -38.69 5.31
C PRO C 74 -20.16 -37.76 4.62
N ARG C 75 -19.94 -36.59 5.20
CA ARG C 75 -18.97 -35.64 4.68
C ARG C 75 -17.60 -36.27 4.44
N VAL C 76 -17.04 -36.88 5.49
CA VAL C 76 -15.72 -37.49 5.39
CA VAL C 76 -15.72 -37.48 5.37
C VAL C 76 -15.77 -38.75 4.52
N GLN C 77 -16.91 -39.45 4.56
CA GLN C 77 -17.07 -40.65 3.74
C GLN C 77 -17.10 -40.28 2.27
N SER C 78 -17.54 -39.06 1.98
CA SER C 78 -17.62 -38.59 0.60
C SER C 78 -16.24 -38.28 0.02
N LEU C 79 -15.25 -38.20 0.89
CA LEU C 79 -13.89 -37.87 0.48
C LEU C 79 -13.23 -39.00 -0.32
N LYS C 80 -12.85 -38.69 -1.54
CA LYS C 80 -12.34 -39.70 -2.47
C LYS C 80 -10.89 -40.10 -2.18
N PRO C 81 -10.61 -41.41 -2.27
CA PRO C 81 -9.26 -41.96 -2.12
C PRO C 81 -8.34 -41.42 -3.20
N SER C 82 -7.05 -41.28 -2.90
CA SER C 82 -6.12 -40.75 -3.90
C SER C 82 -5.68 -41.83 -4.88
N LYS C 83 -5.64 -41.47 -6.16
CA LYS C 83 -5.10 -42.35 -7.19
C LYS C 83 -3.59 -42.15 -7.24
N THR C 84 -3.15 -41.19 -6.45
CA THR C 84 -1.77 -40.78 -6.37
C THR C 84 -0.93 -41.76 -5.54
N MET C 85 -1.50 -42.20 -4.43
CA MET C 85 -0.74 -42.85 -3.36
C MET C 85 0.05 -44.11 -3.75
N VAL C 86 -0.52 -44.95 -4.60
CA VAL C 86 0.15 -46.21 -4.92
C VAL C 86 1.50 -45.98 -5.59
N ILE C 87 1.59 -44.91 -6.38
CA ILE C 87 2.84 -44.55 -7.04
C ILE C 87 3.81 -43.93 -6.05
N THR C 88 3.27 -43.02 -5.23
CA THR C 88 4.04 -42.39 -4.16
C THR C 88 4.64 -43.44 -3.25
N ASP C 89 3.78 -44.37 -2.83
CA ASP C 89 4.16 -45.41 -1.89
C ASP C 89 5.18 -46.38 -2.48
N LEU C 90 4.91 -46.85 -3.70
CA LEU C 90 5.82 -47.78 -4.37
C LEU C 90 7.19 -47.15 -4.57
N ALA C 91 7.20 -45.91 -5.05
CA ALA C 91 8.45 -45.17 -5.27
C ALA C 91 9.26 -45.07 -3.98
N ALA C 92 8.56 -44.87 -2.87
CA ALA C 92 9.23 -44.76 -1.58
C ALA C 92 9.85 -46.08 -1.17
N THR C 93 9.07 -47.15 -1.26
CA THR C 93 9.57 -48.48 -0.90
C THR C 93 10.67 -48.93 -1.86
N LEU C 94 10.60 -48.49 -3.11
CA LEU C 94 11.64 -48.79 -4.09
C LEU C 94 12.97 -48.15 -3.67
N VAL C 95 12.91 -46.88 -3.29
CA VAL C 95 14.09 -46.14 -2.89
C VAL C 95 14.72 -46.72 -1.62
N GLN C 96 13.88 -47.05 -0.65
CA GLN C 96 14.33 -47.65 0.60
C GLN C 96 15.04 -48.98 0.35
N SER C 97 14.72 -49.62 -0.76
CA SER C 97 15.23 -50.94 -1.08
C SER C 97 16.47 -50.95 -1.98
N GLY C 98 17.16 -49.81 -2.05
CA GLY C 98 18.37 -49.73 -2.85
C GLY C 98 18.08 -49.62 -4.34
N VAL C 99 16.86 -49.25 -4.67
CA VAL C 99 16.48 -49.00 -6.06
C VAL C 99 16.28 -47.51 -6.25
N PRO C 100 17.26 -46.84 -6.88
CA PRO C 100 17.17 -45.40 -7.14
C PRO C 100 15.98 -45.09 -8.03
N VAL C 101 15.22 -44.08 -7.67
CA VAL C 101 14.06 -43.70 -8.46
C VAL C 101 14.14 -42.21 -8.78
N ILE C 102 13.92 -41.87 -10.05
CA ILE C 102 13.81 -40.46 -10.44
C ILE C 102 12.40 -39.98 -10.14
N ARG C 103 12.29 -39.10 -9.15
CA ARG C 103 10.99 -38.67 -8.65
C ARG C 103 10.60 -37.32 -9.24
N LEU C 104 9.57 -37.33 -10.08
CA LEU C 104 9.08 -36.10 -10.69
C LEU C 104 7.60 -35.94 -10.36
N ALA C 105 7.20 -36.41 -9.18
CA ALA C 105 5.79 -36.40 -8.82
C ALA C 105 5.49 -35.29 -7.80
N ALA C 106 6.53 -34.61 -7.36
CA ALA C 106 6.39 -33.66 -6.26
C ALA C 106 5.89 -32.30 -6.73
N GLY C 107 4.90 -31.77 -6.01
CA GLY C 107 4.35 -30.46 -6.33
C GLY C 107 4.92 -29.37 -5.45
N GLU C 108 6.25 -29.29 -5.40
CA GLU C 108 6.93 -28.25 -4.62
C GLU C 108 8.31 -27.96 -5.21
N PRO C 109 8.76 -26.71 -5.09
CA PRO C 109 10.04 -26.30 -5.67
C PRO C 109 11.20 -27.07 -5.05
N ASP C 110 12.28 -27.24 -5.79
CA ASP C 110 13.47 -27.92 -5.28
C ASP C 110 14.37 -26.93 -4.54
N PHE C 111 14.14 -25.65 -4.76
CA PHE C 111 14.96 -24.59 -4.17
C PHE C 111 14.76 -24.46 -2.67
N ASP C 112 15.81 -24.07 -1.97
CA ASP C 112 15.69 -23.69 -0.56
C ASP C 112 14.89 -22.41 -0.42
N THR C 113 14.31 -22.20 0.76
CA THR C 113 13.76 -20.89 1.08
C THR C 113 14.89 -19.86 0.92
N PRO C 114 14.60 -18.71 0.30
CA PRO C 114 15.62 -17.66 0.16
C PRO C 114 16.24 -17.26 1.50
N LYS C 115 17.54 -17.02 1.50
CA LYS C 115 18.28 -16.79 2.75
C LYS C 115 17.73 -15.62 3.57
N VAL C 116 17.41 -14.53 2.90
CA VAL C 116 16.84 -13.35 3.57
C VAL C 116 15.53 -13.69 4.27
N VAL C 117 14.72 -14.54 3.64
CA VAL C 117 13.47 -15.00 4.23
C VAL C 117 13.72 -15.93 5.42
N ALA C 118 14.61 -16.91 5.23
CA ALA C 118 14.97 -17.84 6.28
C ALA C 118 15.51 -17.08 7.51
N GLU C 119 16.35 -16.08 7.25
CA GLU C 119 16.91 -15.26 8.33
C GLU C 119 15.82 -14.51 9.10
N ALA C 120 14.78 -14.08 8.39
CA ALA C 120 13.69 -13.37 9.05
C ALA C 120 12.94 -14.31 9.98
N GLY C 121 12.82 -15.58 9.57
CA GLY C 121 12.13 -16.56 10.39
C GLY C 121 12.96 -16.83 11.62
N ILE C 122 14.26 -16.97 11.41
CA ILE C 122 15.20 -17.19 12.53
C ILE C 122 15.18 -16.02 13.51
N ASN C 123 15.21 -14.79 12.98
CA ASN C 123 15.13 -13.60 13.82
C ASN C 123 13.82 -13.51 14.60
N ALA C 124 12.71 -13.92 13.98
CA ALA C 124 11.43 -13.95 14.70
C ALA C 124 11.51 -14.86 15.92
N ILE C 125 12.11 -16.04 15.75
CA ILE C 125 12.26 -16.96 16.86
C ILE C 125 13.16 -16.34 17.92
N ARG C 126 14.26 -15.75 17.48
CA ARG C 126 15.24 -15.23 18.44
C ARG C 126 14.68 -14.05 19.23
N GLU C 127 13.78 -13.31 18.60
CA GLU C 127 13.20 -12.12 19.19
C GLU C 127 11.92 -12.41 19.95
N GLY C 128 11.52 -13.68 20.01
CA GLY C 128 10.37 -14.05 20.80
C GLY C 128 9.01 -13.88 20.15
N PHE C 129 8.99 -13.75 18.82
CA PHE C 129 7.72 -13.65 18.09
CA PHE C 129 7.72 -13.65 18.09
C PHE C 129 7.10 -15.03 17.95
N THR C 130 6.67 -15.58 19.08
CA THR C 130 6.23 -16.95 19.18
C THR C 130 4.88 -17.06 19.85
N ARG C 131 4.17 -15.94 19.93
CA ARG C 131 2.86 -15.89 20.57
C ARG C 131 1.78 -15.84 19.49
N TYR C 132 0.53 -16.11 19.87
CA TYR C 132 -0.62 -15.98 18.97
C TYR C 132 -0.64 -14.65 18.24
N THR C 133 -0.99 -14.67 16.96
CA THR C 133 -1.23 -13.41 16.25
C THR C 133 -2.74 -13.16 16.21
N LEU C 134 -3.10 -11.97 15.73
CA LEU C 134 -4.48 -11.70 15.33
C LEU C 134 -4.93 -12.85 14.45
N ASN C 135 -6.18 -13.27 14.60
CA ASN C 135 -6.71 -14.35 13.78
C ASN C 135 -6.48 -14.08 12.29
N ALA C 136 -6.71 -12.84 11.87
CA ALA C 136 -6.62 -12.50 10.44
C ALA C 136 -5.20 -12.39 9.92
N GLY C 137 -4.23 -12.32 10.82
CA GLY C 137 -2.84 -12.18 10.44
C GLY C 137 -2.25 -10.89 11.00
N ILE C 138 -0.95 -10.87 11.25
CA ILE C 138 -0.34 -9.66 11.79
C ILE C 138 -0.54 -8.49 10.83
N THR C 139 -0.78 -7.31 11.40
CA THR C 139 -1.07 -6.12 10.62
C THR C 139 0.03 -5.80 9.58
N GLU C 140 1.28 -5.93 9.98
CA GLU C 140 2.42 -5.71 9.10
C GLU C 140 2.34 -6.54 7.81
N LEU C 141 1.93 -7.79 7.96
CA LEU C 141 1.84 -8.70 6.83
C LEU C 141 0.62 -8.39 5.97
N ARG C 142 -0.51 -8.12 6.61
CA ARG C 142 -1.70 -7.78 5.84
C ARG C 142 -1.48 -6.48 5.05
N GLU C 143 -0.76 -5.53 5.62
CA GLU C 143 -0.41 -4.30 4.92
CA GLU C 143 -0.43 -4.31 4.90
C GLU C 143 0.51 -4.62 3.75
N ALA C 144 1.48 -5.50 3.98
CA ALA C 144 2.42 -5.84 2.92
C ALA C 144 1.71 -6.56 1.79
N ILE C 145 0.72 -7.38 2.15
CA ILE C 145 -0.07 -8.08 1.17
C ILE C 145 -0.88 -7.08 0.33
N CYS C 146 -1.47 -6.09 0.96
CA CYS C 146 -2.19 -5.07 0.20
C CYS C 146 -1.26 -4.32 -0.77
N ARG C 147 -0.07 -4.03 -0.29
CA ARG C 147 0.94 -3.36 -1.12
C ARG C 147 1.31 -4.20 -2.33
N LYS C 148 1.50 -5.50 -2.12
CA LYS C 148 1.81 -6.44 -3.21
C LYS C 148 0.67 -6.52 -4.22
N LEU C 149 -0.55 -6.59 -3.73
CA LEU C 149 -1.70 -6.76 -4.61
C LEU C 149 -1.92 -5.53 -5.47
N LYS C 150 -1.62 -4.36 -4.94
CA LYS C 150 -1.71 -3.13 -5.72
C LYS C 150 -0.56 -3.02 -6.73
N GLU C 151 0.66 -3.23 -6.24
CA GLU C 151 1.84 -3.06 -7.08
CA GLU C 151 1.84 -3.06 -7.08
C GLU C 151 1.96 -4.07 -8.21
N GLU C 152 1.65 -5.33 -7.91
CA GLU C 152 1.82 -6.42 -8.88
C GLU C 152 0.56 -6.74 -9.67
N ASN C 153 -0.61 -6.56 -9.06
CA ASN C 153 -1.84 -7.04 -9.68
C ASN C 153 -2.83 -5.93 -10.03
N GLY C 154 -2.51 -4.69 -9.66
CA GLY C 154 -3.41 -3.58 -9.90
C GLY C 154 -4.72 -3.67 -9.14
N LEU C 155 -4.68 -4.30 -7.97
CA LEU C 155 -5.87 -4.52 -7.16
C LEU C 155 -5.84 -3.68 -5.89
N SER C 156 -6.96 -3.06 -5.55
CA SER C 156 -7.06 -2.27 -4.31
C SER C 156 -7.77 -3.03 -3.20
N TYR C 157 -7.01 -3.39 -2.17
CA TYR C 157 -7.59 -3.99 -0.96
C TYR C 157 -7.08 -3.27 0.27
N ALA C 158 -7.92 -3.16 1.29
CA ALA C 158 -7.51 -2.67 2.60
C ALA C 158 -7.15 -3.87 3.46
N PRO C 159 -6.37 -3.66 4.54
CA PRO C 159 -5.96 -4.79 5.39
C PRO C 159 -7.12 -5.62 5.94
N ASP C 160 -8.29 -5.02 6.18
CA ASP C 160 -9.42 -5.81 6.66
C ASP C 160 -10.08 -6.66 5.57
N GLN C 161 -9.52 -6.64 4.37
CA GLN C 161 -10.00 -7.50 3.31
C GLN C 161 -9.05 -8.65 3.04
N ILE C 162 -8.07 -8.81 3.94
CA ILE C 162 -7.07 -9.87 3.82
C ILE C 162 -7.20 -10.87 4.98
N LEU C 163 -7.17 -12.16 4.66
CA LEU C 163 -7.11 -13.21 5.68
C LEU C 163 -5.90 -14.09 5.44
N VAL C 164 -5.00 -14.17 6.40
CA VAL C 164 -3.81 -15.00 6.28
C VAL C 164 -4.06 -16.36 6.93
N SER C 165 -3.71 -17.44 6.23
CA SER C 165 -4.02 -18.79 6.72
C SER C 165 -2.79 -19.70 6.66
N ASN C 166 -2.94 -20.92 7.14
CA ASN C 166 -1.86 -21.92 7.14
C ASN C 166 -1.70 -22.56 5.78
N GLY C 167 -1.24 -21.77 4.81
CA GLY C 167 -1.15 -22.20 3.44
C GLY C 167 -2.38 -21.78 2.68
N ALA C 168 -2.27 -21.73 1.36
CA ALA C 168 -3.39 -21.30 0.53
C ALA C 168 -4.46 -22.38 0.42
N LYS C 169 -4.10 -23.63 0.68
CA LYS C 169 -5.10 -24.70 0.63
C LYS C 169 -6.21 -24.39 1.63
N GLN C 170 -5.82 -23.91 2.81
CA GLN C 170 -6.80 -23.53 3.81
C GLN C 170 -7.61 -22.31 3.35
N SER C 171 -6.92 -21.36 2.71
CA SER C 171 -7.58 -20.17 2.17
C SER C 171 -8.71 -20.56 1.24
N LEU C 172 -8.40 -21.47 0.32
CA LEU C 172 -9.37 -21.97 -0.66
C LEU C 172 -10.52 -22.68 0.02
N LEU C 173 -10.23 -23.55 1.00
CA LEU C 173 -11.29 -24.30 1.64
C LEU C 173 -12.28 -23.37 2.34
N GLN C 174 -11.74 -22.42 3.10
CA GLN C 174 -12.58 -21.50 3.85
C GLN C 174 -13.45 -20.66 2.91
N ALA C 175 -12.89 -20.25 1.78
CA ALA C 175 -13.66 -19.51 0.77
C ALA C 175 -14.86 -20.32 0.31
N VAL C 176 -14.63 -21.58 -0.02
CA VAL C 176 -15.69 -22.45 -0.52
C VAL C 176 -16.77 -22.68 0.53
N LEU C 177 -16.34 -22.94 1.76
CA LEU C 177 -17.27 -23.20 2.86
C LEU C 177 -18.10 -21.98 3.20
N ALA C 178 -17.51 -20.80 3.02
CA ALA C 178 -18.17 -19.55 3.39
C ALA C 178 -19.29 -19.21 2.44
N VAL C 179 -19.03 -19.37 1.14
CA VAL C 179 -19.98 -18.86 0.13
C VAL C 179 -20.95 -19.89 -0.44
N CYS C 180 -20.63 -21.18 -0.32
CA CYS C 180 -21.50 -22.21 -0.90
C CYS C 180 -22.51 -22.78 0.09
N SER C 181 -23.78 -22.72 -0.27
CA SER C 181 -24.84 -23.34 0.51
C SER C 181 -25.07 -24.76 -0.02
N PRO C 182 -25.66 -25.64 0.80
CA PRO C 182 -25.91 -27.00 0.32
C PRO C 182 -26.73 -26.99 -0.97
N GLY C 183 -26.30 -27.79 -1.94
CA GLY C 183 -26.97 -27.83 -3.23
C GLY C 183 -26.35 -26.91 -4.25
N ASP C 184 -25.56 -25.95 -3.81
CA ASP C 184 -24.87 -25.07 -4.75
C ASP C 184 -23.92 -25.88 -5.64
N GLU C 185 -23.59 -25.31 -6.79
CA GLU C 185 -22.67 -25.93 -7.73
C GLU C 185 -21.36 -25.16 -7.78
N VAL C 186 -20.25 -25.91 -7.79
CA VAL C 186 -18.92 -25.33 -7.89
C VAL C 186 -18.34 -25.75 -9.22
N ILE C 187 -18.10 -24.80 -10.10
CA ILE C 187 -17.62 -25.10 -11.44
C ILE C 187 -16.11 -25.17 -11.47
N ILE C 188 -15.61 -26.33 -11.87
CA ILE C 188 -14.20 -26.67 -11.77
C ILE C 188 -13.71 -27.21 -13.09
N PRO C 189 -12.92 -26.42 -13.82
CA PRO C 189 -12.37 -26.90 -15.09
C PRO C 189 -11.33 -27.99 -14.87
N ALA C 190 -11.41 -29.05 -15.66
CA ALA C 190 -10.40 -30.08 -15.65
C ALA C 190 -9.39 -29.79 -16.76
N PRO C 191 -8.13 -30.21 -16.61
CA PRO C 191 -7.53 -30.87 -15.45
C PRO C 191 -7.53 -29.94 -14.24
N TYR C 192 -7.86 -30.47 -13.07
CA TYR C 192 -7.97 -29.65 -11.88
C TYR C 192 -6.98 -30.11 -10.83
N TRP C 193 -6.64 -29.20 -9.93
CA TRP C 193 -5.89 -29.56 -8.74
C TRP C 193 -6.84 -30.41 -7.89
N VAL C 194 -6.36 -31.56 -7.43
CA VAL C 194 -7.18 -32.56 -6.77
C VAL C 194 -8.15 -32.01 -5.71
N SER C 195 -7.65 -31.09 -4.89
CA SER C 195 -8.41 -30.59 -3.74
C SER C 195 -9.69 -29.80 -4.07
N TYR C 196 -9.78 -29.21 -5.25
CA TYR C 196 -10.93 -28.37 -5.57
C TYR C 196 -12.24 -29.13 -5.43
N THR C 197 -12.32 -30.34 -6.00
CA THR C 197 -13.55 -31.11 -5.94
C THR C 197 -13.88 -31.54 -4.51
N GLU C 198 -12.85 -31.91 -3.76
CA GLU C 198 -13.05 -32.37 -2.40
C GLU C 198 -13.55 -31.26 -1.47
N GLN C 199 -13.02 -30.05 -1.67
CA GLN C 199 -13.42 -28.92 -0.85
C GLN C 199 -14.88 -28.55 -1.12
N ALA C 200 -15.29 -28.65 -2.37
CA ALA C 200 -16.68 -28.41 -2.74
C ALA C 200 -17.59 -29.39 -2.01
N ARG C 201 -17.17 -30.65 -1.95
CA ARG C 201 -17.91 -31.68 -1.24
CA ARG C 201 -17.92 -31.68 -1.25
C ARG C 201 -18.03 -31.39 0.24
N LEU C 202 -16.96 -30.84 0.83
CA LEU C 202 -16.97 -30.53 2.26
C LEU C 202 -18.00 -29.42 2.56
N ALA C 203 -18.37 -28.65 1.55
CA ALA C 203 -19.36 -27.60 1.70
C ALA C 203 -20.77 -28.09 1.34
N ASP C 204 -20.92 -29.40 1.20
CA ASP C 204 -22.18 -30.00 0.74
C ASP C 204 -22.61 -29.45 -0.62
N ALA C 205 -21.61 -29.02 -1.41
CA ALA C 205 -21.85 -28.48 -2.75
C ALA C 205 -21.52 -29.53 -3.79
N THR C 206 -21.98 -29.31 -5.00
CA THR C 206 -21.81 -30.27 -6.09
C THR C 206 -20.76 -29.79 -7.08
N PRO C 207 -19.66 -30.55 -7.21
CA PRO C 207 -18.62 -30.16 -8.17
C PRO C 207 -19.12 -30.37 -9.57
N VAL C 208 -19.02 -29.34 -10.39
CA VAL C 208 -19.42 -29.43 -11.79
C VAL C 208 -18.17 -29.34 -12.66
N VAL C 209 -17.68 -30.48 -13.10
CA VAL C 209 -16.40 -30.51 -13.80
C VAL C 209 -16.57 -30.26 -15.29
N ILE C 210 -15.87 -29.25 -15.80
CA ILE C 210 -15.85 -28.99 -17.24
C ILE C 210 -14.52 -29.41 -17.82
N PRO C 211 -14.52 -30.46 -18.63
CA PRO C 211 -13.25 -30.92 -19.22
C PRO C 211 -12.74 -29.94 -20.26
N THR C 212 -11.43 -29.72 -20.27
CA THR C 212 -10.82 -28.87 -21.29
C THR C 212 -9.97 -29.73 -22.20
N LYS C 213 -9.59 -29.17 -23.33
CA LYS C 213 -8.90 -29.94 -24.37
C LYS C 213 -7.46 -29.49 -24.51
N ILE C 214 -6.56 -30.43 -24.80
CA ILE C 214 -5.15 -30.11 -24.94
C ILE C 214 -4.89 -29.21 -26.14
N SER C 215 -5.71 -29.37 -27.18
CA SER C 215 -5.57 -28.56 -28.38
C SER C 215 -5.89 -27.08 -28.11
N ASN C 216 -6.59 -26.85 -27.00
CA ASN C 216 -6.92 -25.49 -26.58
C ASN C 216 -6.10 -25.10 -25.36
N ASN C 217 -4.97 -25.79 -25.21
CA ASN C 217 -4.05 -25.57 -24.08
CA ASN C 217 -4.06 -25.53 -24.09
C ASN C 217 -4.73 -25.68 -22.73
N PHE C 218 -5.68 -26.62 -22.64
CA PHE C 218 -6.41 -26.89 -21.42
C PHE C 218 -7.07 -25.64 -20.83
N LEU C 219 -7.46 -24.73 -21.72
CA LEU C 219 -8.16 -23.52 -21.33
C LEU C 219 -9.66 -23.72 -21.48
N LEU C 220 -10.42 -23.15 -20.56
CA LEU C 220 -11.88 -23.24 -20.59
C LEU C 220 -12.43 -22.61 -21.88
N ASP C 221 -13.29 -23.34 -22.58
CA ASP C 221 -14.01 -22.80 -23.72
C ASP C 221 -15.26 -22.10 -23.19
N PRO C 222 -15.40 -20.80 -23.50
CA PRO C 222 -16.52 -20.00 -22.99
C PRO C 222 -17.89 -20.63 -23.28
N LYS C 223 -18.02 -21.31 -24.41
CA LYS C 223 -19.27 -21.97 -24.76
C LYS C 223 -19.57 -23.15 -23.84
N ASP C 224 -18.52 -23.86 -23.42
CA ASP C 224 -18.65 -24.94 -22.45
C ASP C 224 -19.10 -24.40 -21.10
N LEU C 225 -18.48 -23.31 -20.66
CA LEU C 225 -18.90 -22.64 -19.44
C LEU C 225 -20.37 -22.25 -19.50
N GLU C 226 -20.76 -21.58 -20.59
CA GLU C 226 -22.14 -21.10 -20.73
C GLU C 226 -23.14 -22.24 -20.61
N SER C 227 -22.80 -23.39 -21.19
CA SER C 227 -23.73 -24.51 -21.21
C SER C 227 -23.94 -25.14 -19.84
N LYS C 228 -22.99 -24.94 -18.93
CA LYS C 228 -23.02 -25.59 -17.63
C LYS C 228 -23.55 -24.68 -16.51
N LEU C 229 -23.75 -23.41 -16.82
CA LEU C 229 -24.21 -22.45 -15.81
C LEU C 229 -25.69 -22.62 -15.47
N THR C 230 -25.99 -22.60 -14.17
CA THR C 230 -27.36 -22.58 -13.67
C THR C 230 -27.44 -21.51 -12.60
N GLU C 231 -28.63 -21.28 -12.07
CA GLU C 231 -28.74 -20.38 -10.94
C GLU C 231 -28.17 -20.98 -9.66
N LYS C 232 -27.83 -22.27 -9.72
CA LYS C 232 -27.18 -22.95 -8.59
C LYS C 232 -25.67 -22.75 -8.61
N SER C 233 -25.13 -22.33 -9.76
CA SER C 233 -23.70 -22.06 -9.89
C SER C 233 -23.25 -20.94 -8.95
N ARG C 234 -22.44 -21.27 -7.94
CA ARG C 234 -22.08 -20.32 -6.91
C ARG C 234 -20.61 -19.89 -7.02
N LEU C 235 -19.79 -20.80 -7.54
CA LEU C 235 -18.36 -20.55 -7.58
C LEU C 235 -17.74 -21.13 -8.84
N LEU C 236 -16.89 -20.33 -9.48
CA LEU C 236 -16.06 -20.81 -10.59
C LEU C 236 -14.61 -20.71 -10.12
N ILE C 237 -13.90 -21.83 -10.16
CA ILE C 237 -12.51 -21.83 -9.70
C ILE C 237 -11.58 -21.71 -10.89
N LEU C 238 -10.80 -20.64 -10.93
CA LEU C 238 -9.83 -20.43 -12.00
C LEU C 238 -8.42 -20.48 -11.43
N CYS C 239 -7.66 -21.48 -11.82
CA CYS C 239 -6.29 -21.65 -11.35
C CYS C 239 -5.34 -21.27 -12.48
N SER C 240 -4.59 -20.19 -12.29
CA SER C 240 -3.71 -19.66 -13.34
C SER C 240 -2.53 -18.88 -12.75
N PRO C 241 -1.29 -19.28 -13.11
CA PRO C 241 -0.92 -20.44 -13.94
C PRO C 241 -1.34 -21.74 -13.28
N SER C 242 -1.65 -22.76 -14.09
CA SER C 242 -2.32 -23.95 -13.59
C SER C 242 -1.42 -25.07 -13.06
N ASN C 243 -1.87 -25.68 -11.97
CA ASN C 243 -1.44 -27.02 -11.59
C ASN C 243 -2.67 -27.84 -11.97
N PRO C 244 -2.51 -28.85 -12.85
CA PRO C 244 -1.28 -29.48 -13.32
C PRO C 244 -0.81 -29.13 -14.74
N THR C 245 -1.45 -28.19 -15.42
CA THR C 245 -1.18 -28.03 -16.86
C THR C 245 -0.13 -26.99 -17.24
N GLY C 246 0.15 -26.06 -16.34
CA GLY C 246 1.07 -24.97 -16.62
C GLY C 246 0.47 -23.91 -17.54
N SER C 247 -0.82 -24.03 -17.81
CA SER C 247 -1.49 -23.08 -18.69
C SER C 247 -1.70 -21.74 -18.00
N VAL C 248 -1.54 -20.66 -18.74
CA VAL C 248 -1.83 -19.31 -18.26
C VAL C 248 -3.00 -18.71 -19.05
N TYR C 249 -4.05 -18.28 -18.34
CA TYR C 249 -5.20 -17.67 -19.01
C TYR C 249 -4.85 -16.29 -19.56
N PRO C 250 -5.03 -16.10 -20.88
CA PRO C 250 -4.80 -14.78 -21.47
C PRO C 250 -5.92 -13.83 -21.08
N LYS C 251 -5.60 -12.54 -21.02
CA LYS C 251 -6.58 -11.53 -20.60
C LYS C 251 -7.83 -11.54 -21.46
N SER C 252 -7.66 -11.78 -22.76
CA SER C 252 -8.80 -11.78 -23.70
C SER C 252 -9.82 -12.86 -23.33
N LEU C 253 -9.32 -14.03 -22.96
CA LEU C 253 -10.19 -15.13 -22.55
C LEU C 253 -10.87 -14.81 -21.22
N LEU C 254 -10.11 -14.24 -20.30
CA LEU C 254 -10.67 -13.86 -19.00
C LEU C 254 -11.78 -12.83 -19.16
N GLU C 255 -11.60 -11.89 -20.10
CA GLU C 255 -12.63 -10.89 -20.35
C GLU C 255 -13.90 -11.53 -20.88
N GLU C 256 -13.74 -12.53 -21.74
CA GLU C 256 -14.90 -13.23 -22.28
C GLU C 256 -15.63 -14.01 -21.18
N ILE C 257 -14.86 -14.68 -20.33
CA ILE C 257 -15.43 -15.38 -19.19
C ILE C 257 -16.18 -14.41 -18.28
N ALA C 258 -15.58 -13.25 -18.03
CA ALA C 258 -16.18 -12.23 -17.17
C ALA C 258 -17.53 -11.77 -17.70
N ARG C 259 -17.62 -11.61 -19.02
CA ARG C 259 -18.87 -11.17 -19.63
C ARG C 259 -19.99 -12.18 -19.41
N ILE C 260 -19.64 -13.47 -19.39
CA ILE C 260 -20.60 -14.53 -19.13
C ILE C 260 -21.08 -14.54 -17.67
N ILE C 261 -20.14 -14.36 -16.75
CA ILE C 261 -20.42 -14.34 -15.32
C ILE C 261 -21.36 -13.19 -14.94
N ALA C 262 -21.20 -12.06 -15.62
CA ALA C 262 -21.98 -10.87 -15.31
C ALA C 262 -23.48 -11.11 -15.46
N LYS C 263 -23.84 -12.11 -16.25
CA LYS C 263 -25.23 -12.52 -16.41
C LYS C 263 -25.78 -13.21 -15.16
N HIS C 264 -24.89 -13.69 -14.30
CA HIS C 264 -25.31 -14.53 -13.17
C HIS C 264 -24.87 -13.97 -11.82
N PRO C 265 -25.79 -13.27 -11.13
CA PRO C 265 -25.47 -12.59 -9.88
C PRO C 265 -25.03 -13.50 -8.73
N ARG C 266 -25.35 -14.79 -8.79
CA ARG C 266 -24.90 -15.72 -7.76
C ARG C 266 -23.48 -16.24 -7.98
N LEU C 267 -22.96 -16.06 -9.19
CA LEU C 267 -21.69 -16.69 -9.53
C LEU C 267 -20.49 -15.87 -9.13
N LEU C 268 -19.75 -16.38 -8.14
CA LEU C 268 -18.51 -15.77 -7.67
C LEU C 268 -17.33 -16.51 -8.30
N VAL C 269 -16.15 -15.90 -8.26
CA VAL C 269 -14.97 -16.54 -8.83
C VAL C 269 -13.88 -16.65 -7.78
N LEU C 270 -13.35 -17.86 -7.64
CA LEU C 270 -12.21 -18.13 -6.76
C LEU C 270 -10.97 -18.20 -7.65
N SER C 271 -10.15 -17.17 -7.61
CA SER C 271 -8.98 -17.11 -8.47
C SER C 271 -7.74 -17.59 -7.70
N ASP C 272 -7.23 -18.77 -8.05
CA ASP C 272 -6.06 -19.34 -7.37
C ASP C 272 -4.81 -18.91 -8.12
N GLU C 273 -4.12 -17.91 -7.56
CA GLU C 273 -3.00 -17.27 -8.25
C GLU C 273 -1.65 -17.62 -7.64
N ILE C 274 -1.58 -18.74 -6.93
CA ILE C 274 -0.37 -19.15 -6.21
C ILE C 274 0.89 -19.25 -7.09
N TYR C 275 0.72 -19.59 -8.36
CA TYR C 275 1.87 -19.73 -9.28
C TYR C 275 2.20 -18.45 -10.03
N GLU C 276 1.53 -17.36 -9.65
CA GLU C 276 1.66 -16.06 -10.32
C GLU C 276 3.05 -15.73 -10.86
N HIS C 277 4.08 -15.86 -10.02
CA HIS C 277 5.42 -15.41 -10.37
C HIS C 277 6.25 -16.45 -11.09
N ILE C 278 5.78 -17.70 -11.10
CA ILE C 278 6.42 -18.73 -11.91
C ILE C 278 5.78 -18.73 -13.28
N ILE C 279 6.28 -17.83 -14.14
CA ILE C 279 5.65 -17.57 -15.43
C ILE C 279 6.74 -17.20 -16.43
N TYR C 280 6.49 -17.50 -17.69
CA TYR C 280 7.54 -17.39 -18.71
C TYR C 280 7.12 -16.40 -19.80
N ALA C 281 7.79 -15.25 -19.81
CA ALA C 281 7.57 -14.24 -20.84
C ALA C 281 7.66 -14.90 -22.20
N PRO C 282 6.81 -14.48 -23.14
CA PRO C 282 5.95 -13.29 -23.06
C PRO C 282 4.60 -13.50 -22.39
N ALA C 283 4.37 -14.65 -21.76
CA ALA C 283 3.14 -14.84 -20.99
C ALA C 283 3.07 -13.84 -19.83
N THR C 284 1.87 -13.34 -19.54
CA THR C 284 1.67 -12.45 -18.40
C THR C 284 0.46 -12.91 -17.59
N HIS C 285 0.48 -12.56 -16.30
CA HIS C 285 -0.53 -12.96 -15.34
C HIS C 285 -1.56 -11.85 -15.16
N THR C 286 -2.83 -12.17 -15.37
CA THR C 286 -3.91 -11.21 -15.12
C THR C 286 -4.81 -11.66 -13.97
N SER C 287 -4.88 -10.86 -12.91
CA SER C 287 -5.75 -11.19 -11.80
C SER C 287 -7.20 -11.01 -12.24
N PHE C 288 -8.03 -12.01 -11.97
CA PHE C 288 -9.43 -11.93 -12.40
C PHE C 288 -10.13 -10.74 -11.77
N ALA C 289 -9.73 -10.39 -10.55
CA ALA C 289 -10.39 -9.28 -9.86
C ALA C 289 -10.12 -7.92 -10.51
N SER C 290 -9.19 -7.88 -11.47
CA SER C 290 -8.86 -6.62 -12.14
C SER C 290 -9.81 -6.34 -13.30
N LEU C 291 -10.48 -7.36 -13.78
CA LEU C 291 -11.39 -7.25 -14.93
C LEU C 291 -12.62 -6.39 -14.62
N PRO C 292 -13.21 -5.75 -15.65
CA PRO C 292 -14.38 -4.88 -15.42
C PRO C 292 -15.50 -5.56 -14.64
N ASP C 293 -15.95 -4.91 -13.57
CA ASP C 293 -17.05 -5.40 -12.74
C ASP C 293 -16.81 -6.72 -12.01
N MET C 294 -15.56 -7.17 -11.92
CA MET C 294 -15.31 -8.47 -11.34
C MET C 294 -14.81 -8.40 -9.90
N TYR C 295 -14.36 -7.22 -9.48
CA TYR C 295 -13.74 -7.05 -8.16
C TYR C 295 -14.68 -7.46 -7.02
N GLU C 296 -15.96 -7.12 -7.15
CA GLU C 296 -16.88 -7.34 -6.04
CA GLU C 296 -16.94 -7.33 -6.10
C GLU C 296 -17.35 -8.80 -5.96
N ARG C 297 -16.97 -9.61 -6.94
CA ARG C 297 -17.37 -11.00 -6.96
C ARG C 297 -16.20 -11.97 -7.03
N THR C 298 -14.99 -11.49 -6.78
CA THR C 298 -13.81 -12.33 -6.88
C THR C 298 -13.10 -12.52 -5.56
N LEU C 299 -12.75 -13.77 -5.26
CA LEU C 299 -11.94 -14.10 -4.10
C LEU C 299 -10.56 -14.46 -4.60
N THR C 300 -9.58 -13.63 -4.25
CA THR C 300 -8.22 -13.76 -4.75
C THR C 300 -7.36 -14.51 -3.75
N VAL C 301 -6.85 -15.68 -4.15
CA VAL C 301 -5.99 -16.48 -3.27
C VAL C 301 -4.57 -16.49 -3.80
N ASN C 302 -3.60 -16.33 -2.91
CA ASN C 302 -2.22 -16.33 -3.33
C ASN C 302 -1.45 -16.74 -2.08
N GLY C 303 -0.13 -16.69 -2.13
CA GLY C 303 0.65 -17.13 -0.99
C GLY C 303 2.11 -17.29 -1.31
N PHE C 304 2.82 -18.03 -0.45
CA PHE C 304 4.27 -18.01 -0.45
C PHE C 304 4.88 -19.36 -0.83
N SER C 305 4.09 -20.43 -0.76
CA SER C 305 4.64 -21.77 -0.94
C SER C 305 5.45 -21.95 -2.21
N LYS C 306 4.91 -21.50 -3.35
CA LYS C 306 5.51 -21.85 -4.63
C LYS C 306 6.57 -20.85 -5.11
N ALA C 307 6.24 -19.57 -5.07
CA ALA C 307 7.17 -18.53 -5.52
C ALA C 307 8.42 -18.45 -4.64
N PHE C 308 8.24 -18.64 -3.33
CA PHE C 308 9.35 -18.41 -2.40
C PHE C 308 9.84 -19.67 -1.74
N ALA C 309 9.46 -20.83 -2.30
CA ALA C 309 9.91 -22.12 -1.79
C ALA C 309 9.73 -22.20 -0.27
N MET C 310 8.51 -21.90 0.16
CA MET C 310 8.12 -21.89 1.57
C MET C 310 7.04 -22.91 1.89
N THR C 311 6.99 -24.00 1.14
CA THR C 311 5.92 -24.99 1.34
C THR C 311 5.78 -25.47 2.78
N GLY C 312 6.90 -25.75 3.45
CA GLY C 312 6.83 -26.26 4.81
C GLY C 312 6.51 -25.21 5.87
N TRP C 313 6.58 -23.94 5.49
CA TRP C 313 6.31 -22.84 6.43
C TRP C 313 4.81 -22.65 6.70
N ARG C 314 3.99 -23.03 5.72
CA ARG C 314 2.53 -22.93 5.78
C ARG C 314 2.03 -21.48 5.87
N LEU C 315 2.12 -20.76 4.75
CA LEU C 315 1.65 -19.36 4.73
C LEU C 315 0.96 -19.02 3.41
N GLY C 316 -0.33 -18.68 3.50
CA GLY C 316 -1.10 -18.30 2.31
C GLY C 316 -2.13 -17.24 2.67
N TYR C 317 -2.87 -16.73 1.69
CA TYR C 317 -3.85 -15.70 2.05
C TYR C 317 -4.97 -15.57 1.03
N LEU C 318 -6.03 -14.91 1.46
CA LEU C 318 -7.20 -14.60 0.63
C LEU C 318 -7.43 -13.11 0.70
N ALA C 319 -7.76 -12.50 -0.45
CA ALA C 319 -8.19 -11.11 -0.50
C ALA C 319 -9.53 -11.07 -1.20
N GLY C 320 -10.48 -10.30 -0.69
CA GLY C 320 -11.79 -10.27 -1.29
C GLY C 320 -12.71 -9.24 -0.68
N PRO C 321 -14.00 -9.27 -1.06
CA PRO C 321 -14.97 -8.34 -0.48
C PRO C 321 -15.02 -8.52 1.03
N LYS C 322 -15.09 -7.41 1.75
CA LYS C 322 -15.05 -7.41 3.21
C LYS C 322 -16.03 -8.39 3.85
N HIS C 323 -17.26 -8.42 3.35
CA HIS C 323 -18.29 -9.27 3.92
C HIS C 323 -17.92 -10.76 3.85
N ILE C 324 -17.29 -11.14 2.75
CA ILE C 324 -16.92 -12.53 2.58
C ILE C 324 -15.70 -12.86 3.42
N VAL C 325 -14.68 -12.00 3.37
CA VAL C 325 -13.47 -12.24 4.16
C VAL C 325 -13.78 -12.32 5.65
N ALA C 326 -14.71 -11.48 6.10
CA ALA C 326 -15.14 -11.50 7.49
C ALA C 326 -15.68 -12.86 7.89
N ALA C 327 -16.48 -13.44 7.00
CA ALA C 327 -17.05 -14.78 7.22
C ALA C 327 -15.96 -15.85 7.22
N CYS C 328 -15.04 -15.75 6.27
CA CYS C 328 -13.90 -16.66 6.24
C CYS C 328 -13.06 -16.56 7.50
N SER C 329 -12.93 -15.36 8.06
CA SER C 329 -12.16 -15.19 9.28
C SER C 329 -12.86 -15.84 10.48
N LYS C 330 -14.18 -15.69 10.56
CA LYS C 330 -14.94 -16.34 11.62
C LYS C 330 -14.76 -17.84 11.56
N LEU C 331 -14.79 -18.39 10.35
CA LEU C 331 -14.58 -19.82 10.16
CA LEU C 331 -14.58 -19.82 10.16
C LEU C 331 -13.19 -20.22 10.66
N GLN C 332 -12.19 -19.44 10.25
CA GLN C 332 -10.82 -19.74 10.65
C GLN C 332 -10.66 -19.72 12.17
N GLY C 333 -11.43 -18.86 12.82
CA GLY C 333 -11.44 -18.80 14.27
C GLY C 333 -11.86 -20.11 14.93
N GLN C 334 -12.54 -20.96 14.16
CA GLN C 334 -12.96 -22.27 14.65
C GLN C 334 -12.09 -23.39 14.07
N VAL C 335 -11.35 -23.07 13.02
CA VAL C 335 -10.55 -24.08 12.34
C VAL C 335 -9.13 -24.18 12.88
N SER C 336 -8.44 -23.05 12.99
CA SER C 336 -7.01 -23.08 13.34
C SER C 336 -6.48 -21.84 14.06
N SER C 337 -7.30 -20.80 14.21
CA SER C 337 -6.84 -19.49 14.67
C SER C 337 -5.80 -18.92 13.69
N GLY C 338 -5.02 -17.93 14.13
CA GLY C 338 -4.06 -17.30 13.25
C GLY C 338 -2.96 -18.23 12.76
N ALA C 339 -2.33 -17.86 11.65
CA ALA C 339 -1.21 -18.60 11.10
C ALA C 339 0.02 -18.43 11.99
N SER C 340 1.06 -19.20 11.72
CA SER C 340 2.30 -19.17 12.50
C SER C 340 2.84 -17.76 12.63
N SER C 341 3.21 -17.37 13.84
CA SER C 341 3.79 -16.06 14.06
C SER C 341 5.15 -15.98 13.38
N ILE C 342 5.88 -17.10 13.41
CA ILE C 342 7.19 -17.19 12.76
C ILE C 342 7.09 -17.14 11.23
N ALA C 343 6.16 -17.91 10.67
CA ALA C 343 5.99 -17.90 9.23
C ALA C 343 5.56 -16.51 8.75
N GLN C 344 4.71 -15.85 9.52
CA GLN C 344 4.23 -14.54 9.11
C GLN C 344 5.37 -13.52 9.00
N LYS C 345 6.34 -13.61 9.91
CA LYS C 345 7.49 -12.72 9.83
C LYS C 345 8.34 -13.02 8.60
N ALA C 346 8.44 -14.30 8.27
CA ALA C 346 9.17 -14.69 7.07
C ALA C 346 8.42 -14.19 5.84
N GLY C 347 7.09 -14.18 5.92
CA GLY C 347 6.28 -13.67 4.83
C GLY C 347 6.52 -12.19 4.55
N VAL C 348 6.65 -11.42 5.62
CA VAL C 348 6.94 -10.01 5.49
C VAL C 348 8.25 -9.82 4.72
N ALA C 349 9.26 -10.61 5.06
CA ALA C 349 10.54 -10.51 4.38
C ALA C 349 10.46 -10.93 2.92
N ALA C 350 9.67 -11.97 2.63
CA ALA C 350 9.50 -12.42 1.25
C ALA C 350 8.91 -11.30 0.40
N LEU C 351 7.91 -10.61 0.93
CA LEU C 351 7.30 -9.52 0.20
C LEU C 351 8.27 -8.34 0.14
N GLY C 352 9.19 -8.29 1.10
CA GLY C 352 10.18 -7.22 1.11
C GLY C 352 11.27 -7.38 0.06
N LEU C 353 11.33 -8.54 -0.60
CA LEU C 353 12.27 -8.75 -1.70
C LEU C 353 11.95 -7.88 -2.90
N GLY C 354 10.78 -7.23 -2.87
CA GLY C 354 10.40 -6.30 -3.91
C GLY C 354 9.44 -6.87 -4.95
N LYS C 355 9.23 -6.11 -6.02
CA LYS C 355 8.26 -6.50 -7.03
C LYS C 355 8.61 -7.86 -7.65
N ALA C 356 7.63 -8.76 -7.63
CA ALA C 356 7.79 -10.11 -8.16
C ALA C 356 8.94 -10.91 -7.54
N GLY C 357 9.31 -10.55 -6.31
CA GLY C 357 10.35 -11.26 -5.60
C GLY C 357 11.75 -10.90 -6.07
N GLY C 358 11.84 -9.90 -6.94
CA GLY C 358 13.13 -9.38 -7.38
C GLY C 358 14.03 -10.41 -8.04
N GLU C 359 15.34 -10.21 -7.90
CA GLU C 359 16.31 -11.09 -8.53
CA GLU C 359 16.33 -11.09 -8.52
C GLU C 359 16.25 -12.51 -7.94
N THR C 360 15.88 -12.60 -6.68
CA THR C 360 15.77 -13.87 -5.99
C THR C 360 14.83 -14.83 -6.74
N VAL C 361 13.64 -14.35 -7.04
CA VAL C 361 12.66 -15.15 -7.77
C VAL C 361 13.02 -15.26 -9.25
N ALA C 362 13.63 -14.22 -9.79
CA ALA C 362 14.04 -14.24 -11.19
C ALA C 362 14.99 -15.39 -11.46
N GLU C 363 15.91 -15.62 -10.54
CA GLU C 363 16.87 -16.71 -10.66
C GLU C 363 16.18 -18.06 -10.73
N MET C 364 15.13 -18.22 -9.93
CA MET C 364 14.41 -19.48 -9.88
C MET C 364 13.61 -19.67 -11.16
N VAL C 365 12.90 -18.63 -11.57
CA VAL C 365 12.18 -18.66 -12.83
C VAL C 365 13.11 -18.98 -14.01
N LYS C 366 14.31 -18.40 -14.01
CA LYS C 366 15.25 -18.64 -15.10
C LYS C 366 15.65 -20.12 -15.18
N ALA C 367 15.81 -20.74 -14.02
CA ALA C 367 16.14 -22.16 -13.94
C ALA C 367 14.97 -23.01 -14.40
N TYR C 368 13.76 -22.64 -13.95
CA TYR C 368 12.54 -23.33 -14.36
C TYR C 368 12.36 -23.27 -15.85
N ARG C 369 12.67 -22.13 -16.44
CA ARG C 369 12.47 -21.94 -17.87
C ARG C 369 13.37 -22.87 -18.67
N GLU C 370 14.61 -23.03 -18.22
CA GLU C 370 15.55 -23.91 -18.95
C GLU C 370 15.06 -25.33 -18.90
N ARG C 371 14.61 -25.74 -17.73
CA ARG C 371 14.10 -27.09 -17.54
C ARG C 371 12.87 -27.34 -18.42
N ARG C 372 11.97 -26.36 -18.46
CA ARG C 372 10.79 -26.45 -19.31
C ARG C 372 11.22 -26.61 -20.76
N ASP C 373 12.13 -25.75 -21.19
CA ASP C 373 12.59 -25.76 -22.57
C ASP C 373 13.23 -27.11 -22.92
N PHE C 374 14.05 -27.62 -22.01
CA PHE C 374 14.70 -28.91 -22.25
C PHE C 374 13.68 -30.05 -22.36
N LEU C 375 12.69 -30.05 -21.48
CA LEU C 375 11.69 -31.13 -21.46
C LEU C 375 10.72 -31.09 -22.64
N VAL C 376 10.24 -29.90 -22.98
CA VAL C 376 9.30 -29.75 -24.09
C VAL C 376 9.95 -30.17 -25.41
N LYS C 377 11.23 -29.87 -25.56
CA LYS C 377 11.99 -30.25 -26.76
C LYS C 377 12.24 -31.75 -26.82
N SER C 378 12.85 -32.29 -25.77
CA SER C 378 13.24 -33.69 -25.73
C SER C 378 12.06 -34.65 -25.85
N LEU C 379 11.01 -34.39 -25.07
CA LEU C 379 9.84 -35.26 -25.04
C LEU C 379 8.89 -35.03 -26.22
N GLY C 380 8.78 -33.78 -26.65
CA GLY C 380 7.89 -33.43 -27.75
C GLY C 380 8.24 -34.13 -29.04
N ASP C 381 9.53 -34.39 -29.23
CA ASP C 381 10.01 -35.09 -30.43
C ASP C 381 9.46 -36.51 -30.52
N ILE C 382 9.41 -37.19 -29.38
CA ILE C 382 9.01 -38.60 -29.34
C ILE C 382 7.66 -38.84 -30.00
N LYS C 383 7.62 -39.83 -30.88
CA LYS C 383 6.39 -40.20 -31.56
C LYS C 383 5.29 -40.50 -30.55
N GLY C 384 4.09 -40.03 -30.82
CA GLY C 384 2.93 -40.35 -30.00
C GLY C 384 2.70 -39.42 -28.83
N VAL C 385 3.71 -38.63 -28.49
CA VAL C 385 3.65 -37.74 -27.34
C VAL C 385 3.17 -36.34 -27.72
N LYS C 386 2.06 -35.90 -27.12
CA LYS C 386 1.50 -34.58 -27.35
C LYS C 386 1.80 -33.64 -26.19
N ILE C 387 2.28 -32.44 -26.51
CA ILE C 387 2.70 -31.51 -25.47
C ILE C 387 2.14 -30.11 -25.65
N SER C 388 1.49 -29.62 -24.59
CA SER C 388 1.09 -28.22 -24.53
C SER C 388 2.18 -27.48 -23.76
N GLU C 389 2.99 -26.69 -24.47
CA GLU C 389 4.08 -25.98 -23.83
C GLU C 389 3.54 -25.00 -22.80
N PRO C 390 3.88 -25.23 -21.52
CA PRO C 390 3.31 -24.44 -20.43
C PRO C 390 3.83 -23.00 -20.42
N GLN C 391 2.99 -22.10 -19.93
CA GLN C 391 3.37 -20.71 -19.83
C GLN C 391 3.70 -20.34 -18.39
N GLY C 392 3.37 -21.24 -17.46
CA GLY C 392 3.65 -21.01 -16.05
C GLY C 392 3.75 -22.27 -15.22
N ALA C 393 3.96 -22.08 -13.92
CA ALA C 393 4.17 -23.19 -12.98
C ALA C 393 5.39 -24.03 -13.37
N PHE C 394 5.50 -25.22 -12.79
CA PHE C 394 6.62 -26.10 -13.11
C PHE C 394 6.15 -27.53 -13.39
N TYR C 395 5.06 -27.64 -14.15
CA TYR C 395 4.49 -28.93 -14.52
C TYR C 395 4.33 -29.06 -16.03
N LEU C 396 4.47 -30.29 -16.50
CA LEU C 396 4.06 -30.65 -17.85
C LEU C 396 2.92 -31.64 -17.69
N PHE C 397 1.85 -31.44 -18.43
CA PHE C 397 0.72 -32.37 -18.38
C PHE C 397 0.69 -33.04 -19.74
N ILE C 398 1.37 -34.18 -19.82
CA ILE C 398 1.68 -34.76 -21.11
CA ILE C 398 1.70 -34.79 -21.10
C ILE C 398 0.71 -35.86 -21.52
N ASP C 399 0.20 -35.72 -22.74
CA ASP C 399 -0.68 -36.71 -23.34
C ASP C 399 0.15 -37.85 -23.93
N PHE C 400 0.15 -39.00 -23.25
CA PHE C 400 0.77 -40.22 -23.77
C PHE C 400 -0.29 -41.21 -24.27
N SER C 401 -1.54 -40.75 -24.38
CA SER C 401 -2.68 -41.64 -24.66
C SER C 401 -2.56 -42.47 -25.95
N ALA C 402 -1.68 -42.05 -26.84
CA ALA C 402 -1.43 -42.81 -28.07
C ALA C 402 -0.92 -44.21 -27.76
N TYR C 403 -0.30 -44.35 -26.60
CA TYR C 403 0.28 -45.63 -26.18
C TYR C 403 -0.71 -46.53 -25.45
N TYR C 404 -1.90 -46.04 -25.16
CA TYR C 404 -2.92 -46.87 -24.50
C TYR C 404 -3.35 -48.00 -25.42
N GLY C 405 -3.47 -49.19 -24.86
CA GLY C 405 -3.78 -50.38 -25.63
C GLY C 405 -2.56 -51.24 -25.78
N SER C 406 -1.40 -50.64 -25.48
CA SER C 406 -0.13 -51.36 -25.59
C SER C 406 0.00 -52.42 -24.50
N GLU C 407 0.65 -53.52 -24.85
CA GLU C 407 1.01 -54.55 -23.89
C GLU C 407 2.49 -54.43 -23.58
N ALA C 408 2.86 -54.60 -22.31
CA ALA C 408 4.24 -54.38 -21.90
C ALA C 408 4.86 -55.59 -21.22
N GLU C 409 6.14 -55.83 -21.55
CA GLU C 409 6.90 -56.96 -21.02
C GLU C 409 6.86 -57.02 -19.50
N GLY C 410 6.54 -58.19 -18.97
CA GLY C 410 6.49 -58.41 -17.54
C GLY C 410 5.55 -57.49 -16.77
N PHE C 411 4.58 -56.91 -17.47
CA PHE C 411 3.69 -55.94 -16.85
C PHE C 411 2.24 -56.14 -17.27
N GLY C 412 2.01 -56.21 -18.58
CA GLY C 412 0.69 -56.40 -19.11
C GLY C 412 0.15 -55.20 -19.85
N LEU C 413 -1.16 -54.98 -19.74
CA LEU C 413 -1.86 -53.97 -20.52
C LEU C 413 -1.74 -52.56 -19.94
N ILE C 414 -1.35 -51.61 -20.81
CA ILE C 414 -1.40 -50.19 -20.50
CA ILE C 414 -1.41 -50.20 -20.46
C ILE C 414 -2.63 -49.62 -21.15
N ASN C 415 -3.63 -49.23 -20.36
CA ASN C 415 -4.88 -48.72 -20.93
C ASN C 415 -5.42 -47.44 -20.29
N ASP C 416 -4.70 -46.91 -19.29
CA ASP C 416 -5.09 -45.64 -18.67
C ASP C 416 -3.88 -44.96 -18.03
N SER C 417 -4.08 -43.76 -17.49
CA SER C 417 -2.98 -43.02 -16.89
C SER C 417 -2.36 -43.74 -15.69
N SER C 418 -3.18 -44.45 -14.92
CA SER C 418 -2.70 -45.16 -13.74
C SER C 418 -1.76 -46.31 -14.11
N SER C 419 -2.16 -47.12 -15.08
CA SER C 419 -1.32 -48.24 -15.52
C SER C 419 -0.02 -47.76 -16.19
N LEU C 420 -0.13 -46.68 -16.96
CA LEU C 420 1.06 -46.12 -17.59
C LEU C 420 2.04 -45.60 -16.53
N ALA C 421 1.51 -44.90 -15.54
CA ALA C 421 2.33 -44.38 -14.46
C ALA C 421 3.01 -45.50 -13.70
N LEU C 422 2.26 -46.57 -13.43
CA LEU C 422 2.80 -47.72 -12.73
C LEU C 422 3.91 -48.37 -13.57
N TYR C 423 3.70 -48.40 -14.88
CA TYR C 423 4.69 -48.95 -15.81
C TYR C 423 6.00 -48.15 -15.80
N PHE C 424 5.87 -46.83 -15.92
CA PHE C 424 7.01 -45.92 -15.87
C PHE C 424 7.85 -46.13 -14.60
N LEU C 425 7.19 -46.30 -13.47
CA LEU C 425 7.88 -46.49 -12.20
C LEU C 425 8.46 -47.90 -12.03
N ASP C 426 7.59 -48.90 -12.09
CA ASP C 426 7.98 -50.28 -11.80
C ASP C 426 9.03 -50.81 -12.78
N LYS C 427 8.93 -50.39 -14.04
CA LYS C 427 9.80 -50.92 -15.09
C LYS C 427 11.00 -50.00 -15.39
N PHE C 428 10.79 -48.70 -15.26
CA PHE C 428 11.84 -47.76 -15.65
C PHE C 428 12.20 -46.73 -14.59
N GLN C 429 11.71 -46.96 -13.37
CA GLN C 429 12.14 -46.22 -12.18
C GLN C 429 12.02 -44.70 -12.31
N VAL C 430 10.96 -44.24 -12.98
CA VAL C 430 10.64 -42.82 -12.98
C VAL C 430 9.22 -42.63 -12.44
N ALA C 431 9.07 -41.78 -11.43
CA ALA C 431 7.78 -41.56 -10.80
C ALA C 431 7.10 -40.28 -11.30
N MET C 432 5.89 -40.44 -11.83
CA MET C 432 5.08 -39.30 -12.25
C MET C 432 3.64 -39.51 -11.79
N VAL C 433 2.81 -38.47 -11.90
CA VAL C 433 1.42 -38.55 -11.42
C VAL C 433 0.42 -38.84 -12.54
N PRO C 434 -0.43 -39.87 -12.37
CA PRO C 434 -1.44 -40.16 -13.40
C PRO C 434 -2.47 -39.04 -13.52
N GLY C 435 -2.80 -38.65 -14.75
CA GLY C 435 -3.69 -37.53 -14.98
C GLY C 435 -5.08 -37.74 -14.40
N ASP C 436 -5.44 -39.00 -14.15
CA ASP C 436 -6.74 -39.35 -13.59
CA ASP C 436 -6.75 -39.31 -13.61
C ASP C 436 -6.95 -38.70 -12.22
N ALA C 437 -5.85 -38.44 -11.52
CA ALA C 437 -5.92 -37.79 -10.22
C ALA C 437 -6.51 -36.40 -10.38
N PHE C 438 -6.31 -35.82 -11.56
CA PHE C 438 -6.69 -34.45 -11.85
C PHE C 438 -7.93 -34.39 -12.74
N GLY C 439 -8.58 -35.53 -12.92
CA GLY C 439 -9.78 -35.60 -13.73
C GLY C 439 -9.54 -35.65 -15.23
N ASP C 440 -8.32 -36.01 -15.64
CA ASP C 440 -8.03 -36.22 -17.05
C ASP C 440 -7.09 -37.41 -17.29
N ASP C 441 -7.70 -38.56 -17.56
CA ASP C 441 -6.98 -39.82 -17.69
C ASP C 441 -6.06 -39.89 -18.91
N SER C 442 -6.15 -38.88 -19.79
CA SER C 442 -5.40 -38.91 -21.04
C SER C 442 -3.93 -38.53 -20.85
N CYS C 443 -3.64 -37.85 -19.74
CA CYS C 443 -2.30 -37.33 -19.52
C CYS C 443 -1.62 -37.84 -18.26
N ILE C 444 -0.35 -37.48 -18.15
CA ILE C 444 0.47 -37.77 -16.98
C ILE C 444 1.13 -36.46 -16.56
N ARG C 445 1.15 -36.16 -15.26
CA ARG C 445 1.81 -34.94 -14.82
C ARG C 445 3.27 -35.16 -14.44
N ILE C 446 4.15 -34.36 -15.02
CA ILE C 446 5.56 -34.36 -14.68
C ILE C 446 5.93 -33.03 -14.05
N SER C 447 6.66 -33.07 -12.95
CA SER C 447 7.16 -31.86 -12.33
CA SER C 447 7.16 -31.86 -12.33
C SER C 447 8.61 -31.64 -12.72
N TYR C 448 8.95 -30.42 -13.14
CA TYR C 448 10.35 -30.12 -13.43
C TYR C 448 10.96 -29.25 -12.36
N ALA C 449 10.44 -29.39 -11.14
CA ALA C 449 11.08 -28.82 -9.96
C ALA C 449 12.19 -29.75 -9.49
N THR C 450 13.21 -29.89 -10.32
CA THR C 450 14.38 -30.71 -10.03
C THR C 450 15.46 -30.28 -11.02
N SER C 451 16.70 -30.66 -10.76
CA SER C 451 17.82 -30.20 -11.58
C SER C 451 17.77 -30.73 -13.01
N LEU C 452 18.51 -30.06 -13.90
CA LEU C 452 18.54 -30.42 -15.32
C LEU C 452 19.04 -31.84 -15.57
N ASP C 453 20.13 -32.22 -14.91
CA ASP C 453 20.74 -33.51 -15.18
CA ASP C 453 20.75 -33.52 -15.14
C ASP C 453 19.80 -34.65 -14.79
N VAL C 454 19.00 -34.44 -13.76
CA VAL C 454 18.00 -35.43 -13.37
C VAL C 454 16.96 -35.56 -14.48
N LEU C 455 16.51 -34.42 -14.99
CA LEU C 455 15.58 -34.40 -16.13
C LEU C 455 16.20 -35.03 -17.37
N GLN C 456 17.48 -34.78 -17.59
CA GLN C 456 18.20 -35.38 -18.70
CA GLN C 456 18.19 -35.38 -18.71
C GLN C 456 18.08 -36.89 -18.64
N ALA C 457 18.42 -37.45 -17.47
CA ALA C 457 18.35 -38.89 -17.25
C ALA C 457 16.92 -39.41 -17.32
N ALA C 458 15.97 -38.67 -16.77
CA ALA C 458 14.57 -39.07 -16.81
C ALA C 458 14.07 -39.20 -18.24
N VAL C 459 14.46 -38.25 -19.09
CA VAL C 459 14.07 -38.30 -20.50
C VAL C 459 14.61 -39.57 -21.16
N GLU C 460 15.82 -39.98 -20.77
CA GLU C 460 16.41 -41.19 -21.30
CA GLU C 460 16.42 -41.21 -21.28
C GLU C 460 15.61 -42.43 -20.89
N LYS C 461 15.18 -42.47 -19.64
CA LYS C 461 14.37 -43.57 -19.14
C LYS C 461 13.02 -43.57 -19.85
N ILE C 462 12.46 -42.37 -20.05
CA ILE C 462 11.16 -42.24 -20.70
C ILE C 462 11.24 -42.66 -22.16
N ARG C 463 12.34 -42.29 -22.83
CA ARG C 463 12.55 -42.72 -24.20
C ARG C 463 12.62 -44.25 -24.30
N LYS C 464 13.32 -44.87 -23.36
CA LYS C 464 13.44 -46.33 -23.38
C LYS C 464 12.13 -47.03 -23.04
N ALA C 465 11.36 -46.45 -22.13
CA ALA C 465 10.08 -47.02 -21.72
C ALA C 465 9.09 -47.12 -22.88
N LEU C 466 9.07 -46.08 -23.73
CA LEU C 466 8.06 -45.97 -24.78
C LEU C 466 8.41 -46.73 -26.06
N GLU C 467 9.70 -46.93 -26.30
CA GLU C 467 10.18 -47.61 -27.50
C GLU C 467 9.44 -48.89 -27.89
N PRO C 468 9.35 -49.87 -26.97
CA PRO C 468 8.73 -51.14 -27.37
C PRO C 468 7.21 -51.06 -27.63
N LEU C 469 6.54 -50.10 -27.01
CA LEU C 469 5.09 -50.02 -27.14
C LEU C 469 4.68 -49.48 -28.50
N SER D 67 -27.26 -7.52 -9.00
CA SER D 67 -25.84 -7.22 -8.82
C SER D 67 -25.06 -8.47 -8.42
N VAL D 68 -24.71 -8.58 -7.13
CA VAL D 68 -24.02 -9.77 -6.63
C VAL D 68 -24.67 -10.35 -5.38
N ASP D 69 -25.01 -11.63 -5.43
CA ASP D 69 -25.54 -12.32 -4.27
C ASP D 69 -24.43 -12.47 -3.24
N MET D 70 -24.63 -11.89 -2.07
CA MET D 70 -23.63 -11.90 -1.01
C MET D 70 -24.03 -12.79 0.17
N SER D 71 -25.05 -13.62 -0.03
CA SER D 71 -25.47 -14.57 1.00
C SER D 71 -24.34 -15.56 1.31
N LEU D 72 -24.21 -15.89 2.59
CA LEU D 72 -23.19 -16.83 3.03
C LEU D 72 -23.85 -18.16 3.33
N SER D 73 -23.05 -19.20 3.48
CA SER D 73 -23.61 -20.52 3.77
C SER D 73 -24.31 -20.51 5.11
N PRO D 74 -25.37 -21.33 5.26
CA PRO D 74 -26.06 -21.48 6.54
C PRO D 74 -25.09 -21.72 7.70
N ARG D 75 -24.12 -22.60 7.47
CA ARG D 75 -23.22 -22.97 8.54
C ARG D 75 -22.34 -21.82 9.03
N VAL D 76 -21.87 -20.97 8.11
CA VAL D 76 -21.08 -19.82 8.54
C VAL D 76 -21.98 -18.80 9.24
N GLN D 77 -23.23 -18.74 8.80
CA GLN D 77 -24.25 -17.90 9.43
C GLN D 77 -24.65 -18.44 10.81
N SER D 78 -24.52 -19.75 11.01
CA SER D 78 -24.92 -20.38 12.26
C SER D 78 -24.00 -19.93 13.41
N LEU D 79 -22.79 -19.50 13.06
CA LEU D 79 -21.78 -19.10 14.04
C LEU D 79 -22.28 -17.91 14.86
N LYS D 80 -22.28 -18.08 16.18
CA LYS D 80 -22.79 -17.07 17.09
C LYS D 80 -21.89 -15.83 17.11
N PRO D 81 -22.46 -14.66 17.43
CA PRO D 81 -21.66 -13.43 17.57
C PRO D 81 -20.68 -13.54 18.74
N SER D 82 -19.52 -12.92 18.59
CA SER D 82 -18.50 -12.97 19.63
C SER D 82 -18.97 -12.33 20.94
N LYS D 83 -18.64 -12.96 22.06
CA LYS D 83 -18.92 -12.41 23.37
C LYS D 83 -17.69 -11.71 23.94
N THR D 84 -16.58 -11.78 23.22
CA THR D 84 -15.32 -11.19 23.69
C THR D 84 -14.93 -9.93 22.93
N MET D 85 -15.45 -9.78 21.72
CA MET D 85 -15.15 -8.63 20.86
C MET D 85 -15.37 -7.28 21.56
N VAL D 86 -16.41 -7.20 22.38
CA VAL D 86 -16.72 -5.99 23.12
C VAL D 86 -15.52 -5.54 23.96
N ILE D 87 -14.88 -6.50 24.61
CA ILE D 87 -13.75 -6.23 25.50
C ILE D 87 -12.48 -5.93 24.71
N THR D 88 -12.24 -6.77 23.70
CA THR D 88 -11.09 -6.58 22.83
C THR D 88 -11.13 -5.19 22.19
N ASP D 89 -12.27 -4.81 21.65
CA ASP D 89 -12.39 -3.53 20.95
C ASP D 89 -12.20 -2.33 21.88
N LEU D 90 -12.80 -2.38 23.06
CA LEU D 90 -12.64 -1.27 24.00
C LEU D 90 -11.21 -1.16 24.52
N ALA D 91 -10.56 -2.29 24.79
CA ALA D 91 -9.18 -2.27 25.27
C ALA D 91 -8.22 -1.78 24.19
N ALA D 92 -8.44 -2.24 22.96
CA ALA D 92 -7.56 -1.93 21.84
C ALA D 92 -7.43 -0.43 21.62
N THR D 93 -8.56 0.26 21.59
CA THR D 93 -8.55 1.70 21.38
C THR D 93 -7.83 2.36 22.53
N LEU D 94 -8.11 1.91 23.74
CA LEU D 94 -7.55 2.54 24.95
C LEU D 94 -6.03 2.60 24.96
N VAL D 95 -5.37 1.49 24.59
CA VAL D 95 -3.92 1.47 24.50
C VAL D 95 -3.44 2.46 23.43
N GLN D 96 -4.29 2.72 22.44
CA GLN D 96 -4.03 3.73 21.43
C GLN D 96 -4.65 5.08 21.80
N SER D 97 -5.71 5.05 22.61
CA SER D 97 -6.32 6.27 23.13
C SER D 97 -5.39 6.99 24.09
N GLY D 98 -4.66 6.23 24.89
CA GLY D 98 -3.72 6.80 25.85
C GLY D 98 -3.98 6.33 27.27
N VAL D 99 -4.78 5.28 27.40
CA VAL D 99 -5.09 4.74 28.71
C VAL D 99 -4.55 3.32 28.81
N PRO D 100 -3.45 3.13 29.58
CA PRO D 100 -2.87 1.81 29.71
C PRO D 100 -3.86 0.82 30.31
N VAL D 101 -3.81 -0.42 29.83
CA VAL D 101 -4.75 -1.43 30.24
C VAL D 101 -4.00 -2.64 30.80
N ILE D 102 -4.49 -3.15 31.93
CA ILE D 102 -4.00 -4.42 32.46
C ILE D 102 -4.73 -5.55 31.76
N ARG D 103 -3.97 -6.37 31.05
CA ARG D 103 -4.55 -7.38 30.17
C ARG D 103 -4.53 -8.76 30.79
N LEU D 104 -5.71 -9.24 31.16
CA LEU D 104 -5.86 -10.55 31.78
C LEU D 104 -6.81 -11.42 30.97
N ALA D 105 -6.93 -11.14 29.69
CA ALA D 105 -7.93 -11.81 28.88
C ALA D 105 -7.36 -12.88 27.94
N ALA D 106 -6.04 -12.88 27.78
CA ALA D 106 -5.39 -13.77 26.82
C ALA D 106 -5.34 -15.21 27.32
N GLY D 107 -5.52 -16.15 26.40
CA GLY D 107 -5.53 -17.55 26.76
C GLY D 107 -4.27 -18.19 26.24
N GLU D 108 -3.13 -17.65 26.69
CA GLU D 108 -1.84 -18.16 26.24
C GLU D 108 -0.76 -17.87 27.27
N PRO D 109 0.26 -18.74 27.34
CA PRO D 109 1.37 -18.52 28.26
C PRO D 109 2.11 -17.19 28.00
N ASP D 110 2.70 -16.63 29.04
CA ASP D 110 3.45 -15.39 28.89
C ASP D 110 4.95 -15.63 28.70
N PHE D 111 5.39 -16.87 28.85
CA PHE D 111 6.80 -17.21 28.78
C PHE D 111 7.30 -17.34 27.34
N ASP D 112 8.61 -17.14 27.17
CA ASP D 112 9.26 -17.43 25.90
C ASP D 112 9.22 -18.93 25.65
N THR D 113 9.30 -19.31 24.38
CA THR D 113 9.52 -20.71 24.02
C THR D 113 10.87 -21.10 24.64
N PRO D 114 10.94 -22.31 25.22
CA PRO D 114 12.20 -22.74 25.84
C PRO D 114 13.36 -22.73 24.86
N LYS D 115 14.56 -22.41 25.35
CA LYS D 115 15.72 -22.23 24.49
C LYS D 115 15.99 -23.38 23.54
N VAL D 116 15.91 -24.60 24.07
CA VAL D 116 16.25 -25.81 23.33
C VAL D 116 15.22 -26.07 22.21
N VAL D 117 13.99 -25.67 22.45
CA VAL D 117 12.94 -25.80 21.44
C VAL D 117 13.16 -24.77 20.31
N ALA D 118 13.38 -23.52 20.69
CA ALA D 118 13.72 -22.47 19.75
C ALA D 118 14.94 -22.83 18.88
N GLU D 119 15.95 -23.42 19.52
CA GLU D 119 17.15 -23.86 18.80
C GLU D 119 16.81 -24.88 17.72
N ALA D 120 15.90 -25.80 18.04
CA ALA D 120 15.51 -26.83 17.09
C ALA D 120 14.77 -26.22 15.88
N GLY D 121 13.98 -25.16 16.12
CA GLY D 121 13.25 -24.52 15.04
C GLY D 121 14.22 -23.76 14.16
N ILE D 122 15.18 -23.08 14.79
CA ILE D 122 16.21 -22.37 14.06
C ILE D 122 17.02 -23.37 13.26
N ASN D 123 17.40 -24.48 13.88
CA ASN D 123 18.10 -25.52 13.16
C ASN D 123 17.34 -26.06 11.95
N ALA D 124 16.04 -26.26 12.11
CA ALA D 124 15.20 -26.74 11.02
C ALA D 124 15.30 -25.79 9.83
N ILE D 125 15.25 -24.49 10.10
CA ILE D 125 15.35 -23.49 9.05
C ILE D 125 16.71 -23.53 8.35
N ARG D 126 17.77 -23.55 9.14
CA ARG D 126 19.12 -23.53 8.59
C ARG D 126 19.45 -24.78 7.78
N GLU D 127 18.89 -25.92 8.19
CA GLU D 127 19.16 -27.18 7.54
C GLU D 127 18.28 -27.42 6.31
N GLY D 128 17.35 -26.49 6.07
CA GLY D 128 16.50 -26.61 4.90
C GLY D 128 15.32 -27.53 5.10
N PHE D 129 14.96 -27.77 6.36
CA PHE D 129 13.79 -28.58 6.65
C PHE D 129 12.52 -27.72 6.50
N THR D 130 12.27 -27.31 5.25
CA THR D 130 11.29 -26.28 4.95
C THR D 130 10.33 -26.76 3.87
N ARG D 131 10.27 -28.08 3.70
CA ARG D 131 9.43 -28.69 2.68
C ARG D 131 8.18 -29.32 3.32
N TYR D 132 7.20 -29.62 2.47
CA TYR D 132 6.00 -30.34 2.90
C TYR D 132 6.37 -31.61 3.65
N THR D 133 5.72 -31.84 4.78
CA THR D 133 5.90 -33.10 5.48
C THR D 133 4.78 -34.06 5.07
N LEU D 134 4.86 -35.29 5.58
CA LEU D 134 3.73 -36.20 5.48
C LEU D 134 2.54 -35.50 6.10
N ASN D 135 1.39 -35.63 5.46
CA ASN D 135 0.14 -35.05 5.95
C ASN D 135 -0.07 -35.28 7.45
N ALA D 136 0.12 -36.52 7.89
CA ALA D 136 -0.14 -36.89 9.28
C ALA D 136 0.93 -36.42 10.26
N GLY D 137 2.07 -35.99 9.73
CA GLY D 137 3.18 -35.51 10.53
C GLY D 137 4.45 -36.31 10.28
N ILE D 138 5.61 -35.70 10.51
CA ILE D 138 6.87 -36.43 10.34
C ILE D 138 6.93 -37.62 11.29
N THR D 139 7.52 -38.72 10.81
CA THR D 139 7.52 -39.98 11.54
C THR D 139 8.14 -39.83 12.92
N GLU D 140 9.24 -39.09 13.02
CA GLU D 140 9.94 -38.97 14.29
C GLU D 140 9.08 -38.25 15.34
N LEU D 141 8.25 -37.31 14.89
CA LEU D 141 7.37 -36.63 15.81
C LEU D 141 6.22 -37.54 16.26
N ARG D 142 5.61 -38.26 15.31
CA ARG D 142 4.54 -39.18 15.68
C ARG D 142 5.05 -40.30 16.60
N GLU D 143 6.28 -40.73 16.36
CA GLU D 143 6.93 -41.71 17.24
C GLU D 143 7.21 -41.13 18.63
N ALA D 144 7.68 -39.89 18.68
CA ALA D 144 7.94 -39.24 19.95
C ALA D 144 6.63 -39.03 20.71
N ILE D 145 5.56 -38.73 19.98
CA ILE D 145 4.25 -38.56 20.59
C ILE D 145 3.76 -39.88 21.21
N CYS D 146 3.95 -40.98 20.49
CA CYS D 146 3.56 -42.29 21.01
C CYS D 146 4.33 -42.61 22.30
N ARG D 147 5.61 -42.25 22.33
CA ARG D 147 6.40 -42.47 23.54
C ARG D 147 5.86 -41.65 24.71
N LYS D 148 5.49 -40.41 24.43
CA LYS D 148 4.94 -39.54 25.46
C LYS D 148 3.61 -40.07 26.00
N LEU D 149 2.74 -40.51 25.10
CA LEU D 149 1.44 -41.00 25.53
C LEU D 149 1.60 -42.24 26.41
N LYS D 150 2.59 -43.05 26.10
CA LYS D 150 2.90 -44.24 26.90
C LYS D 150 3.52 -43.90 28.25
N GLU D 151 4.59 -43.11 28.23
CA GLU D 151 5.34 -42.81 29.44
CA GLU D 151 5.34 -42.82 29.45
C GLU D 151 4.56 -41.93 30.42
N GLU D 152 3.84 -40.96 29.87
CA GLU D 152 3.13 -40.00 30.72
C GLU D 152 1.68 -40.36 31.03
N ASN D 153 1.00 -40.99 30.08
CA ASN D 153 -0.42 -41.23 30.22
C ASN D 153 -0.83 -42.70 30.29
N GLY D 154 0.14 -43.60 30.14
CA GLY D 154 -0.12 -45.02 30.18
C GLY D 154 -0.98 -45.51 29.03
N LEU D 155 -0.88 -44.83 27.89
CA LEU D 155 -1.65 -45.16 26.70
C LEU D 155 -0.75 -45.72 25.60
N SER D 156 -1.23 -46.75 24.91
CA SER D 156 -0.44 -47.37 23.84
C SER D 156 -1.02 -47.05 22.46
N TYR D 157 -0.34 -46.20 21.70
CA TYR D 157 -0.73 -45.88 20.33
C TYR D 157 0.41 -46.20 19.36
N ALA D 158 0.05 -46.55 18.14
CA ALA D 158 1.01 -46.72 17.06
C ALA D 158 1.09 -45.41 16.29
N PRO D 159 2.21 -45.17 15.57
CA PRO D 159 2.37 -43.92 14.82
C PRO D 159 1.25 -43.62 13.83
N ASP D 160 0.57 -44.64 13.32
CA ASP D 160 -0.53 -44.38 12.39
C ASP D 160 -1.83 -44.02 13.12
N GLN D 161 -1.76 -43.98 14.46
CA GLN D 161 -2.90 -43.54 15.25
C GLN D 161 -2.74 -42.08 15.68
N ILE D 162 -1.73 -41.41 15.14
CA ILE D 162 -1.43 -40.02 15.51
C ILE D 162 -1.61 -39.09 14.32
N LEU D 163 -2.31 -37.99 14.52
CA LEU D 163 -2.42 -36.96 13.48
C LEU D 163 -1.93 -35.62 14.02
N VAL D 164 -0.89 -35.08 13.40
CA VAL D 164 -0.33 -33.79 13.81
C VAL D 164 -0.97 -32.68 12.98
N SER D 165 -1.43 -31.61 13.64
CA SER D 165 -2.11 -30.51 12.98
C SER D 165 -1.57 -29.14 13.40
N ASN D 166 -2.08 -28.08 12.77
CA ASN D 166 -1.63 -26.72 13.09
C ASN D 166 -2.31 -26.20 14.34
N GLY D 167 -1.93 -26.73 15.49
CA GLY D 167 -2.57 -26.42 16.75
C GLY D 167 -3.64 -27.45 17.10
N ALA D 168 -3.96 -27.56 18.39
CA ALA D 168 -4.96 -28.52 18.85
C ALA D 168 -6.39 -28.08 18.50
N LYS D 169 -6.60 -26.78 18.28
CA LYS D 169 -7.93 -26.33 17.87
C LYS D 169 -8.35 -27.05 16.58
N GLN D 170 -7.39 -27.20 15.66
CA GLN D 170 -7.67 -27.93 14.42
C GLN D 170 -7.93 -29.41 14.70
N SER D 171 -7.11 -30.02 15.54
CA SER D 171 -7.29 -31.42 15.91
C SER D 171 -8.71 -31.67 16.40
N LEU D 172 -9.20 -30.77 17.23
CA LEU D 172 -10.55 -30.87 17.78
C LEU D 172 -11.63 -30.72 16.73
N LEU D 173 -11.51 -29.69 15.90
CA LEU D 173 -12.49 -29.48 14.83
C LEU D 173 -12.60 -30.72 13.94
N GLN D 174 -11.45 -31.22 13.50
CA GLN D 174 -11.45 -32.38 12.60
C GLN D 174 -12.04 -33.64 13.24
N ALA D 175 -11.76 -33.84 14.52
CA ALA D 175 -12.39 -34.96 15.24
C ALA D 175 -13.91 -34.84 15.19
N VAL D 176 -14.42 -33.65 15.50
CA VAL D 176 -15.86 -33.41 15.52
C VAL D 176 -16.48 -33.59 14.14
N LEU D 177 -15.81 -33.07 13.13
CA LEU D 177 -16.30 -33.21 11.75
C LEU D 177 -16.30 -34.66 11.29
N ALA D 178 -15.35 -35.46 11.78
CA ALA D 178 -15.19 -36.84 11.33
C ALA D 178 -16.28 -37.77 11.86
N VAL D 179 -16.62 -37.62 13.13
CA VAL D 179 -17.51 -38.59 13.77
C VAL D 179 -18.95 -38.13 13.90
N CYS D 180 -19.19 -36.82 13.72
CA CYS D 180 -20.53 -36.28 13.91
C CYS D 180 -21.29 -36.13 12.60
N SER D 181 -22.40 -36.86 12.48
CA SER D 181 -23.30 -36.74 11.35
C SER D 181 -24.33 -35.65 11.66
N PRO D 182 -24.99 -35.11 10.62
CA PRO D 182 -26.02 -34.10 10.87
C PRO D 182 -27.11 -34.60 11.81
N GLY D 183 -27.43 -33.82 12.83
CA GLY D 183 -28.45 -34.22 13.79
C GLY D 183 -27.89 -34.85 15.05
N ASP D 184 -26.66 -35.34 14.97
CA ASP D 184 -26.00 -35.92 16.15
C ASP D 184 -25.91 -34.88 17.24
N GLU D 185 -25.87 -35.33 18.49
CA GLU D 185 -25.74 -34.42 19.61
C GLU D 185 -24.32 -34.46 20.19
N VAL D 186 -23.78 -33.28 20.47
CA VAL D 186 -22.48 -33.16 21.11
C VAL D 186 -22.68 -32.61 22.51
N ILE D 187 -22.38 -33.43 23.51
CA ILE D 187 -22.59 -33.05 24.90
C ILE D 187 -21.40 -32.24 25.38
N ILE D 188 -21.67 -31.02 25.83
CA ILE D 188 -20.62 -30.10 26.21
C ILE D 188 -20.93 -29.48 27.57
N PRO D 189 -20.20 -29.90 28.61
CA PRO D 189 -20.41 -29.34 29.95
C PRO D 189 -20.02 -27.87 29.95
N ALA D 190 -20.79 -27.05 30.64
CA ALA D 190 -20.45 -25.65 30.85
C ALA D 190 -19.84 -25.51 32.24
N PRO D 191 -18.91 -24.57 32.42
CA PRO D 191 -18.36 -23.64 31.43
C PRO D 191 -17.50 -24.36 30.40
N TYR D 192 -17.60 -23.93 29.14
CA TYR D 192 -16.91 -24.58 28.04
C TYR D 192 -15.96 -23.64 27.35
N TRP D 193 -14.98 -24.21 26.66
CA TRP D 193 -14.13 -23.44 25.78
C TRP D 193 -15.01 -22.99 24.64
N VAL D 194 -14.86 -21.74 24.24
CA VAL D 194 -15.76 -21.10 23.28
C VAL D 194 -15.98 -21.93 22.01
N SER D 195 -14.92 -22.55 21.53
CA SER D 195 -14.94 -23.25 20.24
C SER D 195 -15.72 -24.56 20.16
N TYR D 196 -15.88 -25.26 21.29
CA TYR D 196 -16.53 -26.56 21.25
C TYR D 196 -17.92 -26.47 20.63
N THR D 197 -18.70 -25.47 21.04
CA THR D 197 -20.08 -25.39 20.55
C THR D 197 -20.10 -25.04 19.07
N GLU D 198 -19.18 -24.17 18.68
CA GLU D 198 -19.11 -23.71 17.29
C GLU D 198 -18.63 -24.82 16.37
N GLN D 199 -17.70 -25.65 16.85
CA GLN D 199 -17.20 -26.76 16.04
C GLN D 199 -18.30 -27.78 15.81
N ALA D 200 -19.10 -28.03 16.85
CA ALA D 200 -20.27 -28.88 16.74
C ALA D 200 -21.19 -28.39 15.64
N ARG D 201 -21.46 -27.09 15.63
CA ARG D 201 -22.33 -26.49 14.62
C ARG D 201 -21.79 -26.61 13.21
N LEU D 202 -20.47 -26.59 13.05
CA LEU D 202 -19.85 -26.75 11.74
C LEU D 202 -20.04 -28.17 11.19
N ALA D 203 -20.28 -29.12 12.08
CA ALA D 203 -20.60 -30.49 11.69
C ALA D 203 -22.10 -30.69 11.50
N ASP D 204 -22.84 -29.58 11.62
CA ASP D 204 -24.30 -29.60 11.61
C ASP D 204 -24.85 -30.50 12.71
N ALA D 205 -24.09 -30.58 13.81
CA ALA D 205 -24.54 -31.29 15.00
C ALA D 205 -25.13 -30.30 15.98
N THR D 206 -25.79 -30.82 17.02
CA THR D 206 -26.47 -29.99 17.99
C THR D 206 -25.73 -30.00 19.32
N PRO D 207 -25.28 -28.82 19.79
CA PRO D 207 -24.63 -28.74 21.10
C PRO D 207 -25.66 -28.96 22.20
N VAL D 208 -25.44 -29.95 23.05
CA VAL D 208 -26.25 -30.12 24.24
C VAL D 208 -25.40 -29.69 25.43
N VAL D 209 -25.68 -28.51 25.96
CA VAL D 209 -24.86 -27.93 27.01
C VAL D 209 -25.37 -28.31 28.40
N ILE D 210 -24.46 -28.75 29.26
CA ILE D 210 -24.83 -29.13 30.63
C ILE D 210 -24.11 -28.25 31.64
N PRO D 211 -24.86 -27.39 32.34
CA PRO D 211 -24.24 -26.49 33.32
C PRO D 211 -23.69 -27.26 34.52
N THR D 212 -22.52 -26.87 34.99
CA THR D 212 -21.98 -27.45 36.21
C THR D 212 -22.03 -26.38 37.30
N LYS D 213 -21.75 -26.77 38.54
CA LYS D 213 -21.82 -25.83 39.65
C LYS D 213 -20.46 -25.55 40.25
N ILE D 214 -20.27 -24.31 40.72
CA ILE D 214 -19.02 -23.90 41.34
C ILE D 214 -18.80 -24.67 42.64
N SER D 215 -19.89 -24.99 43.33
CA SER D 215 -19.82 -25.77 44.55
C SER D 215 -19.26 -27.16 44.26
N ASN D 216 -19.45 -27.63 43.03
CA ASN D 216 -18.90 -28.92 42.62
C ASN D 216 -17.62 -28.76 41.80
N ASN D 217 -16.93 -27.63 41.97
CA ASN D 217 -15.67 -27.39 41.28
C ASN D 217 -15.85 -27.41 39.76
N PHE D 218 -17.05 -27.05 39.31
CA PHE D 218 -17.39 -27.02 37.88
C PHE D 218 -17.17 -28.37 37.20
N LEU D 219 -17.43 -29.45 37.93
CA LEU D 219 -17.33 -30.78 37.35
C LEU D 219 -18.69 -31.33 36.94
N LEU D 220 -18.71 -32.09 35.85
CA LEU D 220 -19.94 -32.71 35.36
C LEU D 220 -20.50 -33.71 36.37
N ASP D 221 -21.78 -33.56 36.68
CA ASP D 221 -22.48 -34.50 37.55
C ASP D 221 -22.96 -35.65 36.67
N PRO D 222 -22.52 -36.87 36.99
CA PRO D 222 -22.90 -38.07 36.24
C PRO D 222 -24.42 -38.20 36.07
N LYS D 223 -25.18 -37.82 37.09
CA LYS D 223 -26.64 -37.86 37.02
C LYS D 223 -27.16 -36.95 35.92
N ASP D 224 -26.56 -35.76 35.82
CA ASP D 224 -26.95 -34.79 34.80
C ASP D 224 -26.64 -35.33 33.40
N LEU D 225 -25.50 -36.01 33.27
CA LEU D 225 -25.10 -36.58 32.00
C LEU D 225 -26.11 -37.62 31.53
N GLU D 226 -26.48 -38.52 32.45
CA GLU D 226 -27.45 -39.57 32.17
C GLU D 226 -28.76 -39.00 31.65
N SER D 227 -29.26 -37.96 32.31
CA SER D 227 -30.57 -37.40 31.97
C SER D 227 -30.60 -36.60 30.67
N LYS D 228 -29.43 -36.42 30.06
CA LYS D 228 -29.35 -35.70 28.79
C LYS D 228 -28.94 -36.61 27.62
N LEU D 229 -28.69 -37.88 27.93
CA LEU D 229 -28.33 -38.86 26.91
C LEU D 229 -29.54 -39.30 26.08
N THR D 230 -29.39 -39.24 24.76
CA THR D 230 -30.41 -39.76 23.84
C THR D 230 -29.77 -40.67 22.80
N GLU D 231 -30.57 -41.21 21.89
CA GLU D 231 -30.06 -42.03 20.81
C GLU D 231 -29.23 -41.18 19.83
N LYS D 232 -29.41 -39.87 19.88
CA LYS D 232 -28.66 -38.97 19.02
C LYS D 232 -27.29 -38.61 19.60
N SER D 233 -27.09 -38.89 20.88
CA SER D 233 -25.82 -38.58 21.55
C SER D 233 -24.65 -39.29 20.89
N ARG D 234 -23.67 -38.52 20.45
CA ARG D 234 -22.55 -39.05 19.67
C ARG D 234 -21.20 -38.73 20.31
N LEU D 235 -21.09 -37.54 20.88
CA LEU D 235 -19.80 -37.08 21.37
C LEU D 235 -19.91 -36.32 22.68
N LEU D 236 -19.09 -36.70 23.65
CA LEU D 236 -18.94 -35.94 24.88
C LEU D 236 -17.57 -35.27 24.86
N ILE D 237 -17.53 -33.96 25.09
CA ILE D 237 -16.26 -33.25 25.13
C ILE D 237 -15.86 -32.95 26.57
N LEU D 238 -14.70 -33.46 26.98
CA LEU D 238 -14.17 -33.22 28.32
C LEU D 238 -12.83 -32.51 28.26
N CYS D 239 -12.78 -31.30 28.80
CA CYS D 239 -11.55 -30.55 28.86
C CYS D 239 -10.97 -30.62 30.27
N SER D 240 -9.80 -31.24 30.41
CA SER D 240 -9.16 -31.36 31.71
C SER D 240 -7.64 -31.39 31.59
N PRO D 241 -6.94 -30.48 32.30
CA PRO D 241 -7.47 -29.38 33.12
C PRO D 241 -8.24 -28.38 32.25
N SER D 242 -9.24 -27.72 32.85
CA SER D 242 -10.19 -26.93 32.07
C SER D 242 -9.82 -25.48 31.81
N ASN D 243 -10.15 -25.05 30.59
CA ASN D 243 -10.30 -23.66 30.24
C ASN D 243 -11.81 -23.50 30.13
N PRO D 244 -12.42 -22.61 30.94
CA PRO D 244 -11.87 -21.52 31.75
C PRO D 244 -11.75 -21.76 33.26
N THR D 245 -12.07 -22.94 33.78
CA THR D 245 -12.22 -23.09 35.22
C THR D 245 -10.95 -23.50 35.97
N GLY D 246 -10.05 -24.18 35.28
CA GLY D 246 -8.84 -24.69 35.91
C GLY D 246 -9.11 -25.94 36.72
N SER D 247 -10.31 -26.50 36.57
CA SER D 247 -10.64 -27.73 37.26
C SER D 247 -9.96 -28.94 36.63
N VAL D 248 -9.66 -29.93 37.46
CA VAL D 248 -9.09 -31.19 37.02
C VAL D 248 -10.03 -32.31 37.42
N TYR D 249 -10.41 -33.15 36.46
CA TYR D 249 -11.29 -34.27 36.74
C TYR D 249 -10.57 -35.40 37.48
N PRO D 250 -11.04 -35.70 38.71
CA PRO D 250 -10.48 -36.83 39.46
C PRO D 250 -10.79 -38.15 38.77
N LYS D 251 -9.91 -39.13 38.94
CA LYS D 251 -10.08 -40.44 38.33
C LYS D 251 -11.41 -41.09 38.68
N SER D 252 -11.84 -40.93 39.92
CA SER D 252 -13.08 -41.55 40.40
C SER D 252 -14.31 -41.01 39.67
N LEU D 253 -14.30 -39.72 39.34
CA LEU D 253 -15.42 -39.13 38.62
C LEU D 253 -15.39 -39.60 37.18
N LEU D 254 -14.19 -39.66 36.61
CA LEU D 254 -13.99 -40.15 35.25
C LEU D 254 -14.47 -41.60 35.11
N GLU D 255 -14.19 -42.42 36.11
CA GLU D 255 -14.59 -43.83 36.08
C GLU D 255 -16.12 -43.98 36.13
N GLU D 256 -16.79 -43.06 36.81
CA GLU D 256 -18.25 -43.05 36.82
C GLU D 256 -18.80 -42.68 35.45
N ILE D 257 -18.32 -41.55 34.92
CA ILE D 257 -18.67 -41.11 33.60
C ILE D 257 -18.41 -42.23 32.59
N ALA D 258 -17.25 -42.86 32.73
CA ALA D 258 -16.87 -43.94 31.85
C ALA D 258 -17.90 -45.08 31.82
N ARG D 259 -18.42 -45.42 32.99
CA ARG D 259 -19.41 -46.49 33.08
C ARG D 259 -20.72 -46.11 32.38
N ILE D 260 -21.06 -44.83 32.40
CA ILE D 260 -22.28 -44.36 31.76
C ILE D 260 -22.12 -44.39 30.24
N ILE D 261 -20.95 -43.97 29.76
CA ILE D 261 -20.66 -44.01 28.33
C ILE D 261 -20.69 -45.44 27.80
N ALA D 262 -20.21 -46.38 28.61
CA ALA D 262 -20.09 -47.78 28.23
C ALA D 262 -21.40 -48.38 27.74
N LYS D 263 -22.51 -47.88 28.26
CA LYS D 263 -23.83 -48.41 27.93
C LYS D 263 -24.33 -47.96 26.57
N HIS D 264 -23.73 -46.90 26.01
CA HIS D 264 -24.16 -46.34 24.73
C HIS D 264 -23.11 -46.55 23.64
N PRO D 265 -23.34 -47.52 22.75
CA PRO D 265 -22.36 -47.94 21.73
C PRO D 265 -21.98 -46.87 20.71
N ARG D 266 -22.81 -45.86 20.51
CA ARG D 266 -22.51 -44.82 19.52
C ARG D 266 -21.71 -43.67 20.11
N LEU D 267 -21.66 -43.60 21.43
CA LEU D 267 -21.08 -42.43 22.10
C LEU D 267 -19.56 -42.46 22.23
N LEU D 268 -18.92 -41.43 21.69
CA LEU D 268 -17.48 -41.27 21.78
C LEU D 268 -17.16 -40.15 22.74
N VAL D 269 -15.90 -40.06 23.15
CA VAL D 269 -15.45 -39.00 24.03
C VAL D 269 -14.26 -38.28 23.42
N LEU D 270 -14.35 -36.95 23.37
CA LEU D 270 -13.25 -36.11 22.93
C LEU D 270 -12.58 -35.52 24.17
N SER D 271 -11.35 -35.93 24.44
CA SER D 271 -10.64 -35.54 25.65
C SER D 271 -9.59 -34.49 25.34
N ASP D 272 -9.84 -33.26 25.75
CA ASP D 272 -8.93 -32.15 25.46
C ASP D 272 -7.96 -32.03 26.62
N GLU D 273 -6.75 -32.52 26.40
CA GLU D 273 -5.78 -32.63 27.48
C GLU D 273 -4.61 -31.67 27.34
N ILE D 274 -4.84 -30.57 26.63
CA ILE D 274 -3.79 -29.61 26.31
C ILE D 274 -3.13 -28.98 27.55
N TYR D 275 -3.86 -28.84 28.65
CA TYR D 275 -3.30 -28.24 29.86
C TYR D 275 -2.71 -29.26 30.84
N GLU D 276 -2.52 -30.50 30.37
CA GLU D 276 -2.03 -31.62 31.16
C GLU D 276 -0.92 -31.30 32.16
N HIS D 277 0.13 -30.67 31.66
CA HIS D 277 1.33 -30.45 32.47
C HIS D 277 1.25 -29.19 33.31
N ILE D 278 0.27 -28.35 33.01
CA ILE D 278 0.00 -27.18 33.85
C ILE D 278 -1.00 -27.60 34.91
N ILE D 279 -0.48 -28.21 35.97
CA ILE D 279 -1.30 -28.83 37.01
C ILE D 279 -0.59 -28.69 38.34
N TYR D 280 -1.35 -28.60 39.42
CA TYR D 280 -0.76 -28.32 40.73
C TYR D 280 -0.94 -29.46 41.72
N ALA D 281 0.19 -30.04 42.11
CA ALA D 281 0.20 -31.09 43.14
C ALA D 281 -0.63 -30.66 44.35
N PRO D 282 -1.43 -31.58 44.90
CA PRO D 282 -1.47 -33.01 44.57
C PRO D 282 -2.53 -33.40 43.54
N ALA D 283 -2.93 -32.49 42.66
CA ALA D 283 -3.84 -32.88 41.58
C ALA D 283 -3.06 -33.68 40.54
N THR D 284 -3.69 -34.73 40.00
CA THR D 284 -3.05 -35.49 38.92
C THR D 284 -3.97 -35.58 37.72
N HIS D 285 -3.37 -35.84 36.57
CA HIS D 285 -4.08 -35.88 35.29
C HIS D 285 -4.30 -37.32 34.86
N THR D 286 -5.56 -37.67 34.66
CA THR D 286 -5.90 -38.99 34.14
C THR D 286 -6.46 -38.86 32.73
N SER D 287 -5.78 -39.46 31.76
CA SER D 287 -6.27 -39.47 30.38
C SER D 287 -7.52 -40.34 30.30
N PHE D 288 -8.53 -39.86 29.59
CA PHE D 288 -9.79 -40.58 29.51
C PHE D 288 -9.63 -41.94 28.83
N ALA D 289 -8.73 -42.01 27.85
CA ALA D 289 -8.48 -43.25 27.12
C ALA D 289 -7.96 -44.39 27.98
N SER D 290 -7.45 -44.08 29.18
CA SER D 290 -6.88 -45.10 30.06
C SER D 290 -7.93 -45.81 30.91
N LEU D 291 -9.18 -45.34 30.83
CA LEU D 291 -10.25 -45.89 31.66
C LEU D 291 -10.80 -47.18 31.08
N PRO D 292 -11.42 -48.02 31.93
CA PRO D 292 -11.93 -49.32 31.48
C PRO D 292 -12.84 -49.21 30.25
N ASP D 293 -12.48 -49.90 29.18
CA ASP D 293 -13.25 -49.94 27.94
C ASP D 293 -13.39 -48.59 27.26
N MET D 294 -12.41 -47.72 27.48
CA MET D 294 -12.49 -46.36 26.94
C MET D 294 -11.59 -46.10 25.73
N TYR D 295 -10.52 -46.88 25.63
CA TYR D 295 -9.52 -46.68 24.60
C TYR D 295 -10.13 -46.59 23.20
N GLU D 296 -11.00 -47.55 22.88
CA GLU D 296 -11.60 -47.62 21.55
C GLU D 296 -12.66 -46.55 21.23
N ARG D 297 -13.06 -45.74 22.22
CA ARG D 297 -14.07 -44.71 21.98
C ARG D 297 -13.62 -43.31 22.39
N THR D 298 -12.33 -43.17 22.71
CA THR D 298 -11.78 -41.89 23.10
C THR D 298 -10.87 -41.33 22.01
N LEU D 299 -11.08 -40.04 21.72
CA LEU D 299 -10.19 -39.25 20.88
C LEU D 299 -9.39 -38.34 21.80
N THR D 300 -8.09 -38.60 21.88
CA THR D 300 -7.20 -37.85 22.78
C THR D 300 -6.53 -36.70 22.06
N VAL D 301 -6.80 -35.48 22.53
CA VAL D 301 -6.17 -34.30 21.96
C VAL D 301 -5.19 -33.65 22.94
N ASN D 302 -4.00 -33.37 22.43
CA ASN D 302 -2.96 -32.73 23.23
C ASN D 302 -2.14 -31.85 22.30
N GLY D 303 -1.06 -31.26 22.80
CA GLY D 303 -0.29 -30.38 21.94
C GLY D 303 0.78 -29.64 22.71
N PHE D 304 1.29 -28.57 22.12
CA PHE D 304 2.50 -27.92 22.61
C PHE D 304 2.29 -26.46 23.00
N SER D 305 1.14 -25.91 22.64
CA SER D 305 0.89 -24.49 22.86
C SER D 305 1.00 -24.06 24.31
N LYS D 306 0.35 -24.81 25.20
CA LYS D 306 0.25 -24.36 26.58
C LYS D 306 1.43 -24.77 27.47
N ALA D 307 1.81 -26.04 27.45
CA ALA D 307 2.89 -26.49 28.32
C ALA D 307 4.24 -25.92 27.93
N PHE D 308 4.44 -25.69 26.64
CA PHE D 308 5.76 -25.32 26.14
C PHE D 308 5.84 -23.90 25.59
N ALA D 309 4.79 -23.11 25.81
CA ALA D 309 4.81 -21.71 25.39
C ALA D 309 5.09 -21.63 23.89
N MET D 310 4.34 -22.41 23.12
CA MET D 310 4.55 -22.51 21.68
C MET D 310 3.31 -22.10 20.88
N THR D 311 2.50 -21.20 21.43
CA THR D 311 1.24 -20.85 20.76
C THR D 311 1.40 -20.36 19.32
N GLY D 312 2.40 -19.52 19.07
CA GLY D 312 2.61 -18.97 17.76
C GLY D 312 3.19 -19.97 16.75
N TRP D 313 3.68 -21.10 17.24
CA TRP D 313 4.28 -22.15 16.39
C TRP D 313 3.25 -23.04 15.69
N ARG D 314 2.08 -23.17 16.31
CA ARG D 314 0.93 -23.90 15.74
C ARG D 314 1.19 -25.41 15.61
N LEU D 315 1.20 -26.11 16.73
CA LEU D 315 1.43 -27.55 16.70
C LEU D 315 0.59 -28.27 17.75
N GLY D 316 -0.30 -29.14 17.29
CA GLY D 316 -1.15 -29.94 18.17
C GLY D 316 -1.33 -31.32 17.57
N TYR D 317 -1.99 -32.22 18.29
CA TYR D 317 -2.18 -33.57 17.74
C TYR D 317 -3.38 -34.30 18.30
N LEU D 318 -3.80 -35.31 17.56
CA LEU D 318 -4.87 -36.20 17.97
C LEU D 318 -4.35 -37.62 18.00
N ALA D 319 -4.73 -38.37 19.04
CA ALA D 319 -4.45 -39.79 19.13
C ALA D 319 -5.77 -40.52 19.33
N GLY D 320 -6.00 -41.59 18.57
CA GLY D 320 -7.23 -42.33 18.73
C GLY D 320 -7.31 -43.61 17.92
N PRO D 321 -8.52 -44.19 17.82
CA PRO D 321 -8.73 -45.41 17.03
C PRO D 321 -8.32 -45.16 15.59
N LYS D 322 -7.60 -46.10 15.00
CA LYS D 322 -7.02 -45.92 13.66
C LYS D 322 -8.03 -45.50 12.59
N HIS D 323 -9.22 -46.10 12.61
CA HIS D 323 -10.22 -45.77 11.59
CA HIS D 323 -10.24 -45.78 11.61
C HIS D 323 -10.68 -44.31 11.68
N ILE D 324 -10.78 -43.79 12.89
CA ILE D 324 -11.19 -42.40 13.08
C ILE D 324 -10.04 -41.42 12.76
N VAL D 325 -8.83 -41.79 13.14
CA VAL D 325 -7.66 -40.98 12.84
C VAL D 325 -7.44 -40.88 11.33
N ALA D 326 -7.70 -41.98 10.62
CA ALA D 326 -7.54 -41.98 9.17
C ALA D 326 -8.53 -41.03 8.51
N ALA D 327 -9.76 -41.01 9.02
CA ALA D 327 -10.79 -40.12 8.51
C ALA D 327 -10.40 -38.66 8.77
N CYS D 328 -9.92 -38.40 9.98
CA CYS D 328 -9.43 -37.06 10.32
C CYS D 328 -8.29 -36.64 9.41
N SER D 329 -7.42 -37.59 9.06
CA SER D 329 -6.29 -37.30 8.18
C SER D 329 -6.72 -36.96 6.76
N LYS D 330 -7.70 -37.69 6.23
CA LYS D 330 -8.26 -37.37 4.92
C LYS D 330 -8.79 -35.96 4.94
N LEU D 331 -9.55 -35.62 5.97
CA LEU D 331 -10.09 -34.28 6.12
CA LEU D 331 -10.08 -34.28 6.15
C LEU D 331 -8.98 -33.24 6.12
N GLN D 332 -7.92 -33.47 6.89
CA GLN D 332 -6.82 -32.51 6.98
C GLN D 332 -6.12 -32.32 5.65
N GLY D 333 -6.07 -33.37 4.84
CA GLY D 333 -5.51 -33.26 3.51
C GLY D 333 -6.24 -32.25 2.63
N GLN D 334 -7.48 -31.92 2.98
CA GLN D 334 -8.25 -30.92 2.24
C GLN D 334 -8.32 -29.57 2.97
N VAL D 335 -7.94 -29.58 4.24
CA VAL D 335 -7.99 -28.38 5.05
C VAL D 335 -6.68 -27.62 4.99
N SER D 336 -5.56 -28.31 5.20
CA SER D 336 -4.29 -27.60 5.35
C SER D 336 -3.05 -28.38 4.96
N SER D 337 -3.21 -29.68 4.72
CA SER D 337 -2.08 -30.59 4.53
C SER D 337 -1.28 -30.68 5.84
N GLY D 338 -0.05 -31.17 5.77
CA GLY D 338 0.79 -31.34 6.95
C GLY D 338 1.09 -30.04 7.68
N ALA D 339 1.34 -30.15 8.99
CA ALA D 339 1.71 -28.99 9.80
C ALA D 339 3.08 -28.50 9.39
N SER D 340 3.47 -27.33 9.91
CA SER D 340 4.79 -26.76 9.61
C SER D 340 5.94 -27.73 9.87
N SER D 341 6.83 -27.85 8.89
CA SER D 341 8.02 -28.67 9.02
C SER D 341 8.92 -28.13 10.12
N ILE D 342 8.95 -26.81 10.25
CA ILE D 342 9.78 -26.16 11.27
C ILE D 342 9.21 -26.39 12.68
N ALA D 343 7.91 -26.17 12.83
CA ALA D 343 7.24 -26.41 14.10
C ALA D 343 7.37 -27.87 14.55
N GLN D 344 7.28 -28.79 13.60
CA GLN D 344 7.31 -30.20 13.95
C GLN D 344 8.66 -30.58 14.53
N LYS D 345 9.74 -30.03 13.97
CA LYS D 345 11.07 -30.27 14.54
C LYS D 345 11.17 -29.66 15.94
N ALA D 346 10.55 -28.50 16.13
CA ALA D 346 10.53 -27.89 17.46
C ALA D 346 9.74 -28.77 18.44
N GLY D 347 8.66 -29.39 17.94
CA GLY D 347 7.89 -30.29 18.77
C GLY D 347 8.69 -31.51 19.23
N VAL D 348 9.50 -32.04 18.32
CA VAL D 348 10.39 -33.16 18.66
C VAL D 348 11.33 -32.77 19.80
N ALA D 349 11.86 -31.56 19.75
CA ALA D 349 12.74 -31.08 20.82
C ALA D 349 12.00 -30.85 22.13
N ALA D 350 10.75 -30.38 22.04
CA ALA D 350 9.92 -30.19 23.21
C ALA D 350 9.66 -31.50 23.95
N LEU D 351 9.33 -32.55 23.20
CA LEU D 351 9.13 -33.86 23.82
C LEU D 351 10.45 -34.44 24.33
N GLY D 352 11.55 -34.04 23.71
CA GLY D 352 12.87 -34.49 24.12
C GLY D 352 13.35 -33.89 25.44
N LEU D 353 12.60 -32.91 25.96
CA LEU D 353 12.90 -32.35 27.27
C LEU D 353 12.58 -33.36 28.38
N GLY D 354 11.97 -34.47 27.99
CA GLY D 354 11.70 -35.55 28.93
C GLY D 354 10.33 -35.50 29.57
N LYS D 355 10.15 -36.33 30.61
CA LYS D 355 8.84 -36.52 31.22
C LYS D 355 8.29 -35.21 31.78
N ALA D 356 7.09 -34.87 31.32
CA ALA D 356 6.40 -33.64 31.71
C ALA D 356 7.19 -32.36 31.42
N GLY D 357 8.07 -32.42 30.43
CA GLY D 357 8.87 -31.27 30.05
C GLY D 357 10.03 -30.99 30.97
N GLY D 358 10.23 -31.84 31.96
CA GLY D 358 11.35 -31.72 32.88
C GLY D 358 11.39 -30.44 33.69
N GLU D 359 12.60 -30.01 34.03
CA GLU D 359 12.76 -28.79 34.83
C GLU D 359 12.31 -27.52 34.09
N THR D 360 12.42 -27.52 32.77
CA THR D 360 11.96 -26.41 31.96
C THR D 360 10.49 -26.09 32.23
N VAL D 361 9.65 -27.11 32.16
CA VAL D 361 8.23 -26.95 32.41
C VAL D 361 7.95 -26.76 33.91
N ALA D 362 8.71 -27.44 34.75
CA ALA D 362 8.52 -27.33 36.20
C ALA D 362 8.70 -25.88 36.65
N GLU D 363 9.64 -25.18 36.04
CA GLU D 363 9.92 -23.79 36.38
CA GLU D 363 9.92 -23.79 36.39
C GLU D 363 8.73 -22.89 36.05
N MET D 364 8.11 -23.15 34.91
CA MET D 364 6.95 -22.38 34.51
C MET D 364 5.78 -22.70 35.43
N VAL D 365 5.58 -23.99 35.69
CA VAL D 365 4.55 -24.43 36.61
C VAL D 365 4.69 -23.84 38.01
N LYS D 366 5.91 -23.77 38.53
CA LYS D 366 6.16 -23.11 39.81
C LYS D 366 5.74 -21.65 39.78
N ALA D 367 6.06 -20.96 38.68
CA ALA D 367 5.68 -19.56 38.54
C ALA D 367 4.15 -19.44 38.49
N TYR D 368 3.51 -20.33 37.75
CA TYR D 368 2.05 -20.33 37.66
C TYR D 368 1.41 -20.54 39.04
N ARG D 369 1.99 -21.39 39.87
CA ARG D 369 1.41 -21.68 41.19
CA ARG D 369 1.40 -21.67 41.18
C ARG D 369 1.49 -20.46 42.10
N GLU D 370 2.65 -19.79 42.10
CA GLU D 370 2.83 -18.57 42.87
C GLU D 370 1.76 -17.56 42.49
N ARG D 371 1.55 -17.42 41.20
CA ARG D 371 0.56 -16.50 40.66
C ARG D 371 -0.84 -16.90 41.08
N ARG D 372 -1.15 -18.19 40.96
CA ARG D 372 -2.46 -18.71 41.36
C ARG D 372 -2.74 -18.43 42.82
N ASP D 373 -1.76 -18.75 43.66
CA ASP D 373 -1.94 -18.61 45.10
C ASP D 373 -2.16 -17.15 45.47
N PHE D 374 -1.42 -16.25 44.83
CA PHE D 374 -1.53 -14.83 45.11
C PHE D 374 -2.90 -14.29 44.75
N LEU D 375 -3.35 -14.64 43.55
CA LEU D 375 -4.66 -14.21 43.07
C LEU D 375 -5.81 -14.73 43.95
N VAL D 376 -5.83 -16.05 44.17
CA VAL D 376 -6.83 -16.69 45.02
C VAL D 376 -6.86 -16.07 46.41
N LYS D 377 -5.68 -15.84 46.99
CA LYS D 377 -5.58 -15.21 48.29
C LYS D 377 -6.18 -13.80 48.27
N SER D 378 -5.75 -13.01 47.28
CA SER D 378 -6.12 -11.61 47.19
C SER D 378 -7.60 -11.35 46.88
N LEU D 379 -8.21 -12.25 46.10
CA LEU D 379 -9.58 -12.02 45.63
C LEU D 379 -10.64 -12.77 46.42
N GLY D 380 -10.21 -13.82 47.12
CA GLY D 380 -11.10 -14.57 47.99
C GLY D 380 -11.50 -13.79 49.23
N ASP D 381 -10.73 -12.75 49.54
CA ASP D 381 -11.00 -11.90 50.69
C ASP D 381 -12.21 -11.02 50.46
N ILE D 382 -12.40 -10.60 49.21
CA ILE D 382 -13.45 -9.63 48.87
C ILE D 382 -14.85 -10.21 49.06
N LYS D 383 -15.73 -9.44 49.69
CA LYS D 383 -17.09 -9.87 49.93
C LYS D 383 -17.88 -10.02 48.63
N GLY D 384 -18.57 -11.15 48.50
CA GLY D 384 -19.36 -11.43 47.31
C GLY D 384 -18.56 -12.09 46.20
N VAL D 385 -17.30 -12.38 46.46
CA VAL D 385 -16.43 -12.99 45.47
C VAL D 385 -16.17 -14.45 45.78
N LYS D 386 -16.75 -15.34 44.98
CA LYS D 386 -16.60 -16.78 45.17
C LYS D 386 -15.59 -17.37 44.19
N ILE D 387 -14.59 -18.07 44.71
CA ILE D 387 -13.56 -18.66 43.86
C ILE D 387 -13.46 -20.17 44.01
N SER D 388 -13.60 -20.89 42.90
CA SER D 388 -13.25 -22.30 42.87
C SER D 388 -11.75 -22.40 42.62
N GLU D 389 -11.00 -22.85 43.62
CA GLU D 389 -9.54 -22.90 43.47
C GLU D 389 -9.11 -23.89 42.41
N PRO D 390 -8.40 -23.39 41.39
CA PRO D 390 -8.03 -24.23 40.25
C PRO D 390 -6.96 -25.23 40.61
N GLN D 391 -7.03 -26.39 39.96
CA GLN D 391 -6.06 -27.45 40.14
C GLN D 391 -5.16 -27.54 38.91
N GLY D 392 -5.51 -26.81 37.85
CA GLY D 392 -4.68 -26.79 36.67
C GLY D 392 -4.93 -25.59 35.78
N ALA D 393 -4.24 -25.55 34.63
CA ALA D 393 -4.30 -24.42 33.71
C ALA D 393 -3.84 -23.13 34.38
N PHE D 394 -4.15 -21.99 33.77
CA PHE D 394 -3.76 -20.70 34.34
C PHE D 394 -4.91 -19.69 34.34
N TYR D 395 -6.10 -20.15 34.74
CA TYR D 395 -7.31 -19.33 34.74
C TYR D 395 -8.00 -19.38 36.10
N LEU D 396 -8.53 -18.25 36.54
CA LEU D 396 -9.49 -18.23 37.63
C LEU D 396 -10.83 -17.91 37.02
N PHE D 397 -11.85 -18.68 37.37
CA PHE D 397 -13.19 -18.42 36.88
C PHE D 397 -14.02 -17.93 38.06
N ILE D 398 -14.09 -16.61 38.20
CA ILE D 398 -14.53 -16.01 39.45
C ILE D 398 -15.97 -15.54 39.46
N ASP D 399 -16.71 -15.97 40.47
CA ASP D 399 -18.11 -15.59 40.64
C ASP D 399 -18.21 -14.24 41.33
N PHE D 400 -18.51 -13.19 40.55
CA PHE D 400 -18.83 -11.88 41.10
C PHE D 400 -20.34 -11.61 41.01
N SER D 401 -21.13 -12.65 40.78
CA SER D 401 -22.56 -12.47 40.49
C SER D 401 -23.37 -11.82 41.62
N ALA D 402 -22.84 -11.85 42.84
CA ALA D 402 -23.48 -11.19 43.97
C ALA D 402 -23.57 -9.68 43.73
N TYR D 403 -22.71 -9.17 42.84
CA TYR D 403 -22.68 -7.75 42.52
C TYR D 403 -23.68 -7.36 41.45
N TYR D 404 -24.30 -8.34 40.82
CA TYR D 404 -25.28 -8.07 39.77
C TYR D 404 -26.48 -7.32 40.34
N GLY D 405 -26.92 -6.29 39.63
CA GLY D 405 -27.97 -5.42 40.10
C GLY D 405 -27.42 -4.07 40.53
N SER D 406 -26.09 -3.98 40.62
CA SER D 406 -25.44 -2.76 41.06
C SER D 406 -25.48 -1.66 40.01
N GLU D 407 -25.53 -0.41 40.49
CA GLU D 407 -25.45 0.74 39.61
C GLU D 407 -24.09 1.41 39.76
N ALA D 408 -23.36 1.56 38.65
CA ALA D 408 -22.02 2.15 38.70
C ALA D 408 -21.98 3.55 38.10
N GLU D 409 -21.39 4.48 38.85
CA GLU D 409 -21.29 5.87 38.44
C GLU D 409 -20.55 6.01 37.11
N GLY D 410 -21.11 6.80 36.20
CA GLY D 410 -20.48 7.02 34.91
C GLY D 410 -20.47 5.81 34.01
N PHE D 411 -21.23 4.78 34.38
CA PHE D 411 -21.29 3.57 33.57
C PHE D 411 -22.71 3.02 33.40
N GLY D 412 -23.39 2.84 34.52
CA GLY D 412 -24.76 2.33 34.49
C GLY D 412 -24.92 0.99 35.17
N LEU D 413 -25.92 0.23 34.72
CA LEU D 413 -26.32 -1.01 35.36
C LEU D 413 -25.37 -2.17 35.10
N ILE D 414 -25.01 -2.88 36.18
CA ILE D 414 -24.22 -4.09 36.10
CA ILE D 414 -24.24 -4.10 36.06
C ILE D 414 -25.11 -5.26 36.50
N ASN D 415 -25.52 -6.08 35.54
CA ASN D 415 -26.43 -7.18 35.87
C ASN D 415 -26.07 -8.50 35.21
N ASP D 416 -24.90 -8.55 34.59
CA ASP D 416 -24.45 -9.79 33.95
C ASP D 416 -22.94 -9.78 33.74
N SER D 417 -22.40 -10.86 33.20
CA SER D 417 -20.94 -10.96 33.12
C SER D 417 -20.37 -9.99 32.08
N SER D 418 -21.14 -9.72 31.03
CA SER D 418 -20.65 -8.84 29.98
C SER D 418 -20.55 -7.40 30.48
N SER D 419 -21.58 -6.94 31.19
CA SER D 419 -21.57 -5.57 31.68
C SER D 419 -20.54 -5.38 32.78
N LEU D 420 -20.36 -6.40 33.62
CA LEU D 420 -19.36 -6.29 34.70
C LEU D 420 -17.97 -6.21 34.10
N ALA D 421 -17.69 -7.07 33.14
CA ALA D 421 -16.39 -7.06 32.49
C ALA D 421 -16.14 -5.75 31.74
N LEU D 422 -17.15 -5.22 31.06
CA LEU D 422 -16.98 -3.95 30.37
C LEU D 422 -16.74 -2.82 31.35
N TYR D 423 -17.38 -2.89 32.53
CA TYR D 423 -17.19 -1.92 33.60
C TYR D 423 -15.75 -1.97 34.11
N PHE D 424 -15.29 -3.18 34.43
CA PHE D 424 -13.90 -3.36 34.89
C PHE D 424 -12.94 -2.70 33.89
N LEU D 425 -13.19 -2.89 32.61
CA LEU D 425 -12.31 -2.32 31.58
C LEU D 425 -12.55 -0.83 31.39
N ASP D 426 -13.80 -0.44 31.13
CA ASP D 426 -14.13 0.95 30.83
C ASP D 426 -13.77 1.91 31.95
N LYS D 427 -14.01 1.51 33.19
CA LYS D 427 -13.81 2.43 34.33
C LYS D 427 -12.52 2.16 35.12
N PHE D 428 -12.00 0.94 35.03
CA PHE D 428 -10.82 0.59 35.84
C PHE D 428 -9.65 -0.06 35.10
N GLN D 429 -9.73 -0.08 33.78
CA GLN D 429 -8.61 -0.42 32.91
C GLN D 429 -8.09 -1.85 33.07
N VAL D 430 -8.96 -2.79 33.41
CA VAL D 430 -8.54 -4.19 33.52
C VAL D 430 -9.36 -5.04 32.58
N ALA D 431 -8.69 -5.76 31.67
CA ALA D 431 -9.43 -6.54 30.67
C ALA D 431 -9.50 -8.01 31.05
N MET D 432 -10.72 -8.53 31.15
CA MET D 432 -10.99 -9.91 31.48
C MET D 432 -12.06 -10.44 30.52
N VAL D 433 -12.38 -11.73 30.58
CA VAL D 433 -13.36 -12.29 29.66
C VAL D 433 -14.67 -12.62 30.40
N PRO D 434 -15.81 -12.10 29.90
CA PRO D 434 -17.07 -12.40 30.59
C PRO D 434 -17.43 -13.89 30.49
N GLY D 435 -18.06 -14.40 31.53
CA GLY D 435 -18.34 -15.82 31.61
C GLY D 435 -19.35 -16.27 30.58
N ASP D 436 -20.16 -15.33 30.09
CA ASP D 436 -21.17 -15.71 29.10
C ASP D 436 -20.52 -16.20 27.81
N ALA D 437 -19.24 -15.85 27.62
CA ALA D 437 -18.48 -16.35 26.47
C ALA D 437 -18.19 -17.85 26.59
N PHE D 438 -18.30 -18.37 27.80
CA PHE D 438 -18.05 -19.78 28.07
C PHE D 438 -19.33 -20.48 28.51
N GLY D 439 -20.47 -19.83 28.32
CA GLY D 439 -21.75 -20.41 28.66
C GLY D 439 -22.09 -20.39 30.15
N ASP D 440 -21.45 -19.49 30.90
CA ASP D 440 -21.80 -19.32 32.31
C ASP D 440 -21.68 -17.86 32.74
N ASP D 441 -22.83 -17.21 32.81
CA ASP D 441 -22.90 -15.77 33.04
C ASP D 441 -22.63 -15.37 34.50
N SER D 442 -22.46 -16.35 35.39
CA SER D 442 -22.24 -16.04 36.79
C SER D 442 -20.78 -15.67 37.09
N CYS D 443 -19.89 -15.88 36.13
CA CYS D 443 -18.47 -15.67 36.41
C CYS D 443 -17.76 -14.80 35.37
N ILE D 444 -16.50 -14.50 35.67
CA ILE D 444 -15.63 -13.84 34.71
C ILE D 444 -14.31 -14.58 34.72
N ARG D 445 -13.71 -14.80 33.55
CA ARG D 445 -12.42 -15.48 33.50
C ARG D 445 -11.24 -14.50 33.58
N ILE D 446 -10.35 -14.78 34.52
CA ILE D 446 -9.08 -14.08 34.61
C ILE D 446 -7.95 -15.02 34.26
N SER D 447 -7.05 -14.58 33.41
CA SER D 447 -5.88 -15.37 33.08
CA SER D 447 -5.87 -15.37 33.07
C SER D 447 -4.70 -14.90 33.93
N TYR D 448 -4.04 -15.83 34.61
CA TYR D 448 -2.85 -15.41 35.34
C TYR D 448 -1.56 -15.83 34.63
N ALA D 449 -1.62 -15.90 33.30
CA ALA D 449 -0.43 -16.02 32.46
C ALA D 449 0.15 -14.63 32.20
N THR D 450 0.59 -14.00 33.28
CA THR D 450 1.19 -12.68 33.26
C THR D 450 1.92 -12.62 34.60
N SER D 451 2.87 -11.70 34.76
CA SER D 451 3.72 -11.71 35.95
C SER D 451 3.00 -11.31 37.24
N LEU D 452 3.57 -11.70 38.37
CA LEU D 452 3.07 -11.34 39.70
C LEU D 452 2.88 -9.83 39.84
N ASP D 453 3.68 -9.07 39.12
CA ASP D 453 3.59 -7.61 39.18
C ASP D 453 2.30 -7.08 38.55
N VAL D 454 1.97 -7.63 37.39
CA VAL D 454 0.72 -7.27 36.72
C VAL D 454 -0.48 -7.66 37.58
N LEU D 455 -0.38 -8.81 38.22
CA LEU D 455 -1.49 -9.35 39.02
C LEU D 455 -1.78 -8.50 40.24
N GLN D 456 -0.73 -7.96 40.85
CA GLN D 456 -0.88 -7.07 41.99
CA GLN D 456 -0.89 -7.07 42.00
C GLN D 456 -1.62 -5.80 41.60
N ALA D 457 -1.25 -5.23 40.46
CA ALA D 457 -1.90 -4.02 39.98
C ALA D 457 -3.36 -4.31 39.65
N ALA D 458 -3.61 -5.49 39.07
CA ALA D 458 -4.96 -5.85 38.69
C ALA D 458 -5.85 -6.01 39.92
N VAL D 459 -5.32 -6.66 40.96
CA VAL D 459 -6.08 -6.87 42.18
C VAL D 459 -6.49 -5.55 42.84
N GLU D 460 -5.57 -4.61 42.89
CA GLU D 460 -5.87 -3.29 43.43
C GLU D 460 -7.00 -2.59 42.66
N LYS D 461 -6.96 -2.73 41.34
CA LYS D 461 -7.98 -2.14 40.49
C LYS D 461 -9.33 -2.80 40.71
N ILE D 462 -9.33 -4.13 40.81
CA ILE D 462 -10.57 -4.88 40.99
C ILE D 462 -11.21 -4.55 42.34
N ARG D 463 -10.39 -4.44 43.37
CA ARG D 463 -10.85 -4.03 44.70
C ARG D 463 -11.54 -2.68 44.67
N LYS D 464 -10.89 -1.70 44.04
CA LYS D 464 -11.44 -0.35 43.94
C LYS D 464 -12.70 -0.35 43.07
N ALA D 465 -12.74 -1.24 42.09
CA ALA D 465 -13.90 -1.32 41.20
C ALA D 465 -15.14 -1.83 41.94
N LEU D 466 -14.93 -2.77 42.84
CA LEU D 466 -16.05 -3.39 43.56
C LEU D 466 -16.49 -2.59 44.79
N GLU D 467 -15.59 -1.80 45.36
CA GLU D 467 -15.91 -1.01 46.55
C GLU D 467 -17.18 -0.14 46.48
N PRO D 468 -17.36 0.65 45.41
CA PRO D 468 -18.57 1.48 45.33
C PRO D 468 -19.85 0.68 45.14
N LEU D 469 -19.74 -0.55 44.63
CA LEU D 469 -20.90 -1.37 44.35
C LEU D 469 -21.44 -2.03 45.62
#